data_4X65
#
_entry.id   4X65
#
_cell.length_a   401.440
_cell.length_b   401.440
_cell.length_c   175.924
_cell.angle_alpha   90.00
_cell.angle_beta   90.00
_cell.angle_gamma   90.00
#
_symmetry.space_group_name_H-M   'P 41 21 2'
#
loop_
_entity.id
_entity.type
_entity.pdbx_description
1 polymer '16S rRNA'
2 polymer '30S ribosomal protein S2'
3 polymer '30S ribosomal protein S3'
4 polymer '30S ribosomal protein S4'
5 polymer '30S ribosomal protein S5'
6 polymer '30S ribosomal protein S6'
7 polymer '30S ribosomal protein S7'
8 polymer '30S ribosomal protein S8'
9 polymer '30S ribosomal protein S9'
10 polymer '30S ribosomal protein S10'
11 polymer '30S ribosomal protein S11'
12 polymer '30S ribosomal protein S12'
13 polymer '30S ribosomal protein S13'
14 polymer '30S ribosomal protein S14 type Z'
15 polymer '30S ribosomal protein S15'
16 polymer '30S ribosomal protein S16'
17 polymer '30S ribosomal protein S17'
18 polymer '30S ribosomal protein S18'
19 polymer '30S ribosomal protein S19'
20 polymer '30S ribosomal protein S20'
21 polymer '30S ribosomal protein Thx'
22 polymer "RNA (5'-D(*AP*(MA6)P*AP*UP*UP*U)-3')"
23 polymer "RNA (5'-D(P*GP*AP*CP*UP*(70U)P*UP*UP*(12A)P*AP*(PSU)P*C)-3')"
24 non-polymer PAROMOMYCIN
25 non-polymer 'MAGNESIUM ION'
26 non-polymer 'POTASSIUM ION'
27 non-polymer 'ZINC ION'
28 water water
#
loop_
_entity_poly.entity_id
_entity_poly.type
_entity_poly.pdbx_seq_one_letter_code
_entity_poly.pdbx_strand_id
1 'polyribonucleotide'
;UUUGUUGGAGAGUUUGAUCCUGGCUCAGGGUGAACGCUGGCGGCGUGCCUAAGACAUGCAAGUCGUGCGGGCCGCGGGGU
UUUACUCCGUGGUCAGCGGCGGACGGGUGAGUAACGCGUGGGUGACCUACCCGGAAGAGGGGGACAACCCGGGGAAACUC
GGGCUAAUCCCCCAUGUGGACCCGCCCCUUGGGGUGUGUCCAAAGGGCUUUGCCCGCUUCCGGAUGGGCCCGCGUCCCAU
CAGCUAGUUGGUGGGGUAAUGGCCCACCAAGGCGACGACGGGUAGCCGGUCUGAGAGGAUGGCCGGCCACAGGGGCACUG
AGACACGGGCCCCACUCCUACGGGAGGCAGCAGUUAGGAAUCUUCCGCAAUGGGCGCAAGCCUGACGGAGCGACGCCGCU
UGGAGGAAGAAGCCCUUCGGGGUGUAAACUCCUGAACCCGGGACGAAACCCCCGACGAGGGGACUGACGGUACCGGGGUA
AUAGCGCCGGCCAACUCCG(PSU)GCCAGCAGCC(7MG)CGGUAAUACGGAGGGCGCGAGCGUUACCCGGAUUCACUGGG
CGUAAAGGGCGUGUAGGCGGCCUGGGGCGUCCCAUGUGAAAGACCACGGCUCAACCGUGGGGGAGCGUGGGAUACGCUCA
GGCUAGACGGUGGGAGAGGGUGGUGGAAUUCCCGGAGUAGCGGUGAAAUGCGCAGAUACCGGGAGGAACGCCGAUGGCGA
AGGCAGCCACCUGGUCCACCCGUGACGCUGAGGCGCGAAAGCGUGGGGAGCAAACCGGAUUAGAUACCCGGGUAGUCCAC
GCCCUAAACGAUGCGCGCUAGGUCUCUGGGUCUCCUGGGGGCCGAAGCUAACGCGUUAAGCGCGCCGCCUGGGGAGUACG
GCCGCAAGGCUGAAACUCAAAGGAAUUGACGGGGGCCCGCACAAGCGGUGGAGCAUGUGGUUUAAUUCGAA(M2G)
(5MC)AACGCGAAGAACCUUACCAGGCCUUGACAUGCUAGGGAACCCGGGUGAAAGCCUGGGGUGCCCCGCGAGGGGAGC
CCUAGCACAGGUGCUGCAUGGCCGUCGUCAGCUCGUGCCGUGAGGUGUUGGGUUAAGUCCCGCAACGAGCGCAACCCCCG
CCGUUAGUUGCCAGCGGUUCGGCCGGGCACUCUAACGGGACUGCCCGCGAAAGCGGGAGGAAGGAGGGGACGACGUCUGG
UCAGCAUG(2MG)CCCUUACGGCCUGGGCGACACACGUGCUACAAUGCCCACUACAAAGCGAUGCCACCCGGCAACGGGG
AGCUAAUCGCAAAAAGGUGGGCCCAGUUCGGAUUGGGGUCUGCAACCCGACCCCAUGAAGCCGGAAUCGCUAGUAAUCGC
GGAUCAGCCAUGCCGCGGUGAAUACGUUCCCGGGCCUUGUACACAC(5MC)G(4OC)C(5MC)GU(5MC)ACGCCAUGGG
AGCGGGCUCUACCCGAAGUCGCCGGGAGCCUACGGGCAGGCGCCGAGGGUAGGGCCCGUGACUGGGGCGAAGUCG(UR3)
AACAAGGUAGCUGUACCGG(MA6)(MA6)GGUGCGGCUGGAUCCACUCC(PSU)(PSU)UCU
;
A
2 'polypeptide(L)'
;TVKELLEAGVHFGHERKRWNPKFARYIYAERNGIHIIDLQKTMEELERTFRFIEDLAMRGGTILFVGTKKQAQDIVRMEA
ERAGMPYVNQRWLGGMLTNFKTISQRVHRLEELEALFASPEIEERPKKEQVRLKHELERLQKYLSGFRLLKRLPDAIFVV
DPTKEAIAVREARKLFIPVIALADTDSDPDLVDYIIPGNDDAIRSIQLILSRAVDLIIQARGGVVEPSPSYALVQE
;
B
3 'polypeptide(L)'
;GNKIHPIGFRLGITRDWESRWYAGKKQYRHLLLEDQRIRGLLEKELYSAGLARVDIERAADNVAVTVHVAKPGVVIGRGG
ERIRVLREELAKLTGKNVALNVQEVQNPNLSAPLVAQRVAEQIERRFAVRRAIKQAVQRVMESGAKGAKVIVSGRIGGAE
QARTEWAAQGRVPLHTLRANIDYGFALARTTYGVLGVKAYIFLGEVI
;
C
4 'polypeptide(L)'
;GRYIGPVCRLCRREGVKLYLKGERCYSPKCAMERRPYPPGQHGQKRARRPSDYAVRLREKQKLRRIYGISERQFRNLFEE
ASKKKGVTGSVFLGLLESRLDNVVYRLGFAVSRRQARQLVRHGHITVNGRRVDLPSYRVRPGDEIAVAEKSRNLELIRQN
LEAMKGRKVGPWLSLDVEGMKGKFLRLPDREDLALPVNEQLVIEFYSR
;
D
5 'polypeptide(L)'
;DFEEKMILIRRTARMQAGGRRFRFGALVVVGDRQGRVGLGFGKAPEVPLAVQKAGYYARRNMVEVPLQNGTIPHEIEVEF
GASKIVLKPAAPGTGVIAGAVPRAILELAGVTDILTKELGSRNPINIAYATMEALRQLRTKADVERLRKGE
;
E
6 'polypeptide(L)'
;MRRYEVNIVLNPNLDQSQLALEKEIIQRALENYGARVEKVEELGLRRLAYPIAKDPQGYFLWYQVEMPEDRVNDLARELR
IRDNVRRVMVVKSQEPFLANA
;
F
7 'polypeptide(L)'
;ARRRRAEVRQLQPDLVYGDVLVTAFINKIMRDGKKNLAARIFYDACKIIQEKTGQEPLKVFKQAVENVKPRMEVRSRRVG
GANYQVPMEVSPRRQQSLALRWLVQAANQRPERRAAVRIAHELMDAAEGKGGAVKKKEDVERMAEANRAYAHYRW
;
G
8 'polypeptide(L)'
;MLTDPIADMLTRIRNATRVYKESTDVPASRFKEEILRILAREGFIKGYERVDVDGKPYLRVYLKYGPRRQGPDPRPEQVI
HHIRRISKPGRRVYVGVKEIPRVRRGLGIAILSTSKGVLTDREARKLGVGGELICEVW
;
H
9 'polypeptide(L)'
;EQYYGTGRRKEAVARVFLRPGNGKVTVNGQDFNEYFQGLVRAVAALEPLRAVDALGHFDAYITVRGGGKSGQIDAIKLGI
ARALVQYNPDYRAKLKPLGFLTRDARVVERKKYGKHKARRAPQYSKR
;
I
10 'polypeptide(L)'
;KIRIKLRGFDHKTLDASAQKIVEAARRSGAQVSGPIPLPTRVRRFTVIRGPFKHKDSREHFELRTHNRLVDIINPNRKTI
EQLMTLDLPTGVEIEIKTV
;
J
11 'polypeptide(L)'
;KRQVASGRAYIHASYNNTIVTITDPDGNPITWSSGGVIGYKGSRKGTPYAAQLAALDAAKKAMAYGMQSVDVIVRGTGAG
REQAIRALQASGLQVKSIVDDTPVPHNGCRPKKKFRKAS
;
K
12 'polypeptide(L)'
;PTINQLVRKGREKVRKKSKVPALKGAPFRRGVCTVVRTVTPKKPNSALRKVAKVRLTSGYEVTAYIPGEGHNLQEHSVVL
IRGGRVK(0TD)LPGVRYHIVRGVYDAAGVKDRKKSRSKYGTKKPKEAA
;
L
13 'polypeptide(L)'
;ARIAGVEIPRNKRVDVALTYIYGIGKARAKEALEKTGINPATRVKDLTEAEVVRLREYVENTWKLEGELRAEVAANIKRL
MDIGCYRGLRHRRGLPVRGQRTRTNARTRKGPRKTVAG
;
M
14 'polypeptide(L)' ARKALIEKAKRTPKFKVRAYTRCVRCGRARSVYRFFGLCRICLRELAHKGQLPGVRKASW N
15 'polypeptide(L)'
;PITKEEKQKVIQEFARFPGDTGSTEVQVALLTLRINRLSEHLKVHKKDHHSHRGLLMMVGQRRRLLRYLQREDPERYRAL
IEKLGIRG
;
O
16 'polypeptide(L)'
;MVKIRLARFGSKHNPHYRIVVTDARRKRDGKYIEKIGYYDPRKTTPDWLKVDVERARYWLSVGAQPTDTARRLLRQAGVF
RQEA
;
P
17 'polypeptide(L)'
;PKKVLTGVVVSDKMQKTVTVLVERQFPHPLYGKVIKRSKKYLAHDPEEKYKLGDVVEIIESRPISKRKRFRVLRLVESGR
MDLVEKYLIRRQNYESLSK
;
Q
18 'polypeptide(L)' PSRKAKVKATLGEFDLRDYRNVEVLKRFLSETGKILPRRRTGLSAKEQRILAKTIKRARILGLLPFTEKLVRK R
19 'polypeptide(L)'
;PRSLKKGVFVDDHLLEKVLELNAKGEKRLIKTWSRRSTIVPEMVGHTIAVYNGKQHVPVYITENMVGHKLGEFAPTRTYR
G
;
S
20 'polypeptide(L)'
;RNLSALKRHRQSLKRRLRNKAKKSAIKTLSKKAIQLAQEGKAEEALKIMRKAESLIDKAAKGSTLHKNAAARRKSRLMRK
VRQLLEAAGAPLIGGGLSA
;
T
21 'polypeptide(L)' GKGDRRTRRGKIWRGTYGKYRPRKK U
22 'polyribonucleotide' A(6MZ)AUUU a
23 'polyribonucleotide' GACU(70U)UU(12A)A(PSU)C b
#
# COMPACT_ATOMS: atom_id res chain seq x y z
N THR B 1 34.50 -0.13 -49.53
CA THR B 1 34.95 -1.51 -49.36
C THR B 1 36.48 -1.60 -49.36
N VAL B 2 37.13 -0.68 -48.65
CA VAL B 2 38.59 -0.65 -48.64
C VAL B 2 39.15 -0.81 -47.22
N LYS B 3 39.04 0.25 -46.42
CA LYS B 3 39.54 0.26 -45.05
C LYS B 3 41.05 0.00 -44.96
N GLU B 4 41.42 -0.98 -44.14
CA GLU B 4 42.81 -1.32 -43.81
C GLU B 4 43.57 -0.20 -43.07
N LEU B 5 44.71 0.19 -43.62
CA LEU B 5 45.57 1.21 -43.01
C LEU B 5 44.92 2.58 -43.07
N LEU B 6 43.80 2.67 -43.76
CA LEU B 6 43.10 3.94 -43.93
C LEU B 6 42.27 4.26 -42.70
N GLU B 7 42.32 3.38 -41.70
CA GLU B 7 41.65 3.66 -40.44
C GLU B 7 42.57 4.52 -39.59
N ALA B 8 42.14 5.75 -39.33
CA ALA B 8 42.91 6.70 -38.56
C ALA B 8 42.03 7.33 -37.49
N GLY B 9 42.36 7.07 -36.23
CA GLY B 9 41.58 7.57 -35.10
C GLY B 9 40.70 6.50 -34.48
N VAL B 10 40.51 5.40 -35.21
CA VAL B 10 39.62 4.34 -34.78
C VAL B 10 40.18 3.54 -33.62
N HIS B 11 41.44 3.13 -33.75
CA HIS B 11 42.09 2.29 -32.75
C HIS B 11 42.19 2.97 -31.39
N PHE B 12 41.99 4.29 -31.36
CA PHE B 12 41.96 5.01 -30.09
C PHE B 12 40.69 4.65 -29.33
N GLY B 13 40.86 4.14 -28.10
CA GLY B 13 39.72 3.79 -27.27
C GLY B 13 39.51 4.77 -26.13
N HIS B 14 38.66 4.40 -25.18
CA HIS B 14 38.45 5.22 -23.99
C HIS B 14 39.59 5.00 -23.01
N GLU B 15 39.45 5.56 -21.81
CA GLU B 15 40.51 5.53 -20.81
C GLU B 15 40.74 4.14 -20.23
N ARG B 16 41.69 4.04 -19.30
CA ARG B 16 41.97 2.78 -18.63
C ARG B 16 40.76 2.33 -17.83
N LYS B 17 40.11 3.27 -17.16
CA LYS B 17 38.86 2.99 -16.47
C LYS B 17 37.73 3.05 -17.50
N ARG B 18 36.49 3.04 -17.00
CA ARG B 18 35.30 3.24 -17.83
C ARG B 18 35.04 2.09 -18.80
N TRP B 19 35.93 1.10 -18.84
CA TRP B 19 35.79 0.02 -19.81
C TRP B 19 34.81 -1.06 -19.36
N ASN B 20 34.55 -2.00 -20.26
CA ASN B 20 33.80 -3.21 -19.95
C ASN B 20 34.71 -4.39 -20.22
N PRO B 21 35.02 -5.18 -19.19
CA PRO B 21 35.95 -6.30 -19.29
C PRO B 21 35.64 -7.26 -20.44
N LYS B 22 34.37 -7.38 -20.79
CA LYS B 22 33.96 -8.26 -21.89
C LYS B 22 34.60 -7.86 -23.22
N PHE B 23 35.05 -6.61 -23.30
CA PHE B 23 35.63 -6.07 -24.51
C PHE B 23 37.10 -6.46 -24.65
N ALA B 24 37.63 -7.18 -23.66
CA ALA B 24 39.06 -7.48 -23.60
C ALA B 24 39.62 -8.18 -24.84
N ARG B 25 38.78 -8.98 -25.49
CA ARG B 25 39.22 -9.73 -26.66
C ARG B 25 39.46 -8.82 -27.85
N TYR B 26 38.78 -7.68 -27.88
CA TYR B 26 38.88 -6.76 -29.01
C TYR B 26 39.94 -5.70 -28.76
N ILE B 27 40.68 -5.84 -27.66
CA ILE B 27 41.71 -4.87 -27.32
C ILE B 27 43.11 -5.38 -27.65
N TYR B 28 43.92 -4.54 -28.27
CA TYR B 28 45.31 -4.86 -28.56
C TYR B 28 46.15 -4.72 -27.29
N ALA B 29 46.25 -3.49 -26.80
CA ALA B 29 47.04 -3.22 -25.60
C ALA B 29 46.60 -1.91 -24.96
N GLU B 30 47.29 -1.53 -23.89
CA GLU B 30 46.98 -0.30 -23.16
C GLU B 30 48.13 0.69 -23.29
N ARG B 31 47.91 1.76 -24.06
CA ARG B 31 48.92 2.78 -24.25
C ARG B 31 48.50 4.10 -23.60
N ASN B 32 49.43 4.72 -22.86
CA ASN B 32 49.21 6.03 -22.25
C ASN B 32 47.95 6.11 -21.40
N GLY B 33 47.64 5.03 -20.68
CA GLY B 33 46.43 4.97 -19.89
C GLY B 33 45.18 4.96 -20.75
N ILE B 34 45.31 4.41 -21.95
CA ILE B 34 44.20 4.33 -22.89
C ILE B 34 44.17 2.95 -23.54
N HIS B 35 43.01 2.31 -23.51
CA HIS B 35 42.84 1.05 -24.24
C HIS B 35 42.91 1.33 -25.74
N ILE B 36 43.66 0.51 -26.45
CA ILE B 36 43.75 0.66 -27.89
C ILE B 36 43.17 -0.56 -28.58
N ILE B 37 42.11 -0.33 -29.37
CA ILE B 37 41.39 -1.40 -30.05
C ILE B 37 42.34 -2.22 -30.92
N ASP B 38 42.10 -3.52 -31.00
CA ASP B 38 42.92 -4.39 -31.83
C ASP B 38 42.73 -4.03 -33.29
N LEU B 39 43.86 -3.86 -33.99
CA LEU B 39 43.86 -3.43 -35.36
C LEU B 39 43.15 -4.43 -36.28
N GLN B 40 43.59 -5.69 -36.22
CA GLN B 40 43.12 -6.72 -37.15
C GLN B 40 41.70 -7.20 -36.87
N LYS B 41 41.38 -7.42 -35.60
CA LYS B 41 40.06 -7.93 -35.21
C LYS B 41 38.96 -6.99 -35.67
N THR B 42 39.29 -5.71 -35.75
CA THR B 42 38.38 -4.71 -36.26
C THR B 42 37.90 -5.08 -37.66
N MET B 43 38.85 -5.30 -38.56
CA MET B 43 38.53 -5.72 -39.92
C MET B 43 37.88 -7.09 -39.93
N GLU B 44 38.35 -7.96 -39.04
CA GLU B 44 37.82 -9.31 -38.91
C GLU B 44 36.31 -9.27 -38.77
N GLU B 45 35.82 -8.52 -37.78
CA GLU B 45 34.38 -8.42 -37.57
C GLU B 45 33.73 -7.54 -38.64
N LEU B 46 34.50 -6.60 -39.18
CA LEU B 46 34.00 -5.71 -40.22
C LEU B 46 33.53 -6.49 -41.45
N GLU B 47 34.26 -7.54 -41.80
CA GLU B 47 33.88 -8.38 -42.92
C GLU B 47 32.48 -8.94 -42.74
N ARG B 48 32.31 -9.75 -41.70
CA ARG B 48 31.05 -10.38 -41.38
C ARG B 48 29.91 -9.36 -41.29
N THR B 49 30.20 -8.25 -40.63
CA THR B 49 29.22 -7.20 -40.44
C THR B 49 28.73 -6.68 -41.78
N PHE B 50 29.67 -6.22 -42.59
CA PHE B 50 29.34 -5.64 -43.89
C PHE B 50 28.72 -6.66 -44.83
N ARG B 51 29.00 -7.93 -44.59
CA ARG B 51 28.40 -9.00 -45.37
C ARG B 51 26.92 -9.08 -45.03
N PHE B 52 26.62 -9.07 -43.73
CA PHE B 52 25.23 -9.03 -43.29
C PHE B 52 24.52 -7.82 -43.88
N ILE B 53 25.19 -6.69 -43.82
CA ILE B 53 24.65 -5.43 -44.32
C ILE B 53 24.32 -5.54 -45.80
N GLU B 54 25.26 -6.08 -46.58
CA GLU B 54 25.08 -6.22 -48.02
C GLU B 54 23.89 -7.11 -48.34
N ASP B 55 23.87 -8.30 -47.74
CA ASP B 55 22.76 -9.21 -47.89
C ASP B 55 21.43 -8.51 -47.62
N LEU B 56 21.28 -8.03 -46.39
CA LEU B 56 20.06 -7.33 -45.97
C LEU B 56 19.68 -6.19 -46.91
N ALA B 57 20.68 -5.52 -47.46
CA ALA B 57 20.43 -4.36 -48.31
C ALA B 57 19.87 -4.78 -49.66
N MET B 58 20.53 -5.73 -50.32
CA MET B 58 20.09 -6.15 -51.64
C MET B 58 18.76 -6.88 -51.56
N ARG B 59 18.41 -7.36 -50.36
CA ARG B 59 17.11 -7.96 -50.12
C ARG B 59 16.03 -6.89 -50.07
N GLY B 60 16.45 -5.66 -49.78
CA GLY B 60 15.54 -4.53 -49.73
C GLY B 60 15.16 -4.09 -48.33
N GLY B 61 15.81 -4.66 -47.33
CA GLY B 61 15.48 -4.37 -45.94
C GLY B 61 15.88 -2.99 -45.48
N THR B 62 15.04 -2.37 -44.65
CA THR B 62 15.33 -1.04 -44.12
C THR B 62 16.16 -1.12 -42.84
N ILE B 63 17.08 -0.18 -42.67
CA ILE B 63 17.92 -0.12 -41.49
C ILE B 63 17.70 1.19 -40.76
N LEU B 64 17.48 1.12 -39.45
CA LEU B 64 17.28 2.32 -38.65
C LEU B 64 18.59 2.77 -38.06
N PHE B 65 19.07 3.93 -38.51
CA PHE B 65 20.32 4.49 -38.01
C PHE B 65 20.06 5.28 -36.73
N VAL B 66 20.86 5.00 -35.70
CA VAL B 66 20.63 5.60 -34.39
C VAL B 66 21.91 6.10 -33.74
N GLY B 67 21.97 7.41 -33.47
CA GLY B 67 22.81 7.91 -32.41
C GLY B 67 22.48 9.33 -32.01
N THR B 68 22.64 9.62 -30.72
CA THR B 68 22.41 10.94 -30.16
C THR B 68 23.71 11.66 -29.81
N LYS B 69 24.83 10.98 -30.01
CA LYS B 69 26.07 11.28 -29.29
C LYS B 69 26.61 12.71 -29.48
N LYS B 70 26.00 13.46 -30.40
CA LYS B 70 26.33 14.88 -30.64
C LYS B 70 27.67 15.02 -31.35
N GLN B 71 28.47 13.97 -31.30
CA GLN B 71 29.63 13.84 -32.17
C GLN B 71 29.14 13.31 -33.50
N ALA B 72 28.25 12.33 -33.40
CA ALA B 72 27.70 11.64 -34.57
C ALA B 72 26.34 12.19 -35.00
N GLN B 73 25.85 13.21 -34.29
CA GLN B 73 24.50 13.69 -34.53
C GLN B 73 24.28 14.20 -35.95
N ASP B 74 25.24 14.97 -36.47
CA ASP B 74 25.09 15.55 -37.80
C ASP B 74 25.36 14.52 -38.90
N ILE B 75 26.31 13.63 -38.68
CA ILE B 75 26.68 12.63 -39.67
C ILE B 75 25.50 11.74 -40.04
N VAL B 76 24.80 11.25 -39.03
CA VAL B 76 23.69 10.32 -39.24
C VAL B 76 22.60 10.93 -40.11
N ARG B 77 22.23 12.18 -39.84
CA ARG B 77 21.07 12.79 -40.51
C ARG B 77 21.26 12.89 -42.03
N MET B 78 22.51 12.89 -42.49
CA MET B 78 22.77 12.84 -43.93
C MET B 78 23.01 11.41 -44.38
N GLU B 79 24.02 10.75 -43.80
CA GLU B 79 24.35 9.38 -44.18
C GLU B 79 23.14 8.45 -44.23
N ALA B 80 22.20 8.63 -43.30
CA ALA B 80 20.98 7.86 -43.34
C ALA B 80 20.00 8.43 -44.36
N GLU B 81 20.09 9.73 -44.61
CA GLU B 81 19.23 10.39 -45.58
C GLU B 81 19.54 9.87 -46.97
N ARG B 82 20.80 9.50 -47.18
CA ARG B 82 21.18 8.78 -48.38
C ARG B 82 20.52 7.42 -48.37
N ALA B 83 20.35 6.83 -49.55
CA ALA B 83 19.49 5.67 -49.74
C ALA B 83 18.09 5.98 -49.24
N GLY B 84 17.43 4.99 -48.64
CA GLY B 84 16.09 5.19 -48.13
C GLY B 84 15.95 5.13 -46.62
N MET B 85 17.07 5.03 -45.93
CA MET B 85 17.04 4.64 -44.53
C MET B 85 16.54 5.73 -43.59
N PRO B 86 15.71 5.34 -42.61
CA PRO B 86 15.23 6.19 -41.51
C PRO B 86 16.31 6.40 -40.45
N TYR B 87 16.18 7.44 -39.65
CA TYR B 87 17.16 7.67 -38.59
C TYR B 87 16.53 8.27 -37.33
N VAL B 88 17.18 8.06 -36.19
CA VAL B 88 16.82 8.72 -34.95
C VAL B 88 17.99 9.59 -34.50
N ASN B 89 17.72 10.89 -34.32
CA ASN B 89 18.77 11.87 -34.18
C ASN B 89 18.72 12.63 -32.85
N GLN B 90 17.64 13.38 -32.65
CA GLN B 90 17.48 14.20 -31.44
C GLN B 90 17.53 13.40 -30.15
N ARG B 91 16.57 12.53 -29.94
CA ARG B 91 16.63 11.60 -28.81
C ARG B 91 15.80 10.35 -29.09
N TRP B 92 16.08 9.29 -28.36
CA TRP B 92 15.36 8.04 -28.57
C TRP B 92 14.18 7.99 -27.63
N LEU B 93 12.98 8.08 -28.17
CA LEU B 93 11.77 8.04 -27.37
C LEU B 93 11.48 6.61 -26.95
N GLY B 94 11.15 6.40 -25.69
CA GLY B 94 10.87 5.07 -25.22
C GLY B 94 9.66 4.47 -25.90
N GLY B 95 9.87 3.34 -26.55
CA GLY B 95 8.78 2.64 -27.21
C GLY B 95 8.71 2.82 -28.71
N MET B 96 9.69 3.50 -29.29
CA MET B 96 9.73 3.67 -30.74
C MET B 96 9.67 2.34 -31.47
N LEU B 97 10.14 1.29 -30.82
CA LEU B 97 10.09 -0.05 -31.39
C LEU B 97 8.96 -0.87 -30.78
N THR B 98 8.99 -1.06 -29.47
CA THR B 98 7.97 -1.86 -28.80
C THR B 98 6.58 -1.23 -28.83
N ASN B 99 6.51 0.09 -28.68
CA ASN B 99 5.24 0.81 -28.70
C ASN B 99 4.92 1.36 -30.09
N PHE B 100 5.68 0.88 -31.08
CA PHE B 100 5.78 1.48 -32.42
C PHE B 100 4.47 1.94 -33.04
N LYS B 101 3.39 1.20 -32.85
CA LYS B 101 2.09 1.66 -33.34
C LYS B 101 1.73 3.02 -32.76
N THR B 102 1.75 3.09 -31.43
CA THR B 102 1.39 4.30 -30.72
C THR B 102 2.28 5.47 -31.15
N ILE B 103 3.58 5.23 -31.25
CA ILE B 103 4.50 6.27 -31.67
C ILE B 103 4.18 6.70 -33.10
N SER B 104 3.77 5.75 -33.93
CA SER B 104 3.46 6.02 -35.33
C SER B 104 2.25 6.94 -35.46
N GLN B 105 1.32 6.82 -34.51
CA GLN B 105 0.19 7.75 -34.48
C GLN B 105 0.65 9.20 -34.52
N ARG B 106 1.80 9.45 -33.89
CA ARG B 106 2.39 10.78 -33.90
C ARG B 106 2.84 11.17 -35.30
N VAL B 107 3.32 10.20 -36.08
CA VAL B 107 3.72 10.47 -37.45
C VAL B 107 2.48 10.83 -38.27
N HIS B 108 1.39 10.09 -38.02
CA HIS B 108 0.12 10.40 -38.65
C HIS B 108 -0.30 11.83 -38.36
N ARG B 109 -0.16 12.25 -37.12
CA ARG B 109 -0.48 13.64 -36.75
C ARG B 109 0.47 14.64 -37.39
N LEU B 110 1.73 14.23 -37.55
CA LEU B 110 2.72 15.05 -38.24
C LEU B 110 2.27 15.38 -39.65
N GLU B 111 2.13 14.36 -40.50
CA GLU B 111 1.72 14.62 -41.88
C GLU B 111 0.31 15.22 -41.94
N GLU B 112 -0.48 14.96 -40.90
CA GLU B 112 -1.78 15.61 -40.73
C GLU B 112 -1.64 17.13 -40.69
N LEU B 113 -0.76 17.61 -39.80
CA LEU B 113 -0.58 19.04 -39.60
C LEU B 113 0.19 19.68 -40.74
N GLU B 114 1.10 18.93 -41.37
CA GLU B 114 1.74 19.41 -42.59
C GLU B 114 0.68 19.65 -43.65
N ALA B 115 -0.29 18.73 -43.72
CA ALA B 115 -1.41 18.87 -44.63
C ALA B 115 -2.31 20.04 -44.22
N LEU B 116 -2.30 20.39 -42.93
CA LEU B 116 -3.06 21.54 -42.46
C LEU B 116 -2.39 22.85 -42.89
N PHE B 117 -1.07 22.89 -42.83
CA PHE B 117 -0.32 24.08 -43.21
C PHE B 117 -0.13 24.13 -44.72
N ALA B 118 -0.65 23.10 -45.39
CA ALA B 118 -0.72 23.08 -46.84
C ALA B 118 -1.99 23.79 -47.29
N SER B 119 -3.13 23.28 -46.85
CA SER B 119 -4.44 23.75 -47.28
C SER B 119 -4.72 25.20 -46.84
N PRO B 120 -5.85 25.78 -47.29
CA PRO B 120 -6.28 27.11 -46.85
C PRO B 120 -6.59 27.23 -45.36
N GLU B 121 -6.68 26.11 -44.66
CA GLU B 121 -7.26 26.08 -43.32
C GLU B 121 -6.31 26.58 -42.23
N ILE B 122 -5.11 27.00 -42.64
CA ILE B 122 -4.13 27.60 -41.73
C ILE B 122 -4.74 28.76 -40.94
N GLU B 123 -5.45 29.64 -41.63
CA GLU B 123 -5.97 30.87 -41.03
C GLU B 123 -7.36 30.71 -40.40
N GLU B 124 -7.89 29.49 -40.42
CA GLU B 124 -9.16 29.21 -39.78
C GLU B 124 -8.96 28.96 -38.29
N ARG B 125 -9.93 29.43 -37.51
CA ARG B 125 -9.90 29.40 -36.04
C ARG B 125 -8.82 30.36 -35.50
N PRO B 126 -8.98 30.85 -34.27
CA PRO B 126 -8.16 31.96 -33.77
C PRO B 126 -6.66 31.68 -33.73
N LYS B 127 -5.87 32.75 -33.62
CA LYS B 127 -4.41 32.66 -33.57
C LYS B 127 -3.97 31.78 -32.39
N LYS B 128 -4.87 31.57 -31.44
CA LYS B 128 -4.65 30.65 -30.33
C LYS B 128 -4.26 29.26 -30.84
N GLU B 129 -4.91 28.81 -31.90
CA GLU B 129 -4.59 27.54 -32.53
C GLU B 129 -3.35 27.64 -33.41
N GLN B 130 -3.22 28.76 -34.12
CA GLN B 130 -2.15 28.93 -35.09
C GLN B 130 -0.78 29.00 -34.42
N VAL B 131 -0.73 29.47 -33.19
CA VAL B 131 0.52 29.54 -32.44
C VAL B 131 0.87 28.16 -31.87
N ARG B 132 -0.15 27.41 -31.47
CA ARG B 132 0.07 26.10 -30.87
C ARG B 132 0.49 25.08 -31.91
N LEU B 133 -0.39 24.83 -32.87
CA LEU B 133 -0.17 23.85 -33.91
C LEU B 133 1.18 24.05 -34.61
N LYS B 134 1.59 25.30 -34.74
CA LYS B 134 2.89 25.61 -35.35
C LYS B 134 4.04 25.01 -34.54
N HIS B 135 3.98 25.16 -33.22
CA HIS B 135 5.02 24.63 -32.34
C HIS B 135 4.92 23.12 -32.22
N GLU B 136 3.70 22.60 -32.34
CA GLU B 136 3.48 21.16 -32.33
C GLU B 136 4.18 20.55 -33.54
N LEU B 137 3.93 21.11 -34.71
CA LEU B 137 4.62 20.70 -35.94
C LEU B 137 6.12 20.88 -35.79
N GLU B 138 6.51 21.96 -35.12
CA GLU B 138 7.91 22.27 -34.88
C GLU B 138 8.61 21.12 -34.17
N ARG B 139 8.08 20.71 -33.01
CA ARG B 139 8.72 19.66 -32.24
C ARG B 139 8.57 18.30 -32.94
N LEU B 140 7.43 18.09 -33.60
CA LEU B 140 7.19 16.83 -34.29
C LEU B 140 8.22 16.62 -35.39
N GLN B 141 8.58 17.70 -36.07
CA GLN B 141 9.61 17.62 -37.09
C GLN B 141 10.99 17.56 -36.43
N LYS B 142 11.10 18.12 -35.23
CA LYS B 142 12.36 18.08 -34.50
C LYS B 142 12.75 16.63 -34.17
N TYR B 143 11.78 15.86 -33.69
CA TYR B 143 12.02 14.48 -33.24
C TYR B 143 11.88 13.43 -34.34
N LEU B 144 10.69 13.38 -34.93
CA LEU B 144 10.27 12.30 -35.80
C LEU B 144 10.77 12.43 -37.24
N SER B 145 11.63 13.42 -37.48
CA SER B 145 12.19 13.70 -38.79
C SER B 145 12.61 12.44 -39.57
N GLY B 146 13.65 11.77 -39.08
CA GLY B 146 14.12 10.56 -39.73
C GLY B 146 13.25 9.34 -39.47
N PHE B 147 12.41 9.43 -38.44
CA PHE B 147 11.57 8.30 -38.04
C PHE B 147 10.29 8.21 -38.86
N ARG B 148 10.00 9.26 -39.61
CA ARG B 148 8.76 9.33 -40.37
C ARG B 148 8.73 8.30 -41.51
N LEU B 149 9.93 7.87 -41.92
CA LEU B 149 10.04 6.98 -43.06
C LEU B 149 9.63 5.53 -42.73
N LEU B 150 9.63 5.18 -41.45
CA LEU B 150 9.25 3.82 -41.09
C LEU B 150 7.74 3.64 -41.07
N LYS B 151 7.24 2.83 -42.00
CA LYS B 151 5.84 2.46 -42.00
C LYS B 151 5.66 1.11 -41.31
N ARG B 152 6.78 0.45 -41.03
CA ARG B 152 6.76 -0.86 -40.38
C ARG B 152 8.10 -1.08 -39.65
N LEU B 153 8.11 -2.01 -38.71
CA LEU B 153 9.32 -2.30 -37.94
C LEU B 153 10.51 -2.57 -38.84
N PRO B 154 11.69 -2.04 -38.47
CA PRO B 154 12.91 -2.18 -39.26
C PRO B 154 13.37 -3.63 -39.31
N ASP B 155 14.25 -3.93 -40.25
CA ASP B 155 14.76 -5.28 -40.39
C ASP B 155 16.11 -5.40 -39.69
N ALA B 156 16.58 -4.28 -39.17
CA ALA B 156 17.85 -4.18 -38.44
C ALA B 156 18.01 -2.74 -37.97
N ILE B 157 18.88 -2.52 -36.99
CA ILE B 157 19.19 -1.16 -36.59
C ILE B 157 20.70 -0.95 -36.55
N PHE B 158 21.11 0.29 -36.79
CA PHE B 158 22.52 0.66 -36.74
C PHE B 158 22.71 1.67 -35.62
N VAL B 159 23.62 1.37 -34.70
CA VAL B 159 23.75 2.17 -33.50
C VAL B 159 25.18 2.68 -33.36
N VAL B 160 25.32 3.96 -33.06
CA VAL B 160 26.62 4.58 -32.90
C VAL B 160 27.25 4.21 -31.56
N ASP B 161 26.64 4.63 -30.46
CA ASP B 161 27.11 4.20 -29.14
C ASP B 161 26.08 3.31 -28.45
N PRO B 162 26.36 2.00 -28.39
CA PRO B 162 25.42 1.02 -27.84
C PRO B 162 25.24 1.15 -26.34
N THR B 163 26.17 1.85 -25.69
CA THR B 163 26.05 2.12 -24.27
C THR B 163 25.06 3.26 -24.01
N LYS B 164 25.20 4.32 -24.79
CA LYS B 164 24.38 5.52 -24.62
C LYS B 164 22.97 5.26 -25.13
N GLU B 165 22.88 4.50 -26.21
CA GLU B 165 21.62 4.23 -26.90
C GLU B 165 20.98 2.94 -26.41
N ALA B 166 21.53 2.41 -25.32
CA ALA B 166 21.22 1.06 -24.85
C ALA B 166 19.74 0.72 -24.71
N ILE B 167 18.87 1.72 -24.59
CA ILE B 167 17.43 1.45 -24.60
C ILE B 167 17.03 0.92 -25.97
N ALA B 168 17.44 1.64 -27.00
CA ALA B 168 17.17 1.24 -28.38
C ALA B 168 17.62 -0.19 -28.59
N VAL B 169 18.86 -0.47 -28.23
CA VAL B 169 19.41 -1.81 -28.28
C VAL B 169 18.49 -2.79 -27.56
N ARG B 170 18.10 -2.45 -26.34
CA ARG B 170 17.29 -3.33 -25.51
C ARG B 170 16.01 -3.76 -26.19
N GLU B 171 15.26 -2.81 -26.74
CA GLU B 171 14.00 -3.22 -27.35
C GLU B 171 14.21 -3.82 -28.74
N ALA B 172 15.34 -3.52 -29.35
CA ALA B 172 15.72 -4.23 -30.56
C ALA B 172 15.82 -5.72 -30.23
N ARG B 173 16.65 -6.07 -29.25
CA ARG B 173 16.77 -7.46 -28.81
C ARG B 173 15.39 -8.02 -28.47
N LYS B 174 14.60 -7.23 -27.73
CA LYS B 174 13.27 -7.65 -27.34
C LYS B 174 12.43 -8.11 -28.52
N LEU B 175 12.49 -7.34 -29.60
CA LEU B 175 11.67 -7.61 -30.78
C LEU B 175 12.38 -8.52 -31.79
N PHE B 176 13.54 -9.03 -31.39
CA PHE B 176 14.36 -9.93 -32.23
C PHE B 176 14.89 -9.22 -33.46
N ILE B 177 15.02 -7.90 -33.36
CA ILE B 177 15.58 -7.08 -34.43
C ILE B 177 17.09 -7.06 -34.32
N PRO B 178 17.78 -7.61 -35.34
CA PRO B 178 19.24 -7.68 -35.36
C PRO B 178 19.92 -6.34 -35.10
N VAL B 179 20.92 -6.35 -34.22
CA VAL B 179 21.59 -5.13 -33.82
C VAL B 179 22.96 -5.00 -34.46
N ILE B 180 23.15 -3.92 -35.20
CA ILE B 180 24.45 -3.53 -35.71
C ILE B 180 24.89 -2.34 -34.88
N ALA B 181 26.18 -2.28 -34.54
CA ALA B 181 26.65 -1.15 -33.74
C ALA B 181 28.14 -0.89 -33.90
N LEU B 182 28.53 0.33 -33.57
CA LEU B 182 29.94 0.69 -33.49
C LEU B 182 30.30 0.68 -32.01
N ALA B 183 31.07 -0.32 -31.59
CA ALA B 183 31.32 -0.51 -30.16
C ALA B 183 32.65 0.05 -29.73
N ASP B 184 32.67 0.67 -28.55
CA ASP B 184 33.91 1.16 -27.98
C ASP B 184 34.22 0.33 -26.75
N THR B 185 35.31 0.67 -26.07
CA THR B 185 35.78 -0.11 -24.93
C THR B 185 34.78 -0.08 -23.77
N ASP B 186 33.85 0.86 -23.80
CA ASP B 186 32.93 1.03 -22.69
C ASP B 186 31.63 0.23 -22.84
N SER B 187 31.55 -0.63 -23.86
CA SER B 187 30.29 -1.27 -24.20
C SER B 187 30.31 -2.79 -24.06
N ASP B 188 29.12 -3.38 -23.94
CA ASP B 188 28.99 -4.82 -23.81
C ASP B 188 28.79 -5.47 -25.18
N PRO B 189 29.79 -6.25 -25.61
CA PRO B 189 29.79 -6.84 -26.96
C PRO B 189 28.66 -7.84 -27.17
N ASP B 190 28.31 -8.58 -26.12
CA ASP B 190 27.35 -9.68 -26.24
C ASP B 190 25.99 -9.21 -26.74
N LEU B 191 25.61 -7.99 -26.41
CA LEU B 191 24.30 -7.47 -26.79
C LEU B 191 24.26 -7.09 -28.27
N VAL B 192 25.44 -6.92 -28.86
CA VAL B 192 25.53 -6.53 -30.26
C VAL B 192 25.64 -7.76 -31.15
N ASP B 193 24.72 -7.89 -32.10
CA ASP B 193 24.67 -9.05 -32.97
C ASP B 193 25.76 -8.99 -34.04
N TYR B 194 26.01 -7.81 -34.59
CA TYR B 194 27.12 -7.60 -35.51
C TYR B 194 27.92 -6.37 -35.06
N ILE B 195 29.18 -6.59 -34.71
CA ILE B 195 29.96 -5.61 -33.97
C ILE B 195 31.00 -4.91 -34.83
N ILE B 196 31.13 -3.59 -34.66
CA ILE B 196 32.19 -2.83 -35.31
C ILE B 196 33.00 -2.14 -34.22
N PRO B 197 34.06 -2.81 -33.76
CA PRO B 197 34.91 -2.42 -32.64
C PRO B 197 35.84 -1.25 -32.94
N GLY B 198 35.35 -0.03 -32.77
CA GLY B 198 36.16 1.15 -32.99
C GLY B 198 35.76 2.34 -32.15
N ASN B 199 36.42 3.47 -32.35
CA ASN B 199 36.14 4.66 -31.56
C ASN B 199 34.79 5.27 -31.89
N ASP B 200 33.94 5.44 -30.88
CA ASP B 200 32.63 6.01 -31.06
C ASP B 200 32.65 7.52 -30.80
N ASP B 201 33.83 8.03 -30.50
CA ASP B 201 33.99 9.41 -30.06
C ASP B 201 34.36 10.34 -31.21
N ALA B 202 35.53 10.10 -31.79
CA ALA B 202 36.05 10.94 -32.87
C ALA B 202 35.09 11.00 -34.06
N ILE B 203 34.90 12.21 -34.58
CA ILE B 203 33.98 12.42 -35.71
C ILE B 203 34.53 11.72 -36.94
N ARG B 204 35.84 11.62 -37.02
CA ARG B 204 36.51 11.00 -38.15
C ARG B 204 36.12 9.53 -38.31
N SER B 205 36.18 8.79 -37.20
CA SER B 205 35.87 7.37 -37.19
C SER B 205 34.42 7.10 -37.60
N ILE B 206 33.50 7.83 -36.98
CA ILE B 206 32.09 7.71 -37.29
C ILE B 206 31.84 8.03 -38.77
N GLN B 207 32.45 9.12 -39.24
CA GLN B 207 32.32 9.53 -40.62
C GLN B 207 32.75 8.41 -41.54
N LEU B 208 33.95 7.89 -41.31
CA LEU B 208 34.51 6.82 -42.12
C LEU B 208 33.57 5.62 -42.18
N ILE B 209 33.27 5.08 -41.00
CA ILE B 209 32.48 3.86 -40.89
C ILE B 209 31.09 4.00 -41.51
N LEU B 210 30.34 5.00 -41.06
CA LEU B 210 28.98 5.18 -41.56
C LEU B 210 28.95 5.47 -43.06
N SER B 211 29.84 6.34 -43.52
CA SER B 211 29.90 6.67 -44.95
C SER B 211 30.15 5.42 -45.77
N ARG B 212 31.20 4.68 -45.44
CA ARG B 212 31.50 3.46 -46.17
C ARG B 212 30.34 2.48 -46.10
N ALA B 213 29.61 2.49 -44.99
CA ALA B 213 28.48 1.60 -44.79
C ALA B 213 27.36 1.90 -45.78
N VAL B 214 26.96 3.17 -45.85
CA VAL B 214 25.93 3.57 -46.78
C VAL B 214 26.40 3.34 -48.21
N ASP B 215 27.69 3.54 -48.45
CA ASP B 215 28.29 3.27 -49.75
C ASP B 215 28.07 1.81 -50.13
N LEU B 216 28.26 0.92 -49.17
CA LEU B 216 28.05 -0.50 -49.37
C LEU B 216 26.58 -0.77 -49.65
N ILE B 217 25.70 -0.06 -48.95
CA ILE B 217 24.25 -0.20 -49.16
C ILE B 217 23.88 0.11 -50.60
N ILE B 218 24.12 1.35 -51.02
CA ILE B 218 23.76 1.78 -52.36
C ILE B 218 24.48 0.92 -53.40
N GLN B 219 25.69 0.46 -53.09
CA GLN B 219 26.42 -0.43 -54.00
C GLN B 219 25.70 -1.77 -54.15
N ALA B 220 25.06 -2.20 -53.08
CA ALA B 220 24.31 -3.46 -53.10
C ALA B 220 23.02 -3.30 -53.88
N ARG B 221 22.39 -2.14 -53.75
CA ARG B 221 21.15 -1.87 -54.47
C ARG B 221 21.43 -1.20 -55.82
N GLY B 222 22.71 -1.04 -56.15
CA GLY B 222 23.11 -0.50 -57.42
C GLY B 222 23.00 1.00 -57.56
N GLY B 223 23.66 1.56 -58.57
CA GLY B 223 23.64 2.98 -58.83
C GLY B 223 24.89 3.73 -58.41
N VAL B 224 25.62 3.15 -57.45
CA VAL B 224 26.93 3.66 -57.03
C VAL B 224 26.96 5.18 -56.86
N VAL B 225 26.32 5.68 -55.82
CA VAL B 225 26.22 7.11 -55.55
C VAL B 225 27.61 7.72 -55.33
N GLU B 226 27.74 9.00 -55.67
CA GLU B 226 28.96 9.76 -55.49
C GLU B 226 29.39 9.77 -54.02
N PRO B 227 30.69 10.03 -53.76
CA PRO B 227 31.21 10.13 -52.38
C PRO B 227 30.39 11.05 -51.47
N SER B 228 30.16 10.60 -50.24
CA SER B 228 29.27 11.28 -49.31
C SER B 228 29.74 12.68 -48.91
N PRO B 229 28.80 13.62 -48.81
CA PRO B 229 29.13 14.99 -48.37
C PRO B 229 29.11 15.19 -46.86
N SER B 230 29.75 14.29 -46.11
CA SER B 230 29.90 14.50 -44.68
C SER B 230 31.30 15.04 -44.33
N TYR B 231 32.15 15.13 -45.34
CA TYR B 231 33.57 15.40 -45.12
C TYR B 231 33.82 16.87 -44.75
N ALA B 232 32.79 17.70 -44.91
CA ALA B 232 32.90 19.10 -44.56
C ALA B 232 32.47 19.32 -43.12
N LEU B 233 31.95 18.27 -42.50
CA LEU B 233 31.48 18.33 -41.14
C LEU B 233 32.59 18.01 -40.15
N VAL B 234 33.80 17.83 -40.67
CA VAL B 234 34.97 17.64 -39.83
C VAL B 234 35.35 18.96 -39.16
N GLN B 235 34.66 20.03 -39.56
CA GLN B 235 34.75 21.35 -38.92
C GLN B 235 36.06 22.07 -39.21
N GLU B 236 36.97 21.39 -39.89
N GLY C 1 -23.59 16.37 -4.93
CA GLY C 1 -24.53 17.46 -5.17
C GLY C 1 -23.97 18.56 -6.04
N ASN C 2 -23.85 18.29 -7.33
CA ASN C 2 -23.26 19.23 -8.28
C ASN C 2 -23.79 18.92 -9.68
N LYS C 3 -23.15 19.49 -10.70
CA LYS C 3 -23.46 19.15 -12.09
C LYS C 3 -24.89 19.50 -12.54
N ILE C 4 -25.13 20.77 -12.84
CA ILE C 4 -26.41 21.19 -13.40
C ILE C 4 -26.76 20.46 -14.68
N HIS C 5 -28.06 20.32 -14.91
CA HIS C 5 -28.60 19.71 -16.12
C HIS C 5 -27.99 20.36 -17.36
N PRO C 6 -27.37 19.55 -18.24
CA PRO C 6 -26.65 20.04 -19.43
C PRO C 6 -27.53 20.71 -20.47
N ILE C 7 -28.75 20.19 -20.63
CA ILE C 7 -29.72 20.81 -21.53
C ILE C 7 -30.05 22.21 -21.00
N GLY C 8 -30.51 22.28 -19.76
CA GLY C 8 -30.83 23.55 -19.14
C GLY C 8 -29.66 24.52 -19.12
N PHE C 9 -28.46 23.97 -19.09
CA PHE C 9 -27.25 24.76 -19.11
C PHE C 9 -27.07 25.37 -20.49
N ARG C 10 -27.42 24.60 -21.52
CA ARG C 10 -27.18 25.01 -22.89
C ARG C 10 -28.38 25.63 -23.65
N LEU C 11 -29.50 25.83 -22.97
CA LEU C 11 -30.74 26.24 -23.64
C LEU C 11 -30.60 27.43 -24.59
N GLY C 12 -29.63 28.30 -24.34
CA GLY C 12 -29.43 29.45 -25.20
C GLY C 12 -28.73 29.12 -26.50
N ILE C 13 -27.70 28.28 -26.43
CA ILE C 13 -26.89 27.96 -27.60
C ILE C 13 -26.72 26.45 -27.72
N THR C 14 -26.89 25.93 -28.94
CA THR C 14 -26.85 24.51 -29.25
C THR C 14 -27.89 23.70 -28.47
N ARG C 15 -28.95 24.37 -28.04
CA ARG C 15 -30.15 23.69 -27.57
C ARG C 15 -31.33 24.62 -27.74
N ASP C 16 -32.50 24.06 -28.00
CA ASP C 16 -33.71 24.89 -28.14
C ASP C 16 -34.86 24.30 -27.32
N TRP C 17 -35.76 25.17 -26.90
CA TRP C 17 -36.86 24.78 -26.03
C TRP C 17 -37.77 23.75 -26.67
N GLU C 18 -38.36 22.89 -25.85
CA GLU C 18 -39.30 21.89 -26.33
C GLU C 18 -40.65 22.54 -26.60
N SER C 19 -41.01 23.53 -25.79
CA SER C 19 -42.20 24.33 -26.02
C SER C 19 -41.80 25.73 -26.43
N ARG C 20 -42.04 26.11 -27.68
CA ARG C 20 -41.77 27.47 -28.12
C ARG C 20 -43.04 28.22 -28.51
N TRP C 21 -43.47 29.15 -27.67
CA TRP C 21 -44.57 30.04 -27.96
C TRP C 21 -44.52 31.25 -27.05
N TYR C 22 -45.24 32.30 -27.40
CA TYR C 22 -45.33 33.49 -26.56
C TYR C 22 -46.70 33.53 -25.88
N ALA C 23 -46.73 34.08 -24.68
CA ALA C 23 -47.99 34.28 -23.97
C ALA C 23 -47.86 35.39 -22.94
N GLY C 24 -49.00 35.97 -22.55
CA GLY C 24 -49.01 37.01 -21.54
C GLY C 24 -48.96 36.41 -20.17
N LYS C 25 -49.00 37.27 -19.15
CA LYS C 25 -48.92 36.82 -17.77
C LYS C 25 -50.22 36.16 -17.31
N LYS C 26 -51.31 36.51 -17.99
CA LYS C 26 -52.63 35.96 -17.66
C LYS C 26 -52.89 34.70 -18.47
N GLN C 27 -51.99 34.42 -19.39
CA GLN C 27 -52.11 33.34 -20.36
C GLN C 27 -51.16 32.19 -20.01
N TYR C 28 -49.89 32.54 -19.85
CA TYR C 28 -48.76 31.61 -19.76
C TYR C 28 -49.03 30.36 -18.92
N ARG C 29 -49.34 30.53 -17.63
CA ARG C 29 -49.57 29.38 -16.75
C ARG C 29 -50.56 28.35 -17.32
N HIS C 30 -51.59 28.84 -18.01
CA HIS C 30 -52.62 27.97 -18.57
C HIS C 30 -52.10 27.13 -19.74
N LEU C 31 -51.48 27.81 -20.70
CA LEU C 31 -50.91 27.15 -21.86
C LEU C 31 -49.82 26.17 -21.43
N LEU C 32 -49.09 26.53 -20.39
CA LEU C 32 -48.07 25.66 -19.84
C LEU C 32 -48.69 24.41 -19.26
N LEU C 33 -49.74 24.59 -18.47
CA LEU C 33 -50.48 23.47 -17.91
C LEU C 33 -50.91 22.54 -19.04
N GLU C 34 -51.41 23.16 -20.11
CA GLU C 34 -51.88 22.41 -21.26
C GLU C 34 -50.75 21.57 -21.87
N ASP C 35 -49.64 22.23 -22.20
CA ASP C 35 -48.46 21.54 -22.72
C ASP C 35 -48.09 20.35 -21.86
N GLN C 36 -48.13 20.57 -20.55
CA GLN C 36 -47.76 19.53 -19.60
C GLN C 36 -48.72 18.35 -19.68
N ARG C 37 -50.01 18.63 -19.79
CA ARG C 37 -51.00 17.56 -19.92
C ARG C 37 -50.81 16.80 -21.23
N ILE C 38 -50.39 17.53 -22.26
CA ILE C 38 -50.15 16.95 -23.56
C ILE C 38 -49.00 15.97 -23.51
N ARG C 39 -47.87 16.43 -22.97
CA ARG C 39 -46.69 15.58 -22.84
C ARG C 39 -46.96 14.39 -21.92
N GLY C 40 -47.75 14.62 -20.89
CA GLY C 40 -48.07 13.59 -19.92
C GLY C 40 -48.97 12.51 -20.49
N LEU C 41 -49.88 12.89 -21.38
CA LEU C 41 -50.73 11.91 -22.03
C LEU C 41 -49.97 11.20 -23.14
N LEU C 42 -49.14 11.94 -23.86
CA LEU C 42 -48.37 11.40 -24.97
C LEU C 42 -47.32 10.38 -24.53
N GLU C 43 -46.66 10.67 -23.42
CA GLU C 43 -45.57 9.81 -22.95
C GLU C 43 -46.09 8.51 -22.34
N LYS C 44 -47.32 8.52 -21.83
CA LYS C 44 -47.89 7.33 -21.22
C LYS C 44 -48.67 6.50 -22.24
N GLU C 45 -48.61 6.94 -23.49
CA GLU C 45 -49.25 6.25 -24.61
C GLU C 45 -48.20 5.74 -25.58
N LEU C 46 -47.41 6.68 -26.09
CA LEU C 46 -46.49 6.43 -27.20
C LEU C 46 -45.17 5.80 -26.76
N TYR C 47 -45.05 5.44 -25.49
CA TYR C 47 -43.83 4.84 -24.96
C TYR C 47 -43.31 3.67 -25.79
N SER C 48 -44.21 2.79 -26.22
CA SER C 48 -43.84 1.60 -26.99
C SER C 48 -43.25 1.96 -28.35
N ALA C 49 -43.47 3.19 -28.78
CA ALA C 49 -42.92 3.70 -30.02
C ALA C 49 -41.54 4.32 -29.78
N GLY C 50 -41.20 4.49 -28.50
CA GLY C 50 -39.93 5.08 -28.13
C GLY C 50 -39.77 6.55 -28.47
N LEU C 51 -40.66 7.39 -27.95
CA LEU C 51 -40.56 8.83 -28.21
C LEU C 51 -39.36 9.43 -27.50
N ALA C 52 -38.49 10.08 -28.27
CA ALA C 52 -37.30 10.71 -27.72
C ALA C 52 -37.57 12.16 -27.35
N ARG C 53 -38.68 12.70 -27.83
CA ARG C 53 -38.98 14.12 -27.63
C ARG C 53 -40.33 14.52 -28.18
N VAL C 54 -40.86 15.62 -27.63
CA VAL C 54 -42.14 16.18 -28.03
C VAL C 54 -41.97 17.69 -28.13
N ASP C 55 -42.16 18.23 -29.33
CA ASP C 55 -42.07 19.68 -29.50
C ASP C 55 -43.45 20.27 -29.54
N ILE C 56 -43.60 21.48 -29.00
CA ILE C 56 -44.91 22.14 -28.99
C ILE C 56 -44.77 23.59 -29.41
N GLU C 57 -45.51 23.98 -30.43
CA GLU C 57 -45.51 25.36 -30.91
C GLU C 57 -46.93 25.90 -30.98
N ARG C 58 -47.11 27.20 -30.80
CA ARG C 58 -48.43 27.80 -30.89
C ARG C 58 -48.40 29.17 -31.53
N ALA C 59 -49.49 29.52 -32.21
CA ALA C 59 -49.70 30.89 -32.66
C ALA C 59 -51.01 31.42 -32.10
N ALA C 60 -52.12 31.00 -32.70
CA ALA C 60 -53.44 31.29 -32.14
C ALA C 60 -54.35 30.07 -32.25
N ASP C 61 -54.76 29.54 -31.10
CA ASP C 61 -55.67 28.39 -31.03
C ASP C 61 -55.18 27.21 -31.88
N ASN C 62 -53.87 27.12 -32.06
CA ASN C 62 -53.30 26.06 -32.88
C ASN C 62 -51.98 25.61 -32.29
N VAL C 63 -51.77 24.30 -32.26
CA VAL C 63 -50.62 23.72 -31.60
C VAL C 63 -49.92 22.71 -32.50
N ALA C 64 -48.62 22.90 -32.71
CA ALA C 64 -47.81 22.04 -33.56
C ALA C 64 -47.82 20.57 -33.11
N VAL C 65 -47.29 20.32 -31.93
CA VAL C 65 -47.16 18.98 -31.39
C VAL C 65 -46.40 18.08 -32.37
N THR C 66 -45.11 18.33 -32.53
CA THR C 66 -44.28 17.49 -33.38
C THR C 66 -43.64 16.40 -32.53
N VAL C 67 -44.06 15.15 -32.77
CA VAL C 67 -43.60 14.04 -31.95
C VAL C 67 -42.45 13.31 -32.62
N HIS C 68 -41.30 13.27 -31.95
CA HIS C 68 -40.14 12.55 -32.48
C HIS C 68 -40.11 11.13 -31.94
N VAL C 69 -40.12 10.17 -32.85
CA VAL C 69 -40.25 8.76 -32.46
C VAL C 69 -39.30 7.90 -33.29
N ALA C 70 -38.77 6.83 -32.69
CA ALA C 70 -37.90 5.90 -33.39
C ALA C 70 -38.67 5.03 -34.37
N LYS C 71 -39.88 4.64 -33.99
CA LYS C 71 -40.70 3.74 -34.81
C LYS C 71 -42.06 4.36 -35.13
N PRO C 72 -42.13 5.23 -36.14
CA PRO C 72 -43.36 5.92 -36.52
C PRO C 72 -44.49 4.97 -36.91
N GLY C 73 -44.13 3.74 -37.29
CA GLY C 73 -45.11 2.75 -37.64
C GLY C 73 -46.08 2.44 -36.51
N VAL C 74 -45.65 2.70 -35.28
CA VAL C 74 -46.48 2.44 -34.12
C VAL C 74 -47.49 3.56 -33.91
N VAL C 75 -47.05 4.79 -34.11
CA VAL C 75 -47.91 5.95 -33.89
C VAL C 75 -48.86 6.14 -35.06
N ILE C 76 -48.50 5.60 -36.22
CA ILE C 76 -49.38 5.68 -37.37
C ILE C 76 -50.52 4.68 -37.18
N GLY C 77 -50.17 3.45 -36.83
CA GLY C 77 -51.16 2.40 -36.67
C GLY C 77 -51.45 1.69 -37.99
N ARG C 78 -52.65 1.12 -38.11
CA ARG C 78 -53.03 0.48 -39.36
C ARG C 78 -53.77 1.49 -40.24
N GLY C 79 -53.14 1.87 -41.35
CA GLY C 79 -53.72 2.82 -42.27
C GLY C 79 -53.88 4.23 -41.74
N GLY C 80 -53.34 4.48 -40.54
CA GLY C 80 -53.42 5.79 -39.94
C GLY C 80 -54.57 6.03 -38.98
N GLU C 81 -55.12 4.96 -38.41
CA GLU C 81 -56.23 5.10 -37.46
C GLU C 81 -55.75 5.49 -36.05
N ARG C 82 -54.54 5.06 -35.70
CA ARG C 82 -53.95 5.37 -34.41
C ARG C 82 -53.82 6.89 -34.22
N ILE C 83 -53.18 7.54 -35.19
CA ILE C 83 -52.98 8.99 -35.14
C ILE C 83 -54.33 9.72 -35.11
N ARG C 84 -55.34 9.10 -35.70
CA ARG C 84 -56.70 9.63 -35.66
C ARG C 84 -57.23 9.63 -34.23
N VAL C 85 -57.15 8.48 -33.56
CA VAL C 85 -57.62 8.37 -32.19
C VAL C 85 -56.83 9.30 -31.27
N LEU C 86 -55.54 9.46 -31.57
CA LEU C 86 -54.68 10.33 -30.75
C LEU C 86 -55.07 11.79 -30.90
N ARG C 87 -55.33 12.22 -32.14
CA ARG C 87 -55.81 13.57 -32.38
C ARG C 87 -57.16 13.77 -31.71
N GLU C 88 -57.94 12.69 -31.63
CA GLU C 88 -59.23 12.72 -30.95
C GLU C 88 -59.05 13.00 -29.47
N GLU C 89 -58.14 12.27 -28.83
CA GLU C 89 -57.84 12.49 -27.41
C GLU C 89 -57.28 13.88 -27.17
N LEU C 90 -56.48 14.34 -28.12
CA LEU C 90 -55.91 15.69 -28.10
C LEU C 90 -57.01 16.75 -28.06
N ALA C 91 -57.98 16.62 -28.96
CA ALA C 91 -59.07 17.60 -29.03
C ALA C 91 -60.01 17.47 -27.84
N LYS C 92 -60.09 16.26 -27.26
CA LYS C 92 -60.95 16.04 -26.10
C LYS C 92 -60.34 16.66 -24.84
N LEU C 93 -59.02 16.64 -24.75
CA LEU C 93 -58.34 17.24 -23.61
C LEU C 93 -58.38 18.76 -23.72
N THR C 94 -57.74 19.28 -24.76
CA THR C 94 -57.77 20.70 -25.06
C THR C 94 -58.73 20.96 -26.21
N GLY C 95 -59.68 21.87 -26.01
CA GLY C 95 -60.68 22.15 -27.03
C GLY C 95 -60.16 22.96 -28.20
N LYS C 96 -58.84 23.13 -28.25
CA LYS C 96 -58.21 23.98 -29.24
C LYS C 96 -58.29 23.39 -30.66
N ASN C 97 -58.50 22.07 -30.74
CA ASN C 97 -58.63 21.37 -32.02
C ASN C 97 -57.42 21.60 -32.91
N VAL C 98 -56.29 21.00 -32.55
CA VAL C 98 -55.03 21.31 -33.19
C VAL C 98 -54.39 20.13 -33.90
N ALA C 99 -53.26 20.38 -34.53
CA ALA C 99 -52.63 19.41 -35.42
C ALA C 99 -51.64 18.50 -34.70
N LEU C 100 -51.08 17.56 -35.45
CA LEU C 100 -50.10 16.61 -34.94
C LEU C 100 -49.17 16.19 -36.08
N ASN C 101 -47.89 15.99 -35.77
CA ASN C 101 -46.93 15.51 -36.76
C ASN C 101 -46.01 14.47 -36.18
N VAL C 102 -45.41 13.66 -37.04
CA VAL C 102 -44.53 12.58 -36.60
C VAL C 102 -43.20 12.64 -37.35
N GLN C 103 -42.12 12.83 -36.60
CA GLN C 103 -40.78 12.80 -37.17
C GLN C 103 -40.01 11.56 -36.74
N GLU C 104 -39.52 10.81 -37.70
CA GLU C 104 -38.74 9.61 -37.41
C GLU C 104 -37.37 10.01 -36.89
N VAL C 105 -36.84 9.21 -35.97
CA VAL C 105 -35.50 9.42 -35.46
C VAL C 105 -34.57 8.40 -36.11
N GLN C 106 -33.65 8.89 -36.94
CA GLN C 106 -32.65 8.03 -37.55
C GLN C 106 -31.61 7.67 -36.51
N ASN C 107 -31.27 6.38 -36.43
CA ASN C 107 -30.33 5.91 -35.42
C ASN C 107 -30.75 6.30 -34.02
N PRO C 108 -31.74 5.60 -33.46
CA PRO C 108 -32.26 5.85 -32.11
C PRO C 108 -31.18 5.75 -31.04
N ASN C 109 -30.06 5.11 -31.37
CA ASN C 109 -28.95 4.97 -30.46
C ASN C 109 -28.09 6.23 -30.39
N LEU C 110 -28.40 7.22 -31.23
CA LEU C 110 -27.72 8.51 -31.15
C LEU C 110 -28.54 9.56 -30.37
N SER C 111 -29.71 9.17 -29.90
CA SER C 111 -30.50 10.07 -29.07
C SER C 111 -30.51 9.54 -27.65
N ALA C 112 -30.00 10.35 -26.73
CA ALA C 112 -29.85 9.97 -25.33
C ALA C 112 -31.11 9.38 -24.66
N PRO C 113 -32.28 10.05 -24.80
CA PRO C 113 -33.42 9.53 -24.05
C PRO C 113 -33.74 8.09 -24.37
N LEU C 114 -33.60 7.74 -25.64
CA LEU C 114 -33.86 6.38 -26.07
C LEU C 114 -32.83 5.40 -25.51
N VAL C 115 -31.56 5.83 -25.46
CA VAL C 115 -30.51 4.99 -24.93
C VAL C 115 -30.79 4.69 -23.47
N ALA C 116 -31.10 5.74 -22.72
CA ALA C 116 -31.43 5.61 -21.31
C ALA C 116 -32.63 4.69 -21.13
N GLN C 117 -33.63 4.82 -22.00
CA GLN C 117 -34.83 3.99 -21.92
C GLN C 117 -34.48 2.52 -22.17
N ARG C 118 -33.56 2.30 -23.11
CA ARG C 118 -33.04 0.98 -23.41
C ARG C 118 -32.42 0.34 -22.17
N VAL C 119 -31.38 0.99 -21.66
CA VAL C 119 -30.68 0.51 -20.46
C VAL C 119 -31.65 0.27 -19.31
N ALA C 120 -32.62 1.16 -19.18
CA ALA C 120 -33.64 1.03 -18.16
C ALA C 120 -34.45 -0.24 -18.34
N GLU C 121 -34.87 -0.49 -19.59
CA GLU C 121 -35.62 -1.70 -19.92
C GLU C 121 -34.83 -2.94 -19.55
N GLN C 122 -33.58 -2.98 -20.01
CA GLN C 122 -32.71 -4.10 -19.72
C GLN C 122 -32.60 -4.31 -18.21
N ILE C 123 -32.50 -3.23 -17.46
CA ILE C 123 -32.41 -3.35 -16.02
C ILE C 123 -33.70 -3.91 -15.43
N GLU C 124 -34.84 -3.49 -15.98
CA GLU C 124 -36.12 -3.99 -15.50
C GLU C 124 -36.32 -5.46 -15.85
N ARG C 125 -35.59 -5.95 -16.84
CA ARG C 125 -35.68 -7.35 -17.23
C ARG C 125 -34.67 -8.22 -16.48
N ARG C 126 -33.96 -7.59 -15.54
CA ARG C 126 -32.91 -8.23 -14.74
C ARG C 126 -31.70 -8.65 -15.57
N PHE C 127 -31.24 -7.75 -16.42
CA PHE C 127 -30.00 -7.93 -17.17
C PHE C 127 -28.83 -7.77 -16.21
N ALA C 128 -27.61 -7.98 -16.69
CA ALA C 128 -26.43 -7.64 -15.90
C ALA C 128 -26.16 -6.17 -16.15
N VAL C 129 -26.26 -5.37 -15.10
CA VAL C 129 -26.25 -3.93 -15.23
C VAL C 129 -24.96 -3.43 -15.86
N ARG C 130 -23.82 -3.83 -15.28
CA ARG C 130 -22.50 -3.41 -15.78
C ARG C 130 -22.34 -3.66 -17.28
N ARG C 131 -22.71 -4.87 -17.72
CA ARG C 131 -22.59 -5.20 -19.12
C ARG C 131 -23.63 -4.47 -19.96
N ALA C 132 -24.80 -4.21 -19.39
CA ALA C 132 -25.84 -3.44 -20.09
C ALA C 132 -25.32 -2.06 -20.43
N ILE C 133 -24.69 -1.44 -19.44
CA ILE C 133 -24.11 -0.12 -19.61
C ILE C 133 -23.00 -0.15 -20.65
N LYS C 134 -22.02 -1.03 -20.45
CA LYS C 134 -20.87 -1.08 -21.36
C LYS C 134 -21.33 -1.32 -22.80
N GLN C 135 -22.29 -2.23 -22.96
CA GLN C 135 -22.88 -2.51 -24.27
C GLN C 135 -23.51 -1.27 -24.87
N ALA C 136 -24.40 -0.62 -24.10
CA ALA C 136 -25.09 0.56 -24.58
C ALA C 136 -24.11 1.64 -25.04
N VAL C 137 -23.10 1.89 -24.22
CA VAL C 137 -22.08 2.87 -24.57
C VAL C 137 -21.43 2.46 -25.86
N GLN C 138 -21.19 1.17 -26.03
CA GLN C 138 -20.53 0.69 -27.23
C GLN C 138 -21.38 0.96 -28.46
N ARG C 139 -22.67 0.63 -28.37
CA ARG C 139 -23.60 0.81 -29.48
C ARG C 139 -23.73 2.28 -29.85
N VAL C 140 -23.74 3.14 -28.84
CA VAL C 140 -23.81 4.58 -29.08
C VAL C 140 -22.55 5.05 -29.79
N MET C 141 -21.40 4.59 -29.31
CA MET C 141 -20.12 5.04 -29.84
C MET C 141 -19.86 4.57 -31.27
N GLU C 142 -20.32 3.36 -31.58
CA GLU C 142 -20.02 2.75 -32.88
C GLU C 142 -20.67 3.49 -34.04
N SER C 143 -21.72 4.24 -33.76
CA SER C 143 -22.37 5.05 -34.79
C SER C 143 -22.23 6.53 -34.51
N GLY C 144 -21.37 7.21 -35.26
CA GLY C 144 -21.06 8.62 -35.00
C GLY C 144 -20.53 8.85 -33.59
N ALA C 145 -21.13 9.80 -32.88
CA ALA C 145 -20.95 9.93 -31.43
C ALA C 145 -19.50 10.12 -30.98
N LYS C 146 -18.98 11.34 -31.14
CA LYS C 146 -17.63 11.66 -30.67
C LYS C 146 -17.41 11.37 -29.18
N GLY C 147 -18.49 11.24 -28.40
CA GLY C 147 -18.37 10.80 -27.02
C GLY C 147 -19.66 10.25 -26.43
N ALA C 148 -19.55 9.41 -25.40
CA ALA C 148 -20.73 8.87 -24.75
C ALA C 148 -20.48 8.45 -23.29
N LYS C 149 -21.51 8.57 -22.47
CA LYS C 149 -21.46 8.20 -21.06
C LYS C 149 -22.81 7.68 -20.61
N VAL C 150 -22.83 6.66 -19.76
CA VAL C 150 -24.11 6.15 -19.25
C VAL C 150 -23.97 5.86 -17.77
N ILE C 151 -24.91 6.33 -16.95
CA ILE C 151 -24.78 6.20 -15.51
C ILE C 151 -25.99 5.53 -14.87
N VAL C 152 -25.75 4.40 -14.19
CA VAL C 152 -26.82 3.74 -13.46
C VAL C 152 -26.63 3.98 -11.96
N SER C 153 -27.74 4.20 -11.27
CA SER C 153 -27.75 4.49 -9.84
C SER C 153 -27.82 3.25 -8.96
N GLY C 154 -28.12 3.46 -7.68
CA GLY C 154 -28.03 2.42 -6.67
C GLY C 154 -28.97 1.22 -6.69
N ARG C 155 -28.64 0.24 -5.84
CA ARG C 155 -29.28 -1.08 -5.76
C ARG C 155 -29.05 -1.88 -7.03
N ILE C 156 -27.88 -1.70 -7.62
CA ILE C 156 -27.47 -2.50 -8.76
C ILE C 156 -27.46 -3.97 -8.38
N GLY C 157 -28.15 -4.79 -9.17
CA GLY C 157 -28.23 -6.21 -8.91
C GLY C 157 -29.08 -6.56 -7.72
N GLY C 158 -29.95 -5.63 -7.33
CA GLY C 158 -30.83 -5.84 -6.19
C GLY C 158 -30.09 -5.81 -4.88
N ALA C 159 -28.85 -5.37 -4.92
CA ALA C 159 -27.98 -5.34 -3.75
C ALA C 159 -28.57 -4.46 -2.64
N GLU C 160 -28.28 -4.83 -1.40
CA GLU C 160 -28.81 -4.11 -0.24
C GLU C 160 -28.23 -2.70 -0.15
N GLN C 161 -27.02 -2.52 -0.66
CA GLN C 161 -26.34 -1.23 -0.63
C GLN C 161 -26.32 -0.58 -2.01
N ALA C 162 -26.76 0.66 -2.09
CA ALA C 162 -26.77 1.39 -3.36
C ALA C 162 -25.36 1.62 -3.89
N ARG C 163 -25.21 1.56 -5.20
CA ARG C 163 -23.92 1.73 -5.85
C ARG C 163 -24.07 2.55 -7.12
N THR C 164 -22.95 2.95 -7.72
CA THR C 164 -23.02 3.68 -8.99
C THR C 164 -22.03 3.14 -10.01
N GLU C 165 -22.56 2.67 -11.15
CA GLU C 165 -21.72 2.08 -12.19
C GLU C 165 -21.51 3.03 -13.35
N TRP C 166 -20.31 3.00 -13.92
CA TRP C 166 -19.80 4.16 -14.63
C TRP C 166 -19.78 4.05 -16.16
N ALA C 167 -18.78 3.36 -16.71
CA ALA C 167 -18.77 3.03 -18.14
C ALA C 167 -19.00 4.22 -19.08
N ALA C 168 -17.97 5.04 -19.31
CA ALA C 168 -18.05 6.06 -20.35
C ALA C 168 -16.81 6.06 -21.23
N GLN C 169 -16.95 6.43 -22.50
CA GLN C 169 -15.78 6.59 -23.37
C GLN C 169 -15.99 7.69 -24.40
N GLY C 170 -14.96 7.98 -25.19
CA GLY C 170 -15.01 9.13 -26.08
C GLY C 170 -14.72 10.42 -25.32
N ARG C 171 -15.39 11.51 -25.70
CA ARG C 171 -15.28 12.77 -24.96
C ARG C 171 -16.65 13.27 -24.53
N VAL C 172 -16.81 13.59 -23.26
CA VAL C 172 -18.06 14.20 -22.81
C VAL C 172 -17.76 15.47 -22.02
N PRO C 173 -17.43 16.56 -22.72
CA PRO C 173 -17.04 17.82 -22.08
C PRO C 173 -18.23 18.64 -21.57
N LEU C 174 -18.72 18.32 -20.38
CA LEU C 174 -19.90 18.98 -19.85
C LEU C 174 -19.71 20.48 -19.63
N HIS C 175 -18.47 20.90 -19.44
CA HIS C 175 -18.17 22.30 -19.14
C HIS C 175 -18.07 23.17 -20.39
N THR C 176 -18.07 22.55 -21.55
CA THR C 176 -17.99 23.30 -22.80
C THR C 176 -19.38 23.67 -23.28
N LEU C 177 -19.63 24.96 -23.50
CA LEU C 177 -20.95 25.44 -23.88
C LEU C 177 -21.35 24.98 -25.27
N ARG C 178 -20.39 24.91 -26.18
CA ARG C 178 -20.68 24.61 -27.57
C ARG C 178 -20.70 23.11 -27.81
N ALA C 179 -20.63 22.33 -26.73
CA ALA C 179 -20.56 20.87 -26.82
C ALA C 179 -21.67 20.22 -27.63
N ASN C 180 -22.91 20.66 -27.42
CA ASN C 180 -24.08 19.99 -28.00
C ASN C 180 -24.12 18.54 -27.53
N ILE C 181 -24.43 18.37 -26.26
CA ILE C 181 -24.53 17.04 -25.67
C ILE C 181 -25.98 16.71 -25.40
N ASP C 182 -26.48 15.65 -26.04
CA ASP C 182 -27.82 15.21 -25.71
C ASP C 182 -27.76 14.50 -24.36
N TYR C 183 -28.78 14.75 -23.56
CA TYR C 183 -28.91 14.16 -22.24
C TYR C 183 -30.25 13.48 -22.17
N GLY C 184 -30.34 12.39 -21.42
CA GLY C 184 -31.60 11.72 -21.26
C GLY C 184 -31.67 11.00 -19.94
N PHE C 185 -32.88 10.78 -19.44
CA PHE C 185 -33.04 10.14 -18.16
C PHE C 185 -34.21 9.17 -18.15
N ALA C 186 -33.95 7.97 -17.64
CA ALA C 186 -34.99 6.96 -17.58
C ALA C 186 -34.98 6.26 -16.21
N LEU C 187 -36.17 6.02 -15.67
CA LEU C 187 -36.24 5.28 -14.42
C LEU C 187 -36.21 3.79 -14.67
N ALA C 188 -36.12 3.03 -13.59
CA ALA C 188 -36.37 1.61 -13.64
C ALA C 188 -37.14 1.24 -12.39
N ARG C 189 -38.36 0.75 -12.55
CA ARG C 189 -39.14 0.31 -11.41
C ARG C 189 -38.95 -1.19 -11.25
N THR C 190 -38.26 -1.59 -10.19
CA THR C 190 -38.01 -3.00 -9.94
C THR C 190 -38.71 -3.45 -8.66
N THR C 191 -38.59 -4.73 -8.34
CA THR C 191 -39.24 -5.28 -7.16
C THR C 191 -38.58 -4.75 -5.90
N TYR C 192 -37.27 -4.54 -5.98
CA TYR C 192 -36.52 -4.09 -4.82
C TYR C 192 -36.43 -2.57 -4.70
N GLY C 193 -36.81 -1.85 -5.75
CA GLY C 193 -36.73 -0.41 -5.71
C GLY C 193 -36.56 0.26 -7.06
N VAL C 194 -36.04 1.49 -7.04
CA VAL C 194 -35.96 2.30 -8.24
C VAL C 194 -34.51 2.54 -8.64
N LEU C 195 -34.24 2.52 -9.94
CA LEU C 195 -32.90 2.81 -10.43
C LEU C 195 -32.94 4.01 -11.37
N GLY C 196 -32.06 4.97 -11.17
CA GLY C 196 -31.93 6.07 -12.10
C GLY C 196 -30.99 5.74 -13.24
N VAL C 197 -31.30 6.20 -14.45
CA VAL C 197 -30.41 6.00 -15.58
C VAL C 197 -30.20 7.29 -16.35
N LYS C 198 -28.95 7.75 -16.38
CA LYS C 198 -28.60 8.94 -17.12
C LYS C 198 -27.84 8.56 -18.39
N ALA C 199 -28.04 9.34 -19.45
CA ALA C 199 -27.34 9.10 -20.70
C ALA C 199 -26.83 10.39 -21.30
N TYR C 200 -25.52 10.44 -21.52
CA TYR C 200 -24.86 11.57 -22.18
C TYR C 200 -24.33 11.14 -23.53
N ILE C 201 -24.62 11.92 -24.56
CA ILE C 201 -24.05 11.66 -25.88
C ILE C 201 -23.53 12.96 -26.47
N PHE C 202 -22.25 12.95 -26.83
CA PHE C 202 -21.58 14.12 -27.38
C PHE C 202 -21.34 13.95 -28.86
N LEU C 203 -21.99 14.80 -29.65
CA LEU C 203 -21.89 14.77 -31.10
C LEU C 203 -21.55 16.16 -31.64
N GLY C 204 -20.37 16.29 -32.25
CA GLY C 204 -19.98 17.53 -32.89
C GLY C 204 -19.70 18.65 -31.90
N GLU C 205 -19.12 19.76 -32.37
CA GLU C 205 -18.87 20.87 -31.46
C GLU C 205 -19.50 22.19 -31.91
N VAL C 206 -18.87 22.90 -32.86
CA VAL C 206 -19.25 24.30 -33.08
C VAL C 206 -20.63 24.40 -33.71
N ILE C 207 -21.51 25.12 -33.02
N GLY D 1 -30.44 -50.82 -2.45
CA GLY D 1 -30.80 -49.44 -2.75
C GLY D 1 -31.04 -49.18 -4.22
N ARG D 2 -29.96 -49.12 -5.00
CA ARG D 2 -29.98 -48.94 -6.46
C ARG D 2 -31.00 -47.90 -6.93
N TYR D 3 -30.94 -46.71 -6.34
CA TYR D 3 -31.93 -45.65 -6.58
C TYR D 3 -33.35 -46.10 -6.21
N ILE D 4 -34.20 -46.34 -7.23
CA ILE D 4 -35.66 -46.40 -7.10
C ILE D 4 -36.24 -45.02 -6.78
N GLY D 5 -36.21 -44.15 -7.78
CA GLY D 5 -36.85 -42.85 -7.72
C GLY D 5 -37.11 -42.36 -9.13
N PRO D 6 -37.58 -41.11 -9.26
CA PRO D 6 -37.75 -40.50 -10.58
C PRO D 6 -36.46 -40.57 -11.39
N VAL D 7 -36.57 -40.91 -12.67
CA VAL D 7 -35.38 -41.09 -13.49
C VAL D 7 -35.13 -39.90 -14.42
N CYS D 8 -36.08 -39.56 -15.28
CA CYS D 8 -35.86 -38.51 -16.28
C CYS D 8 -35.48 -37.16 -15.62
N ARG D 9 -35.66 -37.04 -14.30
CA ARG D 9 -35.12 -35.91 -13.57
C ARG D 9 -33.59 -35.93 -13.62
N LEU D 10 -33.00 -37.12 -13.73
CA LEU D 10 -31.55 -37.23 -13.85
C LEU D 10 -31.14 -36.91 -15.28
N CYS D 11 -31.98 -37.35 -16.24
CA CYS D 11 -31.86 -36.95 -17.64
C CYS D 11 -31.65 -35.43 -17.61
N ARG D 12 -32.46 -34.76 -16.78
CA ARG D 12 -32.44 -33.30 -16.68
C ARG D 12 -31.23 -32.72 -15.97
N ARG D 13 -30.86 -33.29 -14.83
CA ARG D 13 -29.75 -32.74 -14.04
C ARG D 13 -28.41 -32.87 -14.76
N GLU D 14 -28.20 -33.99 -15.45
CA GLU D 14 -26.94 -34.18 -16.14
C GLU D 14 -26.86 -33.35 -17.42
N GLY D 15 -28.01 -32.81 -17.84
CA GLY D 15 -28.04 -31.96 -19.01
C GLY D 15 -27.86 -32.69 -20.33
N VAL D 16 -27.83 -34.01 -20.24
CA VAL D 16 -27.71 -34.86 -21.42
C VAL D 16 -28.78 -35.94 -21.31
N LYS D 17 -29.42 -36.24 -22.43
CA LYS D 17 -30.39 -37.31 -22.46
C LYS D 17 -29.75 -38.64 -22.08
N LEU D 18 -30.30 -39.27 -21.06
CA LEU D 18 -29.93 -40.62 -20.67
C LEU D 18 -31.12 -41.50 -20.99
N TYR D 19 -30.89 -42.78 -21.25
CA TYR D 19 -32.05 -43.62 -21.36
C TYR D 19 -32.05 -44.56 -20.18
N LEU D 20 -32.83 -44.19 -19.16
CA LEU D 20 -33.08 -45.06 -18.02
C LEU D 20 -34.45 -45.68 -18.15
N LYS D 21 -35.20 -45.19 -19.13
CA LYS D 21 -36.58 -45.60 -19.29
C LYS D 21 -36.78 -46.61 -20.41
N GLY D 22 -35.72 -46.96 -21.11
CA GLY D 22 -35.91 -47.75 -22.31
C GLY D 22 -36.64 -46.91 -23.35
N GLU D 23 -37.84 -47.34 -23.74
CA GLU D 23 -38.66 -46.62 -24.69
C GLU D 23 -39.12 -45.31 -24.05
N ARG D 24 -39.88 -44.49 -24.78
CA ARG D 24 -40.39 -43.20 -24.31
C ARG D 24 -39.28 -42.18 -24.08
N CYS D 25 -38.05 -42.64 -23.92
CA CYS D 25 -36.89 -41.75 -23.87
C CYS D 25 -36.55 -41.53 -25.36
N TYR D 26 -37.17 -42.37 -26.21
CA TYR D 26 -37.16 -42.14 -27.65
C TYR D 26 -38.40 -41.38 -28.14
N SER D 27 -39.40 -41.25 -27.28
CA SER D 27 -40.60 -40.49 -27.61
C SER D 27 -40.36 -39.03 -27.32
N PRO D 28 -41.18 -38.13 -27.88
CA PRO D 28 -40.99 -36.78 -27.37
C PRO D 28 -41.80 -36.53 -26.10
N LYS D 29 -41.78 -37.52 -25.20
CA LYS D 29 -42.24 -37.33 -23.83
C LYS D 29 -41.11 -37.27 -22.80
N CYS D 30 -39.86 -37.44 -23.23
CA CYS D 30 -38.74 -37.75 -22.30
C CYS D 30 -38.54 -36.67 -21.25
N ALA D 31 -39.15 -35.51 -21.49
CA ALA D 31 -39.05 -34.32 -20.64
C ALA D 31 -37.65 -33.73 -20.71
N MET D 32 -36.72 -34.49 -21.25
CA MET D 32 -35.42 -33.96 -21.62
C MET D 32 -35.62 -33.27 -22.96
N GLU D 33 -36.65 -33.73 -23.66
CA GLU D 33 -37.01 -33.14 -24.94
C GLU D 33 -37.71 -31.81 -24.70
N ARG D 34 -38.68 -31.80 -23.79
CA ARG D 34 -39.46 -30.59 -23.53
C ARG D 34 -38.95 -29.70 -22.39
N ARG D 35 -38.03 -30.20 -21.57
CA ARG D 35 -37.48 -29.41 -20.47
C ARG D 35 -35.99 -29.72 -20.23
N PRO D 36 -35.11 -29.25 -21.13
CA PRO D 36 -33.68 -29.57 -21.01
C PRO D 36 -33.02 -29.02 -19.75
N TYR D 37 -33.67 -28.08 -19.07
CA TYR D 37 -33.10 -27.46 -17.88
C TYR D 37 -33.24 -28.35 -16.64
N PRO D 38 -32.32 -28.20 -15.67
CA PRO D 38 -32.27 -28.98 -14.43
C PRO D 38 -33.57 -28.96 -13.63
N PRO D 39 -33.81 -30.01 -12.82
CA PRO D 39 -35.01 -30.13 -12.00
C PRO D 39 -35.04 -29.13 -10.87
N GLY D 40 -36.22 -28.92 -10.29
CA GLY D 40 -36.33 -28.05 -9.14
C GLY D 40 -36.74 -26.62 -9.42
N GLN D 41 -36.97 -25.87 -8.35
CA GLN D 41 -37.43 -24.50 -8.43
C GLN D 41 -36.48 -23.60 -9.21
N HIS D 42 -35.19 -23.85 -9.06
CA HIS D 42 -34.17 -22.97 -9.60
C HIS D 42 -33.63 -23.42 -10.95
N GLY D 43 -34.25 -24.46 -11.50
CA GLY D 43 -33.81 -25.02 -12.77
C GLY D 43 -33.61 -24.04 -13.91
N GLN D 44 -34.50 -23.08 -14.04
CA GLN D 44 -34.49 -22.19 -15.20
C GLN D 44 -33.64 -20.94 -14.99
N LYS D 45 -33.05 -20.80 -13.80
CA LYS D 45 -32.18 -19.66 -13.52
C LYS D 45 -30.79 -19.87 -14.12
N ARG D 46 -30.09 -18.75 -14.37
CA ARG D 46 -28.76 -18.79 -14.95
C ARG D 46 -27.77 -19.53 -14.06
N ALA D 47 -27.08 -20.52 -14.63
CA ALA D 47 -26.15 -21.32 -13.85
C ALA D 47 -24.79 -20.66 -13.74
N ARG D 48 -24.23 -20.64 -12.54
CA ARG D 48 -22.91 -20.06 -12.30
C ARG D 48 -21.84 -21.01 -12.80
N ARG D 49 -20.66 -20.46 -13.09
CA ARG D 49 -19.56 -21.26 -13.63
C ARG D 49 -19.15 -22.33 -12.63
N PRO D 50 -19.31 -23.61 -13.02
CA PRO D 50 -19.01 -24.76 -12.18
C PRO D 50 -17.53 -24.87 -11.83
N SER D 51 -17.26 -25.23 -10.58
CA SER D 51 -15.90 -25.51 -10.14
C SER D 51 -15.40 -26.78 -10.80
N ASP D 52 -14.09 -26.95 -10.85
CA ASP D 52 -13.51 -28.17 -11.40
C ASP D 52 -14.08 -29.39 -10.71
N TYR D 53 -14.21 -29.31 -9.39
CA TYR D 53 -14.82 -30.38 -8.63
C TYR D 53 -16.23 -30.64 -9.12
N ALA D 54 -17.00 -29.58 -9.34
CA ALA D 54 -18.37 -29.72 -9.81
C ALA D 54 -18.39 -30.55 -11.08
N VAL D 55 -17.56 -30.15 -12.04
CA VAL D 55 -17.48 -30.83 -13.32
C VAL D 55 -17.20 -32.32 -13.15
N ARG D 56 -16.16 -32.66 -12.39
CA ARG D 56 -15.78 -34.06 -12.26
C ARG D 56 -16.84 -34.88 -11.53
N LEU D 57 -17.34 -34.33 -10.43
CA LEU D 57 -18.44 -34.94 -9.68
C LEU D 57 -19.60 -35.27 -10.62
N ARG D 58 -20.02 -34.26 -11.38
CA ARG D 58 -21.14 -34.41 -12.30
C ARG D 58 -20.87 -35.50 -13.34
N GLU D 59 -19.68 -35.50 -13.92
CA GLU D 59 -19.33 -36.47 -14.95
C GLU D 59 -19.42 -37.90 -14.41
N LYS D 60 -18.84 -38.11 -13.24
CA LYS D 60 -18.89 -39.42 -12.63
C LYS D 60 -20.33 -39.81 -12.28
N GLN D 61 -21.13 -38.84 -11.85
CA GLN D 61 -22.53 -39.12 -11.55
C GLN D 61 -23.28 -39.52 -12.81
N LYS D 62 -22.88 -38.96 -13.94
CA LYS D 62 -23.46 -39.34 -15.22
C LYS D 62 -23.14 -40.79 -15.50
N LEU D 63 -21.86 -41.13 -15.44
CA LEU D 63 -21.42 -42.50 -15.68
C LEU D 63 -22.13 -43.50 -14.77
N ARG D 64 -22.25 -43.15 -13.50
CA ARG D 64 -22.82 -44.07 -12.52
C ARG D 64 -24.32 -44.22 -12.71
N ARG D 65 -24.99 -43.10 -12.94
CA ARG D 65 -26.45 -43.13 -13.05
C ARG D 65 -26.88 -43.77 -14.35
N ILE D 66 -25.98 -43.83 -15.32
CA ILE D 66 -26.30 -44.55 -16.55
C ILE D 66 -26.54 -46.03 -16.25
N TYR D 67 -25.63 -46.65 -15.51
CA TYR D 67 -25.71 -48.08 -15.24
C TYR D 67 -26.54 -48.41 -14.02
N GLY D 68 -27.03 -47.38 -13.33
CA GLY D 68 -27.85 -47.56 -12.16
C GLY D 68 -27.19 -48.39 -11.07
N ILE D 69 -25.95 -48.06 -10.79
CA ILE D 69 -25.14 -48.84 -9.85
C ILE D 69 -24.85 -48.00 -8.61
N SER D 70 -24.81 -48.64 -7.46
CA SER D 70 -24.55 -47.89 -6.23
C SER D 70 -23.10 -47.41 -6.19
N GLU D 71 -22.88 -46.35 -5.43
CA GLU D 71 -21.54 -45.79 -5.30
C GLU D 71 -20.56 -46.79 -4.74
N ARG D 72 -21.04 -47.68 -3.86
CA ARG D 72 -20.19 -48.69 -3.28
C ARG D 72 -19.62 -49.58 -4.38
N GLN D 73 -20.50 -50.18 -5.17
CA GLN D 73 -20.09 -51.07 -6.24
C GLN D 73 -19.31 -50.33 -7.31
N PHE D 74 -19.71 -49.10 -7.59
CA PHE D 74 -19.03 -48.27 -8.59
C PHE D 74 -17.58 -48.06 -8.19
N ARG D 75 -17.38 -47.58 -6.96
CA ARG D 75 -16.07 -47.34 -6.38
C ARG D 75 -15.22 -48.60 -6.40
N ASN D 76 -15.80 -49.70 -5.91
CA ASN D 76 -15.10 -50.98 -5.92
C ASN D 76 -14.61 -51.34 -7.31
N LEU D 77 -15.51 -51.23 -8.29
CA LEU D 77 -15.17 -51.49 -9.68
C LEU D 77 -14.02 -50.62 -10.16
N PHE D 78 -14.05 -49.36 -9.77
CA PHE D 78 -13.02 -48.43 -10.22
C PHE D 78 -11.67 -48.77 -9.62
N GLU D 79 -11.62 -49.08 -8.34
CA GLU D 79 -10.34 -49.38 -7.72
C GLU D 79 -9.81 -50.68 -8.29
N GLU D 80 -10.72 -51.62 -8.56
CA GLU D 80 -10.34 -52.88 -9.17
C GLU D 80 -9.71 -52.64 -10.54
N ALA D 81 -10.33 -51.79 -11.34
CA ALA D 81 -9.80 -51.45 -12.64
C ALA D 81 -8.45 -50.75 -12.50
N SER D 82 -8.31 -49.96 -11.44
CA SER D 82 -7.09 -49.22 -11.21
C SER D 82 -5.93 -50.15 -10.92
N LYS D 83 -6.18 -51.19 -10.13
CA LYS D 83 -5.13 -52.15 -9.81
C LYS D 83 -4.66 -52.92 -11.05
N LYS D 84 -5.57 -53.14 -11.99
CA LYS D 84 -5.30 -53.97 -13.16
C LYS D 84 -4.32 -53.35 -14.15
N LYS D 85 -3.76 -54.20 -15.01
CA LYS D 85 -2.94 -53.74 -16.13
C LYS D 85 -3.83 -53.11 -17.19
N GLY D 86 -3.24 -52.27 -18.03
CA GLY D 86 -3.99 -51.60 -19.09
C GLY D 86 -4.49 -50.25 -18.65
N VAL D 87 -5.01 -49.49 -19.61
CA VAL D 87 -5.51 -48.15 -19.31
C VAL D 87 -6.69 -48.23 -18.36
N THR D 88 -6.61 -47.48 -17.27
CA THR D 88 -7.63 -47.52 -16.23
C THR D 88 -9.04 -47.17 -16.73
N GLY D 89 -9.14 -46.14 -17.57
CA GLY D 89 -10.43 -45.72 -18.06
C GLY D 89 -11.16 -46.77 -18.88
N SER D 90 -10.47 -47.26 -19.91
CA SER D 90 -11.04 -48.26 -20.81
C SER D 90 -11.41 -49.52 -20.04
N VAL D 91 -10.53 -49.96 -19.15
CA VAL D 91 -10.78 -51.15 -18.36
C VAL D 91 -11.97 -50.93 -17.46
N PHE D 92 -12.12 -49.72 -16.94
CA PHE D 92 -13.27 -49.38 -16.12
C PHE D 92 -14.53 -49.59 -16.91
N LEU D 93 -14.58 -48.99 -18.10
CA LEU D 93 -15.77 -49.10 -18.94
C LEU D 93 -16.06 -50.54 -19.31
N GLY D 94 -15.01 -51.31 -19.55
CA GLY D 94 -15.15 -52.72 -19.88
C GLY D 94 -15.78 -53.50 -18.75
N LEU D 95 -15.26 -53.29 -17.54
CA LEU D 95 -15.78 -53.97 -16.37
C LEU D 95 -17.23 -53.59 -16.13
N LEU D 96 -17.56 -52.32 -16.35
CA LEU D 96 -18.93 -51.86 -16.23
C LEU D 96 -19.85 -52.54 -17.23
N GLU D 97 -19.34 -52.77 -18.44
CA GLU D 97 -20.16 -53.30 -19.52
C GLU D 97 -20.27 -54.82 -19.46
N SER D 98 -19.51 -55.42 -18.54
CA SER D 98 -19.50 -56.87 -18.41
C SER D 98 -20.55 -57.36 -17.41
N ARG D 99 -21.20 -56.42 -16.74
CA ARG D 99 -22.26 -56.75 -15.79
C ARG D 99 -23.40 -57.47 -16.49
N LEU D 100 -23.96 -58.48 -15.83
CA LEU D 100 -25.00 -59.30 -16.43
C LEU D 100 -26.23 -58.49 -16.82
N ASP D 101 -26.66 -57.59 -15.94
CA ASP D 101 -27.83 -56.79 -16.22
C ASP D 101 -27.59 -55.98 -17.48
N ASN D 102 -26.45 -55.32 -17.54
CA ASN D 102 -26.10 -54.51 -18.68
C ASN D 102 -26.02 -55.33 -19.95
N VAL D 103 -25.48 -56.53 -19.85
CA VAL D 103 -25.37 -57.40 -21.01
C VAL D 103 -26.75 -57.75 -21.52
N VAL D 104 -27.65 -58.04 -20.59
CA VAL D 104 -29.03 -58.37 -20.91
C VAL D 104 -29.68 -57.22 -21.64
N TYR D 105 -29.42 -55.99 -21.19
CA TYR D 105 -29.94 -54.81 -21.87
C TYR D 105 -29.37 -54.69 -23.28
N ARG D 106 -28.06 -54.88 -23.38
CA ARG D 106 -27.35 -54.77 -24.65
C ARG D 106 -27.89 -55.75 -25.69
N LEU D 107 -28.16 -56.98 -25.25
CA LEU D 107 -28.71 -58.01 -26.14
C LEU D 107 -30.17 -57.77 -26.46
N GLY D 108 -30.76 -56.78 -25.79
CA GLY D 108 -32.13 -56.40 -26.07
C GLY D 108 -33.21 -57.33 -25.55
N PHE D 109 -32.90 -58.13 -24.53
CA PHE D 109 -33.92 -58.94 -23.88
C PHE D 109 -34.77 -58.03 -23.03
N ALA D 110 -34.24 -56.85 -22.73
CA ALA D 110 -34.96 -55.86 -21.96
C ALA D 110 -34.78 -54.49 -22.60
N VAL D 111 -35.79 -53.65 -22.44
CA VAL D 111 -35.77 -52.35 -23.07
C VAL D 111 -34.90 -51.37 -22.28
N SER D 112 -34.80 -51.59 -20.97
CA SER D 112 -34.01 -50.72 -20.10
C SER D 112 -33.15 -51.52 -19.13
N ARG D 113 -32.08 -50.90 -18.64
CA ARG D 113 -31.16 -51.59 -17.73
C ARG D 113 -31.85 -52.00 -16.45
N ARG D 114 -32.78 -51.18 -15.98
CA ARG D 114 -33.52 -51.47 -14.75
C ARG D 114 -34.41 -52.69 -14.95
N GLN D 115 -35.11 -52.70 -16.07
CA GLN D 115 -35.93 -53.85 -16.45
C GLN D 115 -35.07 -55.09 -16.54
N ALA D 116 -33.86 -54.92 -17.08
CA ALA D 116 -32.92 -56.02 -17.19
C ALA D 116 -32.57 -56.53 -15.80
N ARG D 117 -32.39 -55.61 -14.86
CA ARG D 117 -32.08 -55.99 -13.49
C ARG D 117 -33.21 -56.85 -12.93
N GLN D 118 -34.45 -56.42 -13.15
CA GLN D 118 -35.60 -57.18 -12.66
C GLN D 118 -35.65 -58.56 -13.32
N LEU D 119 -35.33 -58.62 -14.60
CA LEU D 119 -35.35 -59.88 -15.32
C LEU D 119 -34.29 -60.83 -14.78
N VAL D 120 -33.17 -60.29 -14.35
CA VAL D 120 -32.11 -61.12 -13.82
C VAL D 120 -32.49 -61.65 -12.43
N ARG D 121 -32.90 -60.72 -11.55
CA ARG D 121 -33.22 -61.06 -10.17
C ARG D 121 -34.32 -62.10 -10.06
N HIS D 122 -35.19 -62.14 -11.05
CA HIS D 122 -36.32 -63.06 -11.03
C HIS D 122 -36.01 -64.36 -11.78
N GLY D 123 -34.77 -64.49 -12.23
CA GLY D 123 -34.31 -65.74 -12.81
C GLY D 123 -34.85 -66.05 -14.19
N HIS D 124 -35.18 -65.01 -14.94
CA HIS D 124 -35.63 -65.19 -16.30
C HIS D 124 -34.44 -65.34 -17.24
N ILE D 125 -33.23 -65.21 -16.69
CA ILE D 125 -32.02 -65.25 -17.50
C ILE D 125 -31.13 -66.40 -17.09
N THR D 126 -30.40 -66.95 -18.05
CA THR D 126 -29.46 -68.02 -17.79
C THR D 126 -28.10 -67.72 -18.41
N VAL D 127 -27.04 -68.20 -17.75
CA VAL D 127 -25.70 -68.07 -18.28
C VAL D 127 -25.12 -69.46 -18.47
N ASN D 128 -24.83 -69.80 -19.73
CA ASN D 128 -24.29 -71.12 -20.07
C ASN D 128 -25.22 -72.25 -19.67
N GLY D 129 -26.51 -71.96 -19.52
CA GLY D 129 -27.47 -72.99 -19.21
C GLY D 129 -27.96 -73.06 -17.76
N ARG D 130 -27.21 -72.44 -16.86
CA ARG D 130 -27.61 -72.40 -15.46
C ARG D 130 -28.23 -71.03 -15.13
N ARG D 131 -29.25 -71.03 -14.29
CA ARG D 131 -29.90 -69.78 -13.88
C ARG D 131 -28.95 -68.92 -13.06
N VAL D 132 -28.86 -67.64 -13.39
CA VAL D 132 -28.09 -66.69 -12.60
C VAL D 132 -28.97 -65.48 -12.28
N ASP D 133 -29.30 -65.28 -11.01
CA ASP D 133 -30.17 -64.17 -10.62
C ASP D 133 -29.44 -62.93 -10.11
N LEU D 134 -28.11 -62.91 -10.19
CA LEU D 134 -27.33 -61.77 -9.71
C LEU D 134 -27.01 -60.77 -10.82
N PRO D 135 -27.56 -59.56 -10.73
CA PRO D 135 -27.40 -58.52 -11.75
C PRO D 135 -25.97 -58.08 -11.89
N SER D 136 -25.15 -58.33 -10.87
CA SER D 136 -23.77 -57.88 -10.84
C SER D 136 -22.81 -58.97 -11.29
N TYR D 137 -23.36 -60.11 -11.70
CA TYR D 137 -22.55 -61.21 -12.21
C TYR D 137 -21.68 -60.72 -13.35
N ARG D 138 -20.42 -61.13 -13.36
CA ARG D 138 -19.53 -60.70 -14.43
C ARG D 138 -19.47 -61.73 -15.55
N VAL D 139 -19.89 -61.31 -16.74
CA VAL D 139 -19.82 -62.17 -17.89
C VAL D 139 -18.38 -62.24 -18.37
N ARG D 140 -17.97 -63.41 -18.84
CA ARG D 140 -16.65 -63.56 -19.43
C ARG D 140 -16.82 -63.82 -20.91
N PRO D 141 -15.80 -63.50 -21.71
CA PRO D 141 -15.85 -63.82 -23.13
C PRO D 141 -16.05 -65.33 -23.37
N GLY D 142 -17.01 -65.66 -24.23
CA GLY D 142 -17.32 -67.04 -24.53
C GLY D 142 -18.61 -67.51 -23.91
N ASP D 143 -19.10 -66.77 -22.92
CA ASP D 143 -20.31 -67.15 -22.22
C ASP D 143 -21.54 -66.93 -23.07
N GLU D 144 -22.52 -67.81 -22.91
CA GLU D 144 -23.77 -67.72 -23.65
C GLU D 144 -24.90 -67.31 -22.72
N ILE D 145 -25.38 -66.09 -22.89
CA ILE D 145 -26.47 -65.56 -22.10
C ILE D 145 -27.77 -65.81 -22.82
N ALA D 146 -28.61 -66.67 -22.23
CA ALA D 146 -29.87 -67.03 -22.85
C ALA D 146 -31.04 -66.65 -21.95
N VAL D 147 -32.24 -66.89 -22.45
CA VAL D 147 -33.46 -66.65 -21.69
C VAL D 147 -33.97 -67.98 -21.13
N ALA D 148 -34.50 -67.96 -19.92
CA ALA D 148 -35.03 -69.16 -19.29
C ALA D 148 -36.08 -69.82 -20.16
N GLU D 149 -35.92 -71.13 -20.37
CA GLU D 149 -36.82 -71.90 -21.22
C GLU D 149 -38.25 -71.76 -20.73
N LYS D 150 -38.40 -71.62 -19.43
CA LYS D 150 -39.71 -71.52 -18.81
C LYS D 150 -40.27 -70.11 -18.94
N SER D 151 -39.40 -69.15 -19.20
CA SER D 151 -39.81 -67.75 -19.30
C SER D 151 -40.00 -67.27 -20.74
N ARG D 152 -39.72 -68.13 -21.71
CA ARG D 152 -39.75 -67.72 -23.11
C ARG D 152 -41.16 -67.42 -23.59
N ASN D 153 -42.17 -67.89 -22.85
CA ASN D 153 -43.55 -67.71 -23.26
C ASN D 153 -44.19 -66.48 -22.62
N LEU D 154 -43.38 -65.72 -21.87
CA LEU D 154 -43.87 -64.50 -21.23
C LEU D 154 -44.06 -63.38 -22.24
N GLU D 155 -45.10 -62.58 -22.03
CA GLU D 155 -45.47 -61.54 -22.98
C GLU D 155 -44.37 -60.51 -23.19
N LEU D 156 -43.71 -60.12 -22.11
CA LEU D 156 -42.68 -59.09 -22.18
C LEU D 156 -41.52 -59.50 -23.09
N ILE D 157 -41.12 -60.76 -23.00
CA ILE D 157 -40.02 -61.27 -23.80
C ILE D 157 -40.47 -61.41 -25.25
N ARG D 158 -41.74 -61.74 -25.44
CA ARG D 158 -42.31 -61.74 -26.79
C ARG D 158 -42.13 -60.37 -27.41
N GLN D 159 -42.68 -59.35 -26.75
CA GLN D 159 -42.60 -57.97 -27.24
C GLN D 159 -41.16 -57.57 -27.55
N ASN D 160 -40.28 -57.80 -26.57
CA ASN D 160 -38.91 -57.33 -26.66
C ASN D 160 -38.15 -58.02 -27.80
N LEU D 161 -38.21 -59.34 -27.84
CA LEU D 161 -37.41 -60.06 -28.81
C LEU D 161 -38.02 -60.03 -30.21
N GLU D 162 -39.30 -59.69 -30.30
CA GLU D 162 -39.93 -59.48 -31.60
C GLU D 162 -39.46 -58.15 -32.16
N ALA D 163 -39.22 -57.20 -31.27
CA ALA D 163 -38.73 -55.88 -31.66
C ALA D 163 -37.27 -55.94 -32.05
N MET D 164 -36.60 -57.03 -31.67
CA MET D 164 -35.17 -57.17 -31.91
C MET D 164 -34.88 -57.78 -33.26
N LYS D 165 -35.93 -58.21 -33.96
CA LYS D 165 -35.75 -58.76 -35.29
C LYS D 165 -35.34 -57.66 -36.25
N GLY D 166 -34.22 -57.87 -36.93
CA GLY D 166 -33.69 -56.88 -37.86
C GLY D 166 -32.72 -55.90 -37.23
N ARG D 167 -32.75 -55.81 -35.90
CA ARG D 167 -31.86 -54.89 -35.17
C ARG D 167 -30.45 -55.45 -35.05
N LYS D 168 -29.48 -54.53 -34.92
CA LYS D 168 -28.08 -54.92 -34.82
C LYS D 168 -27.61 -54.85 -33.37
N VAL D 169 -26.71 -55.76 -33.01
CA VAL D 169 -26.15 -55.80 -31.67
C VAL D 169 -24.68 -55.43 -31.74
N GLY D 170 -24.15 -54.86 -30.65
CA GLY D 170 -22.79 -54.37 -30.61
C GLY D 170 -21.75 -55.37 -31.07
N PRO D 171 -20.66 -54.86 -31.68
CA PRO D 171 -19.60 -55.66 -32.29
C PRO D 171 -19.03 -56.75 -31.39
N TRP D 172 -19.16 -56.57 -30.08
CA TRP D 172 -18.65 -57.54 -29.13
C TRP D 172 -19.71 -58.54 -28.70
N LEU D 173 -20.91 -58.42 -29.28
CA LEU D 173 -22.00 -59.32 -28.91
C LEU D 173 -22.61 -60.01 -30.12
N SER D 174 -23.02 -61.25 -29.95
CA SER D 174 -23.77 -61.95 -30.99
C SER D 174 -25.16 -62.26 -30.46
N LEU D 175 -26.14 -62.29 -31.35
CA LEU D 175 -27.51 -62.57 -30.94
C LEU D 175 -28.21 -63.54 -31.87
N ASP D 176 -28.68 -64.64 -31.29
CA ASP D 176 -29.58 -65.57 -31.96
C ASP D 176 -31.00 -65.31 -31.46
N VAL D 177 -31.82 -64.74 -32.33
CA VAL D 177 -33.09 -64.18 -31.93
C VAL D 177 -34.15 -65.26 -31.72
N GLU D 178 -34.18 -66.24 -32.60
CA GLU D 178 -35.20 -67.28 -32.54
C GLU D 178 -35.04 -68.15 -31.29
N GLY D 179 -33.81 -68.59 -31.04
CA GLY D 179 -33.52 -69.38 -29.86
C GLY D 179 -33.47 -68.55 -28.60
N MET D 180 -33.54 -67.23 -28.77
CA MET D 180 -33.53 -66.27 -27.68
C MET D 180 -32.27 -66.38 -26.85
N LYS D 181 -31.12 -66.51 -27.51
CA LYS D 181 -29.85 -66.59 -26.81
C LYS D 181 -28.86 -65.64 -27.44
N GLY D 182 -27.73 -65.41 -26.76
CA GLY D 182 -26.71 -64.52 -27.29
C GLY D 182 -25.35 -64.81 -26.69
N LYS D 183 -24.29 -64.34 -27.33
CA LYS D 183 -22.96 -64.59 -26.80
C LYS D 183 -22.17 -63.32 -26.55
N PHE D 184 -21.39 -63.33 -25.48
CA PHE D 184 -20.48 -62.26 -25.15
C PHE D 184 -19.13 -62.61 -25.74
N LEU D 185 -18.76 -61.92 -26.81
CA LEU D 185 -17.62 -62.33 -27.62
C LEU D 185 -16.29 -61.87 -27.05
N ARG D 186 -16.26 -60.63 -26.60
CA ARG D 186 -15.06 -60.03 -26.05
C ARG D 186 -15.41 -58.82 -25.21
N LEU D 187 -14.41 -58.23 -24.57
CA LEU D 187 -14.64 -56.99 -23.84
C LEU D 187 -14.75 -55.87 -24.87
N PRO D 188 -15.67 -54.93 -24.63
CA PRO D 188 -15.86 -53.81 -25.55
C PRO D 188 -14.66 -52.88 -25.58
N ASP D 189 -14.30 -52.43 -26.78
CA ASP D 189 -13.26 -51.41 -26.95
C ASP D 189 -13.88 -50.06 -26.62
N ARG D 190 -13.05 -49.11 -26.20
CA ARG D 190 -13.55 -47.77 -25.89
C ARG D 190 -14.31 -47.18 -27.06
N GLU D 191 -13.79 -47.41 -28.26
CA GLU D 191 -14.43 -46.93 -29.49
C GLU D 191 -15.83 -47.51 -29.68
N ASP D 192 -16.05 -48.72 -29.15
CA ASP D 192 -17.32 -49.41 -29.31
C ASP D 192 -18.45 -48.74 -28.54
N LEU D 193 -18.10 -48.00 -27.49
CA LEU D 193 -19.10 -47.37 -26.64
C LEU D 193 -19.48 -45.97 -27.13
N ALA D 194 -20.78 -45.69 -27.10
CA ALA D 194 -21.32 -44.39 -27.49
C ALA D 194 -21.51 -43.46 -26.30
N LEU D 195 -21.07 -43.90 -25.13
CA LEU D 195 -21.29 -43.18 -23.87
C LEU D 195 -20.89 -41.72 -23.92
N PRO D 196 -21.80 -40.84 -23.48
CA PRO D 196 -21.59 -39.39 -23.42
C PRO D 196 -20.74 -38.99 -22.23
N VAL D 197 -19.58 -39.62 -22.08
CA VAL D 197 -18.82 -39.49 -20.87
C VAL D 197 -17.33 -39.40 -21.14
N ASN D 198 -16.67 -38.46 -20.48
CA ASN D 198 -15.22 -38.41 -20.47
C ASN D 198 -14.74 -39.17 -19.24
N GLU D 199 -14.11 -40.32 -19.45
CA GLU D 199 -13.75 -41.18 -18.32
C GLU D 199 -12.57 -40.59 -17.55
N GLN D 200 -11.71 -39.87 -18.26
CA GLN D 200 -10.54 -39.25 -17.64
C GLN D 200 -10.96 -38.29 -16.53
N LEU D 201 -12.15 -37.71 -16.66
CA LEU D 201 -12.69 -36.85 -15.64
C LEU D 201 -13.10 -37.64 -14.41
N VAL D 202 -13.52 -38.88 -14.61
CA VAL D 202 -13.90 -39.73 -13.50
C VAL D 202 -12.64 -40.16 -12.75
N ILE D 203 -11.66 -40.61 -13.52
CA ILE D 203 -10.36 -40.97 -12.97
C ILE D 203 -9.82 -39.81 -12.15
N GLU D 204 -9.96 -38.60 -12.70
CA GLU D 204 -9.52 -37.40 -12.00
C GLU D 204 -10.36 -37.14 -10.77
N PHE D 205 -11.62 -37.55 -10.78
CA PHE D 205 -12.49 -37.33 -9.62
C PHE D 205 -12.07 -38.18 -8.45
N TYR D 206 -11.74 -39.43 -8.71
CA TYR D 206 -11.29 -40.30 -7.62
C TYR D 206 -9.81 -40.11 -7.33
N SER D 207 -9.14 -39.39 -8.23
CA SER D 207 -7.74 -39.04 -8.03
C SER D 207 -7.58 -38.08 -6.86
N ARG D 208 -8.64 -37.35 -6.56
CA ARG D 208 -8.63 -36.34 -5.50
C ARG D 208 -8.21 -36.91 -4.17
N ASP E 1 -9.03 -22.71 -32.78
CA ASP E 1 -7.58 -22.60 -32.86
C ASP E 1 -6.92 -22.64 -31.47
N PHE E 2 -7.20 -21.63 -30.65
CA PHE E 2 -6.58 -21.53 -29.32
C PHE E 2 -7.59 -21.66 -28.20
N GLU E 3 -7.50 -22.75 -27.45
CA GLU E 3 -8.34 -22.97 -26.29
C GLU E 3 -7.78 -22.16 -25.15
N GLU E 4 -8.64 -21.56 -24.34
CA GLU E 4 -8.15 -20.67 -23.29
C GLU E 4 -8.98 -20.79 -22.01
N LYS E 5 -8.29 -20.86 -20.87
CA LYS E 5 -8.95 -20.92 -19.57
C LYS E 5 -8.20 -20.07 -18.56
N MET E 6 -8.93 -19.42 -17.67
CA MET E 6 -8.31 -18.57 -16.65
C MET E 6 -8.04 -19.34 -15.37
N ILE E 7 -6.93 -19.04 -14.71
CA ILE E 7 -6.55 -19.69 -13.48
C ILE E 7 -7.25 -19.05 -12.28
N LEU E 8 -6.89 -17.82 -11.96
CA LEU E 8 -7.59 -17.10 -10.89
C LEU E 8 -7.86 -15.65 -11.29
N ILE E 9 -8.89 -15.09 -10.69
CA ILE E 9 -9.14 -13.66 -10.78
C ILE E 9 -9.03 -13.16 -9.35
N ARG E 10 -8.53 -11.94 -9.18
CA ARG E 10 -8.49 -11.36 -7.84
C ARG E 10 -8.69 -9.86 -7.89
N ARG E 11 -9.27 -9.31 -6.83
CA ARG E 11 -9.44 -7.87 -6.72
C ARG E 11 -8.47 -7.30 -5.70
N THR E 12 -7.49 -6.55 -6.19
CA THR E 12 -6.56 -5.86 -5.32
C THR E 12 -7.09 -4.45 -5.03
N ALA E 13 -6.42 -3.75 -4.14
CA ALA E 13 -6.86 -2.40 -3.79
C ALA E 13 -5.69 -1.49 -3.39
N ARG E 14 -5.73 -0.26 -3.86
CA ARG E 14 -4.80 0.75 -3.38
C ARG E 14 -5.56 1.68 -2.46
N MET E 15 -4.85 2.61 -1.85
CA MET E 15 -5.49 3.58 -0.97
C MET E 15 -5.29 4.98 -1.51
N GLN E 16 -6.39 5.69 -1.70
CA GLN E 16 -6.31 7.08 -2.09
C GLN E 16 -7.06 7.82 -1.00
N ALA E 17 -6.83 9.13 -0.88
CA ALA E 17 -7.47 9.91 0.17
C ALA E 17 -8.97 9.67 0.16
N GLY E 18 -9.51 9.37 1.32
CA GLY E 18 -10.92 9.06 1.43
C GLY E 18 -11.40 7.93 0.54
N GLY E 19 -10.62 6.86 0.46
CA GLY E 19 -11.15 5.65 -0.13
C GLY E 19 -10.20 4.55 -0.56
N ARG E 20 -10.79 3.38 -0.78
CA ARG E 20 -10.12 2.24 -1.37
C ARG E 20 -10.37 2.27 -2.86
N ARG E 21 -9.37 1.92 -3.66
CA ARG E 21 -9.57 1.89 -5.10
C ARG E 21 -9.13 0.56 -5.70
N PHE E 22 -10.11 -0.16 -6.22
CA PHE E 22 -9.92 -1.54 -6.65
C PHE E 22 -9.37 -1.68 -8.05
N ARG E 23 -8.59 -2.74 -8.25
CA ARG E 23 -8.09 -3.09 -9.57
C ARG E 23 -8.07 -4.61 -9.68
N PHE E 24 -8.51 -5.15 -10.82
CA PHE E 24 -8.63 -6.60 -10.95
C PHE E 24 -7.49 -7.22 -11.74
N GLY E 25 -6.82 -8.21 -11.15
CA GLY E 25 -5.91 -9.06 -11.88
C GLY E 25 -6.48 -10.39 -12.34
N ALA E 26 -5.96 -10.91 -13.45
CA ALA E 26 -6.44 -12.18 -14.01
C ALA E 26 -5.31 -13.02 -14.64
N LEU E 27 -5.27 -14.30 -14.29
CA LEU E 27 -4.28 -15.22 -14.83
C LEU E 27 -4.92 -16.08 -15.89
N VAL E 28 -4.36 -16.09 -17.09
CA VAL E 28 -4.98 -16.81 -18.18
C VAL E 28 -3.98 -17.68 -18.93
N VAL E 29 -4.39 -18.92 -19.18
CA VAL E 29 -3.60 -19.88 -19.94
C VAL E 29 -4.25 -20.11 -21.29
N VAL E 30 -3.43 -20.14 -22.33
CA VAL E 30 -3.92 -20.42 -23.67
C VAL E 30 -3.08 -21.54 -24.27
N GLY E 31 -3.72 -22.45 -25.00
CA GLY E 31 -3.01 -23.56 -25.62
C GLY E 31 -3.81 -24.25 -26.70
N ASP E 32 -3.11 -24.94 -27.60
CA ASP E 32 -3.77 -25.68 -28.67
C ASP E 32 -3.92 -27.17 -28.36
N ARG E 33 -3.34 -27.57 -27.24
CA ARG E 33 -3.19 -28.98 -26.88
C ARG E 33 -2.38 -29.74 -27.94
N GLN E 34 -1.64 -29.00 -28.76
CA GLN E 34 -0.72 -29.60 -29.71
C GLN E 34 0.71 -29.51 -29.20
N GLY E 35 0.88 -28.98 -28.00
CA GLY E 35 2.21 -28.77 -27.45
C GLY E 35 2.69 -27.33 -27.38
N ARG E 36 1.80 -26.39 -27.64
CA ARG E 36 2.10 -24.97 -27.48
C ARG E 36 1.25 -24.35 -26.39
N VAL E 37 1.89 -23.74 -25.39
CA VAL E 37 1.11 -23.05 -24.35
C VAL E 37 1.52 -21.60 -24.22
N GLY E 38 0.80 -20.89 -23.36
CA GLY E 38 1.11 -19.52 -23.03
C GLY E 38 0.37 -19.11 -21.79
N LEU E 39 0.95 -18.16 -21.08
CA LEU E 39 0.46 -17.78 -19.77
C LEU E 39 0.60 -16.29 -19.64
N GLY E 40 -0.44 -15.62 -19.17
CA GLY E 40 -0.34 -14.19 -19.00
C GLY E 40 -1.19 -13.62 -17.89
N PHE E 41 -0.73 -12.51 -17.35
CA PHE E 41 -1.35 -11.90 -16.19
C PHE E 41 -1.80 -10.49 -16.55
N GLY E 42 -3.11 -10.29 -16.69
CA GLY E 42 -3.64 -8.97 -17.02
C GLY E 42 -4.13 -8.19 -15.82
N LYS E 43 -4.07 -6.87 -15.90
CA LYS E 43 -4.52 -6.02 -14.80
C LYS E 43 -5.32 -4.88 -15.33
N ALA E 44 -6.58 -4.79 -14.89
CA ALA E 44 -7.48 -3.76 -15.43
C ALA E 44 -8.49 -3.32 -14.40
N PRO E 45 -9.03 -2.10 -14.56
CA PRO E 45 -10.07 -1.57 -13.69
C PRO E 45 -11.28 -2.49 -13.52
N GLU E 46 -11.67 -3.22 -14.55
CA GLU E 46 -12.81 -4.12 -14.46
C GLU E 46 -12.44 -5.53 -14.92
N VAL E 47 -13.17 -6.53 -14.45
CA VAL E 47 -12.79 -7.93 -14.68
C VAL E 47 -12.67 -8.33 -16.15
N PRO E 48 -13.69 -8.05 -16.99
CA PRO E 48 -13.60 -8.54 -18.36
C PRO E 48 -12.39 -8.02 -19.13
N LEU E 49 -12.11 -6.73 -19.01
CA LEU E 49 -10.97 -6.13 -19.71
C LEU E 49 -9.68 -6.79 -19.23
N ALA E 50 -9.68 -7.19 -17.97
CA ALA E 50 -8.53 -7.85 -17.39
C ALA E 50 -8.34 -9.22 -17.99
N VAL E 51 -9.43 -9.97 -18.11
CA VAL E 51 -9.38 -11.32 -18.67
C VAL E 51 -8.90 -11.26 -20.12
N GLN E 52 -9.51 -10.34 -20.87
CA GLN E 52 -9.16 -10.14 -22.28
C GLN E 52 -7.68 -9.81 -22.42
N LYS E 53 -7.23 -8.81 -21.66
CA LYS E 53 -5.85 -8.37 -21.72
C LYS E 53 -4.93 -9.52 -21.36
N ALA E 54 -5.32 -10.30 -20.36
CA ALA E 54 -4.54 -11.45 -19.93
C ALA E 54 -4.37 -12.44 -21.07
N GLY E 55 -5.46 -12.65 -21.81
CA GLY E 55 -5.41 -13.50 -22.99
C GLY E 55 -4.39 -12.99 -23.99
N TYR E 56 -4.48 -11.70 -24.31
CA TYR E 56 -3.54 -11.09 -25.23
C TYR E 56 -2.09 -11.33 -24.82
N TYR E 57 -1.79 -10.99 -23.57
CA TYR E 57 -0.44 -11.19 -23.04
C TYR E 57 -0.03 -12.64 -23.16
N ALA E 58 -0.95 -13.54 -22.88
CA ALA E 58 -0.66 -14.96 -22.89
C ALA E 58 -0.27 -15.41 -24.30
N ARG E 59 -1.01 -14.95 -25.30
CA ARG E 59 -0.69 -15.32 -26.68
C ARG E 59 0.63 -14.69 -27.10
N ARG E 60 1.01 -13.62 -26.42
CA ARG E 60 2.29 -12.97 -26.70
C ARG E 60 3.47 -13.77 -26.13
N ASN E 61 3.23 -14.47 -25.03
CA ASN E 61 4.28 -15.28 -24.40
C ASN E 61 4.01 -16.78 -24.57
N MET E 62 4.79 -17.45 -25.41
CA MET E 62 4.50 -18.85 -25.75
C MET E 62 5.66 -19.80 -25.45
N VAL E 63 5.30 -21.03 -25.11
CA VAL E 63 6.25 -22.08 -24.80
C VAL E 63 5.96 -23.31 -25.65
N GLU E 64 7.01 -23.83 -26.28
CA GLU E 64 6.93 -25.01 -27.11
C GLU E 64 7.25 -26.24 -26.27
N VAL E 65 6.27 -27.11 -26.09
CA VAL E 65 6.42 -28.25 -25.20
C VAL E 65 6.66 -29.56 -25.95
N PRO E 66 7.85 -30.13 -25.77
CA PRO E 66 8.24 -31.36 -26.47
C PRO E 66 7.62 -32.61 -25.88
N LEU E 67 6.38 -32.91 -26.27
CA LEU E 67 5.68 -34.09 -25.80
C LEU E 67 6.25 -35.40 -26.35
N GLN E 68 6.22 -36.44 -25.52
CA GLN E 68 6.48 -37.79 -25.97
C GLN E 68 5.35 -38.69 -25.52
N ASN E 69 4.54 -39.17 -26.46
CA ASN E 69 3.39 -40.00 -26.16
C ASN E 69 2.51 -39.39 -25.05
N GLY E 70 2.18 -38.12 -25.18
CA GLY E 70 1.28 -37.48 -24.25
C GLY E 70 1.88 -37.07 -22.92
N THR E 71 3.15 -37.37 -22.71
CA THR E 71 3.80 -37.02 -21.46
C THR E 71 5.07 -36.23 -21.68
N ILE E 72 5.78 -35.98 -20.59
CA ILE E 72 6.98 -35.17 -20.58
C ILE E 72 8.19 -36.05 -20.85
N PRO E 73 9.23 -35.52 -21.50
CA PRO E 73 10.43 -36.30 -21.82
C PRO E 73 11.26 -36.71 -20.60
N HIS E 74 11.35 -35.86 -19.58
CA HIS E 74 12.15 -36.16 -18.40
C HIS E 74 11.72 -35.33 -17.19
N GLU E 75 12.06 -35.77 -15.99
CA GLU E 75 11.69 -35.03 -14.77
C GLU E 75 12.41 -33.68 -14.63
N ILE E 76 11.67 -32.63 -14.28
CA ILE E 76 12.32 -31.37 -13.89
C ILE E 76 11.76 -30.86 -12.57
N GLU E 77 12.59 -30.08 -11.89
CA GLU E 77 12.28 -29.50 -10.60
C GLU E 77 12.67 -28.04 -10.70
N VAL E 78 11.71 -27.12 -10.60
CA VAL E 78 12.02 -25.72 -10.82
C VAL E 78 11.59 -24.85 -9.65
N GLU E 79 12.47 -23.91 -9.27
CA GLU E 79 12.14 -22.96 -8.23
C GLU E 79 11.90 -21.59 -8.83
N PHE E 80 10.69 -21.07 -8.63
CA PHE E 80 10.40 -19.67 -8.92
C PHE E 80 10.07 -18.95 -7.62
N GLY E 81 10.97 -18.09 -7.18
CA GLY E 81 10.83 -17.49 -5.88
C GLY E 81 10.84 -18.58 -4.84
N ALA E 82 9.86 -18.58 -3.96
CA ALA E 82 9.80 -19.61 -2.93
C ALA E 82 8.92 -20.75 -3.36
N SER E 83 8.39 -20.65 -4.58
CA SER E 83 7.52 -21.69 -5.10
C SER E 83 8.33 -22.72 -5.85
N LYS E 84 7.99 -23.99 -5.68
CA LYS E 84 8.73 -25.04 -6.32
C LYS E 84 7.76 -25.95 -7.05
N ILE E 85 8.15 -26.44 -8.21
CA ILE E 85 7.30 -27.31 -8.96
C ILE E 85 8.11 -28.55 -9.32
N VAL E 86 7.48 -29.70 -9.21
CA VAL E 86 8.13 -30.95 -9.55
C VAL E 86 7.29 -31.63 -10.60
N LEU E 87 7.83 -31.78 -11.80
CA LEU E 87 7.16 -32.53 -12.84
C LEU E 87 7.93 -33.79 -13.15
N LYS E 88 7.22 -34.91 -13.21
CA LYS E 88 7.79 -36.22 -13.46
C LYS E 88 6.90 -36.96 -14.44
N PRO E 89 7.51 -37.66 -15.41
CA PRO E 89 6.74 -38.32 -16.47
C PRO E 89 6.01 -39.57 -16.03
N ALA E 90 4.93 -39.90 -16.72
CA ALA E 90 4.11 -41.05 -16.34
C ALA E 90 3.65 -41.86 -17.56
N ALA E 91 3.35 -43.14 -17.32
CA ALA E 91 2.89 -44.03 -18.37
C ALA E 91 1.44 -43.70 -18.72
N PRO E 92 1.02 -44.00 -19.95
CA PRO E 92 -0.34 -43.70 -20.43
C PRO E 92 -1.43 -44.29 -19.56
N GLY E 93 -2.54 -43.56 -19.41
CA GLY E 93 -3.64 -44.01 -18.59
C GLY E 93 -3.62 -43.44 -17.19
N THR E 94 -2.51 -42.77 -16.87
CA THR E 94 -2.31 -42.20 -15.54
C THR E 94 -3.20 -40.99 -15.32
N GLY E 95 -3.22 -40.11 -16.30
CA GLY E 95 -3.96 -38.86 -16.20
C GLY E 95 -3.09 -37.73 -15.72
N VAL E 96 -3.64 -36.52 -15.67
CA VAL E 96 -2.87 -35.37 -15.21
C VAL E 96 -3.09 -35.24 -13.72
N ILE E 97 -2.06 -35.53 -12.94
CA ILE E 97 -2.19 -35.42 -11.51
C ILE E 97 -1.47 -34.16 -11.06
N ALA E 98 -2.23 -33.13 -10.73
CA ALA E 98 -1.65 -31.85 -10.38
C ALA E 98 -2.65 -30.99 -9.64
N GLY E 99 -2.17 -29.84 -9.16
CA GLY E 99 -3.06 -28.87 -8.54
C GLY E 99 -3.77 -28.14 -9.66
N ALA E 100 -4.68 -27.23 -9.34
CA ALA E 100 -5.46 -26.55 -10.34
C ALA E 100 -4.56 -25.87 -11.37
N VAL E 101 -3.62 -25.08 -10.88
CA VAL E 101 -2.78 -24.26 -11.73
C VAL E 101 -1.96 -25.08 -12.74
N PRO E 102 -1.07 -25.96 -12.24
CA PRO E 102 -0.29 -26.66 -13.26
C PRO E 102 -1.15 -27.65 -14.04
N ARG E 103 -2.28 -28.08 -13.49
CA ARG E 103 -3.18 -28.91 -14.27
C ARG E 103 -3.57 -28.15 -15.52
N ALA E 104 -4.25 -27.03 -15.34
CA ALA E 104 -4.72 -26.24 -16.48
C ALA E 104 -3.58 -25.95 -17.46
N ILE E 105 -2.44 -25.50 -16.94
CA ILE E 105 -1.31 -25.21 -17.83
C ILE E 105 -0.90 -26.42 -18.64
N LEU E 106 -0.79 -27.57 -17.98
CA LEU E 106 -0.34 -28.79 -18.64
C LEU E 106 -1.36 -29.34 -19.63
N GLU E 107 -2.62 -29.35 -19.22
CA GLU E 107 -3.71 -29.84 -20.03
C GLU E 107 -3.86 -29.03 -21.30
N LEU E 108 -3.58 -27.74 -21.24
CA LEU E 108 -3.67 -26.95 -22.46
C LEU E 108 -2.43 -27.13 -23.32
N ALA E 109 -1.38 -27.71 -22.76
CA ALA E 109 -0.17 -27.98 -23.53
C ALA E 109 -0.26 -29.33 -24.19
N GLY E 110 -1.39 -30.00 -24.00
CA GLY E 110 -1.58 -31.33 -24.53
C GLY E 110 -0.82 -32.39 -23.77
N VAL E 111 -0.95 -32.38 -22.45
CA VAL E 111 -0.37 -33.45 -21.65
C VAL E 111 -1.50 -34.33 -21.13
N THR E 112 -1.34 -35.64 -21.31
CA THR E 112 -2.34 -36.59 -20.85
C THR E 112 -1.95 -37.18 -19.52
N ASP E 113 -0.79 -37.83 -19.47
CA ASP E 113 -0.33 -38.45 -18.24
C ASP E 113 0.94 -37.80 -17.68
N ILE E 114 0.84 -37.23 -16.49
CA ILE E 114 1.98 -36.61 -15.82
C ILE E 114 1.79 -36.61 -14.31
N LEU E 115 2.89 -36.64 -13.57
CA LEU E 115 2.89 -36.57 -12.12
C LEU E 115 3.52 -35.28 -11.62
N THR E 116 2.84 -34.57 -10.74
CA THR E 116 3.39 -33.30 -10.24
C THR E 116 3.37 -33.20 -8.73
N LYS E 117 4.17 -32.28 -8.20
CA LYS E 117 4.05 -31.87 -6.80
C LYS E 117 4.38 -30.40 -6.65
N GLU E 118 3.55 -29.67 -5.89
CA GLU E 118 3.85 -28.27 -5.59
C GLU E 118 4.53 -28.17 -4.24
N LEU E 119 5.70 -27.58 -4.21
CA LEU E 119 6.46 -27.48 -2.98
C LEU E 119 6.70 -26.03 -2.61
N GLY E 120 7.05 -25.79 -1.35
CA GLY E 120 7.29 -24.44 -0.88
C GLY E 120 6.04 -23.60 -0.96
N SER E 121 6.19 -22.35 -1.40
CA SER E 121 5.05 -21.46 -1.54
C SER E 121 4.07 -21.94 -2.59
N ARG E 122 2.80 -21.99 -2.22
CA ARG E 122 1.76 -22.50 -3.11
C ARG E 122 1.10 -21.38 -3.91
N ASN E 123 1.63 -20.17 -3.78
CA ASN E 123 1.01 -19.01 -4.41
C ASN E 123 0.79 -19.24 -5.89
N PRO E 124 -0.46 -19.14 -6.33
CA PRO E 124 -0.86 -19.52 -7.68
C PRO E 124 -0.02 -18.86 -8.76
N ILE E 125 0.22 -17.56 -8.64
CA ILE E 125 0.99 -16.87 -9.66
C ILE E 125 2.36 -17.47 -9.82
N ASN E 126 3.07 -17.62 -8.71
CA ASN E 126 4.44 -18.11 -8.77
C ASN E 126 4.49 -19.58 -9.17
N ILE E 127 3.48 -20.35 -8.77
CA ILE E 127 3.43 -21.74 -9.18
C ILE E 127 3.27 -21.81 -10.69
N ALA E 128 2.42 -20.92 -11.23
CA ALA E 128 2.20 -20.86 -12.66
C ALA E 128 3.50 -20.54 -13.38
N TYR E 129 4.13 -19.43 -13.00
CA TYR E 129 5.39 -19.04 -13.63
C TYR E 129 6.42 -20.16 -13.55
N ALA E 130 6.45 -20.83 -12.41
CA ALA E 130 7.37 -21.93 -12.19
C ALA E 130 7.10 -23.03 -13.20
N THR E 131 5.84 -23.38 -13.38
CA THR E 131 5.44 -24.41 -14.31
C THR E 131 5.89 -24.08 -15.71
N MET E 132 5.58 -22.86 -16.14
CA MET E 132 6.00 -22.40 -17.46
C MET E 132 7.50 -22.54 -17.62
N GLU E 133 8.26 -22.13 -16.62
CA GLU E 133 9.71 -22.24 -16.71
C GLU E 133 10.13 -23.69 -16.81
N ALA E 134 9.42 -24.57 -16.12
CA ALA E 134 9.72 -25.99 -16.13
C ALA E 134 9.55 -26.54 -17.54
N LEU E 135 8.39 -26.26 -18.13
CA LEU E 135 8.11 -26.68 -19.50
C LEU E 135 9.13 -26.10 -20.46
N ARG E 136 9.54 -24.87 -20.19
CA ARG E 136 10.50 -24.19 -21.04
C ARG E 136 11.88 -24.85 -20.96
N GLN E 137 12.20 -25.46 -19.84
CA GLN E 137 13.53 -26.07 -19.66
C GLN E 137 13.64 -27.51 -20.16
N LEU E 138 12.54 -28.06 -20.65
CA LEU E 138 12.54 -29.44 -21.11
C LEU E 138 13.37 -29.62 -22.37
N ARG E 139 14.19 -30.66 -22.40
CA ARG E 139 15.00 -30.99 -23.56
C ARG E 139 14.67 -32.39 -24.03
N THR E 140 14.98 -32.68 -25.28
CA THR E 140 14.73 -33.99 -25.86
C THR E 140 16.06 -34.63 -26.20
N LYS E 141 16.08 -35.96 -26.29
CA LYS E 141 17.28 -36.69 -26.66
C LYS E 141 17.89 -36.05 -27.91
N ALA E 142 17.01 -35.66 -28.83
CA ALA E 142 17.40 -34.92 -30.02
C ALA E 142 18.16 -33.64 -29.67
N ASP E 143 17.55 -32.82 -28.82
CA ASP E 143 18.14 -31.55 -28.41
C ASP E 143 19.48 -31.78 -27.73
N VAL E 144 19.50 -32.76 -26.84
CA VAL E 144 20.68 -33.09 -26.06
C VAL E 144 21.84 -33.45 -26.97
N GLU E 145 21.62 -34.41 -27.86
CA GLU E 145 22.69 -34.87 -28.73
C GLU E 145 23.02 -33.78 -29.75
N ARG E 146 22.10 -32.85 -29.94
CA ARG E 146 22.35 -31.69 -30.78
C ARG E 146 23.38 -30.80 -30.09
N LEU E 147 23.27 -30.72 -28.76
CA LEU E 147 24.18 -29.89 -27.98
C LEU E 147 25.57 -30.49 -27.86
N ARG E 148 25.65 -31.80 -27.71
CA ARG E 148 26.92 -32.46 -27.42
C ARG E 148 27.71 -32.91 -28.65
N LYS E 149 27.25 -32.53 -29.84
CA LYS E 149 27.93 -32.91 -31.09
C LYS E 149 29.43 -32.65 -31.06
N GLY E 150 29.82 -31.38 -31.09
CA GLY E 150 31.22 -31.00 -31.01
C GLY E 150 32.11 -31.48 -32.15
N GLU E 151 31.73 -31.15 -33.38
N MET F 1 72.50 -4.02 25.70
CA MET F 1 73.16 -2.77 25.33
C MET F 1 72.43 -2.07 24.19
N ARG F 2 71.73 -0.98 24.50
CA ARG F 2 71.03 -0.23 23.49
C ARG F 2 71.48 1.22 23.48
N ARG F 3 71.15 1.90 22.39
CA ARG F 3 71.60 3.27 22.16
C ARG F 3 70.50 4.27 22.47
N TYR F 4 70.72 5.10 23.49
CA TYR F 4 69.72 6.07 23.92
C TYR F 4 70.17 7.50 23.75
N GLU F 5 69.28 8.43 24.08
CA GLU F 5 69.57 9.86 24.10
C GLU F 5 68.99 10.46 25.38
N VAL F 6 69.85 11.03 26.20
CA VAL F 6 69.44 11.64 27.46
C VAL F 6 69.31 13.15 27.28
N ASN F 7 68.11 13.66 27.57
CA ASN F 7 67.85 15.09 27.57
C ASN F 7 67.74 15.57 29.00
N ILE F 8 68.52 16.59 29.34
CA ILE F 8 68.48 17.14 30.69
C ILE F 8 68.31 18.64 30.63
N VAL F 9 67.35 19.17 31.39
CA VAL F 9 67.15 20.62 31.45
C VAL F 9 67.32 21.08 32.88
N LEU F 10 68.27 21.99 33.10
CA LEU F 10 68.56 22.48 34.44
C LEU F 10 68.39 23.99 34.61
N ASN F 11 68.56 24.44 35.85
CA ASN F 11 68.37 25.82 36.24
C ASN F 11 69.32 26.75 35.47
N PRO F 12 68.75 27.71 34.72
CA PRO F 12 69.53 28.70 33.98
C PRO F 12 70.28 29.70 34.86
N ASN F 13 69.94 29.78 36.14
CA ASN F 13 70.53 30.77 37.04
C ASN F 13 71.84 30.30 37.65
N LEU F 14 72.30 29.11 37.25
CA LEU F 14 73.51 28.53 37.84
C LEU F 14 74.79 29.26 37.42
N ASP F 15 75.60 29.63 38.41
CA ASP F 15 76.95 30.11 38.10
C ASP F 15 77.82 28.90 37.75
N GLN F 16 78.95 29.15 37.09
CA GLN F 16 79.76 28.09 36.49
C GLN F 16 80.20 27.01 37.47
N SER F 17 80.28 27.36 38.75
CA SER F 17 80.74 26.43 39.77
C SER F 17 79.69 25.35 40.03
N GLN F 18 78.52 25.79 40.49
CA GLN F 18 77.39 24.90 40.71
C GLN F 18 77.06 24.07 39.47
N LEU F 19 77.12 24.72 38.31
CA LEU F 19 76.85 24.05 37.04
C LEU F 19 77.85 22.92 36.81
N ALA F 20 79.13 23.23 36.99
CA ALA F 20 80.19 22.23 36.85
C ALA F 20 79.96 21.07 37.80
N LEU F 21 79.52 21.39 39.01
CA LEU F 21 79.22 20.36 40.01
C LEU F 21 78.09 19.47 39.53
N GLU F 22 77.07 20.08 38.93
CA GLU F 22 75.91 19.33 38.45
C GLU F 22 76.30 18.39 37.30
N LYS F 23 77.04 18.92 36.33
CA LYS F 23 77.52 18.09 35.23
C LYS F 23 78.40 16.97 35.77
N GLU F 24 79.18 17.28 36.80
CA GLU F 24 80.00 16.28 37.48
C GLU F 24 79.14 15.16 38.04
N ILE F 25 78.03 15.52 38.69
CA ILE F 25 77.16 14.52 39.28
C ILE F 25 76.49 13.69 38.18
N ILE F 26 76.24 14.34 37.05
CA ILE F 26 75.66 13.66 35.89
C ILE F 26 76.62 12.62 35.34
N GLN F 27 77.88 13.00 35.17
CA GLN F 27 78.91 12.07 34.73
C GLN F 27 79.05 10.89 35.70
N ARG F 28 79.19 11.23 36.97
CA ARG F 28 79.31 10.25 38.06
C ARG F 28 78.19 9.21 37.98
N ALA F 29 76.95 9.68 38.14
CA ALA F 29 75.78 8.82 38.10
C ALA F 29 75.71 8.03 36.79
N LEU F 30 76.14 8.64 35.69
CA LEU F 30 76.14 7.96 34.39
C LEU F 30 77.07 6.76 34.40
N GLU F 31 78.31 6.96 34.82
CA GLU F 31 79.27 5.86 34.89
C GLU F 31 78.79 4.80 35.88
N ASN F 32 78.15 5.24 36.95
CA ASN F 32 77.66 4.31 37.96
C ASN F 32 76.65 3.32 37.39
N TYR F 33 75.85 3.78 36.43
CA TYR F 33 74.83 2.93 35.82
C TYR F 33 75.29 2.31 34.50
N GLY F 34 76.55 2.52 34.15
CA GLY F 34 77.17 1.82 33.04
C GLY F 34 76.81 2.31 31.65
N ALA F 35 76.77 3.62 31.47
CA ALA F 35 76.47 4.19 30.17
C ALA F 35 77.73 4.80 29.54
N ARG F 36 78.07 4.30 28.36
CA ARG F 36 79.18 4.87 27.59
C ARG F 36 78.66 6.04 26.77
N VAL F 37 79.37 7.16 26.82
CA VAL F 37 78.92 8.37 26.14
C VAL F 37 79.54 8.50 24.76
N GLU F 38 78.71 8.39 23.72
CA GLU F 38 79.18 8.44 22.35
C GLU F 38 79.45 9.87 21.90
N LYS F 39 78.55 10.79 22.25
CA LYS F 39 78.79 12.21 22.01
C LYS F 39 77.92 13.08 22.91
N VAL F 40 78.11 14.39 22.81
CA VAL F 40 77.42 15.34 23.68
C VAL F 40 77.19 16.67 22.96
N GLU F 41 76.07 17.31 23.25
CA GLU F 41 75.79 18.64 22.74
C GLU F 41 75.30 19.54 23.87
N GLU F 42 76.04 20.59 24.16
CA GLU F 42 75.63 21.54 25.18
C GLU F 42 75.03 22.77 24.49
N LEU F 43 73.72 22.91 24.60
CA LEU F 43 73.00 23.96 23.88
C LEU F 43 72.86 25.23 24.72
N GLY F 44 73.21 25.13 26.00
CA GLY F 44 73.12 26.26 26.90
C GLY F 44 71.69 26.69 27.21
N LEU F 45 71.52 27.95 27.56
CA LEU F 45 70.21 28.45 27.92
C LEU F 45 69.38 28.73 26.68
N ARG F 46 68.09 28.40 26.76
CA ARG F 46 67.13 28.68 25.71
C ARG F 46 65.80 29.11 26.31
N ARG F 47 64.97 29.75 25.50
CA ARG F 47 63.72 30.33 25.96
C ARG F 47 62.60 29.31 25.85
N LEU F 48 62.08 28.87 26.99
CA LEU F 48 61.04 27.87 27.03
C LEU F 48 59.73 28.44 26.51
N ALA F 49 58.86 27.57 26.00
CA ALA F 49 57.58 28.00 25.47
C ALA F 49 56.57 28.21 26.59
N TYR F 50 56.85 27.61 27.74
CA TYR F 50 56.07 27.83 28.94
C TYR F 50 57.00 27.79 30.14
N PRO F 51 56.68 28.57 31.18
CA PRO F 51 57.53 28.59 32.37
C PRO F 51 57.67 27.24 33.06
N ILE F 52 58.91 26.84 33.31
CA ILE F 52 59.21 25.62 34.04
C ILE F 52 59.86 25.99 35.35
N ALA F 53 59.29 25.52 36.46
CA ALA F 53 59.73 25.90 37.79
C ALA F 53 59.79 27.42 37.90
N LYS F 54 58.75 28.08 37.40
CA LYS F 54 58.58 29.53 37.49
C LYS F 54 59.60 30.31 36.64
N ASP F 55 60.54 29.60 36.04
CA ASP F 55 61.61 30.25 35.27
C ASP F 55 61.34 30.21 33.77
N PRO F 56 61.42 31.38 33.10
CA PRO F 56 61.14 31.56 31.68
C PRO F 56 62.13 30.90 30.73
N GLN F 57 63.29 30.48 31.23
CA GLN F 57 64.31 29.85 30.39
C GLN F 57 64.80 28.53 30.99
N GLY F 58 65.72 27.87 30.28
CA GLY F 58 66.32 26.65 30.80
C GLY F 58 67.63 26.26 30.14
N TYR F 59 68.47 25.52 30.85
CA TYR F 59 69.78 25.15 30.32
C TYR F 59 69.74 23.70 29.82
N PHE F 60 70.23 23.48 28.60
CA PHE F 60 70.03 22.20 27.93
C PHE F 60 71.28 21.34 27.76
N LEU F 61 71.17 20.07 28.15
CA LEU F 61 72.20 19.08 27.95
C LEU F 61 71.64 17.90 27.16
N TRP F 62 72.44 17.38 26.23
CA TRP F 62 72.03 16.26 25.38
C TRP F 62 73.16 15.25 25.25
N TYR F 63 72.91 14.02 25.69
CA TYR F 63 73.93 12.98 25.60
C TYR F 63 73.45 11.82 24.74
N GLN F 64 74.21 11.43 23.72
CA GLN F 64 73.90 10.21 23.01
C GLN F 64 74.70 9.07 23.61
N VAL F 65 74.05 8.11 24.26
CA VAL F 65 74.78 7.09 24.98
C VAL F 65 74.47 5.67 24.52
N GLU F 66 75.20 4.72 25.09
CA GLU F 66 74.90 3.30 24.92
C GLU F 66 74.99 2.65 26.30
N MET F 67 73.91 2.03 26.72
CA MET F 67 73.83 1.47 28.06
C MET F 67 72.98 0.22 28.11
N PRO F 68 73.18 -0.62 29.16
CA PRO F 68 72.28 -1.75 29.35
C PRO F 68 70.85 -1.28 29.59
N GLU F 69 69.92 -1.87 28.84
CA GLU F 69 68.53 -1.46 28.86
C GLU F 69 67.93 -1.56 30.25
N ASP F 70 68.22 -2.66 30.92
CA ASP F 70 67.61 -2.99 32.20
C ASP F 70 67.68 -1.88 33.23
N ARG F 71 68.75 -1.09 33.20
CA ARG F 71 68.91 -0.03 34.19
C ARG F 71 68.53 1.38 33.72
N VAL F 72 68.06 1.53 32.48
CA VAL F 72 67.75 2.86 31.94
C VAL F 72 66.75 3.63 32.81
N ASN F 73 65.63 3.00 33.12
CA ASN F 73 64.66 3.59 34.03
C ASN F 73 65.37 3.94 35.33
N ASP F 74 66.11 2.96 35.87
CA ASP F 74 66.79 3.13 37.13
C ASP F 74 67.74 4.32 37.08
N LEU F 75 68.22 4.64 35.88
CA LEU F 75 69.10 5.79 35.71
C LEU F 75 68.32 7.07 35.93
N ALA F 76 67.21 7.22 35.19
CA ALA F 76 66.46 8.46 35.17
C ALA F 76 66.14 8.90 36.60
N ARG F 77 65.73 7.94 37.42
CA ARG F 77 65.44 8.18 38.83
C ARG F 77 66.53 9.02 39.46
N GLU F 78 67.76 8.48 39.46
CA GLU F 78 68.91 9.16 40.03
C GLU F 78 69.07 10.56 39.44
N LEU F 79 68.97 10.67 38.12
CA LEU F 79 69.14 11.95 37.46
C LEU F 79 68.12 12.99 37.90
N ARG F 80 66.97 12.53 38.39
CA ARG F 80 65.91 13.43 38.78
C ARG F 80 66.02 13.86 40.24
N ILE F 81 67.00 13.30 40.96
CA ILE F 81 67.15 13.60 42.38
C ILE F 81 67.56 15.05 42.60
N ARG F 82 68.54 15.49 41.81
CA ARG F 82 69.09 16.84 41.95
C ARG F 82 68.03 17.92 41.76
N ASP F 83 67.98 18.87 42.70
CA ASP F 83 67.01 19.96 42.65
C ASP F 83 67.19 20.78 41.39
N ASN F 84 68.44 20.98 41.00
CA ASN F 84 68.76 21.85 39.88
C ASN F 84 68.41 21.24 38.53
N VAL F 85 68.01 19.97 38.52
CA VAL F 85 67.62 19.33 37.28
C VAL F 85 66.09 19.30 37.18
N ARG F 86 65.54 20.13 36.32
CA ARG F 86 64.10 20.26 36.23
C ARG F 86 63.47 19.39 35.15
N ARG F 87 64.27 18.81 34.26
CA ARG F 87 63.74 17.89 33.27
C ARG F 87 64.70 16.77 32.89
N VAL F 88 64.17 15.57 32.76
CA VAL F 88 64.92 14.45 32.23
C VAL F 88 64.04 13.69 31.25
N MET F 89 64.49 13.53 30.02
CA MET F 89 63.77 12.67 29.08
C MET F 89 64.75 11.79 28.32
N VAL F 90 64.62 10.47 28.50
CA VAL F 90 65.49 9.52 27.84
C VAL F 90 64.74 8.87 26.69
N VAL F 91 65.37 8.78 25.52
CA VAL F 91 64.69 8.27 24.33
C VAL F 91 65.55 7.28 23.56
N LYS F 92 64.99 6.13 23.20
CA LYS F 92 65.70 5.21 22.31
C LYS F 92 65.97 5.91 20.99
N SER F 93 67.23 5.89 20.58
CA SER F 93 67.64 6.56 19.35
C SER F 93 66.98 5.92 18.14
N GLN F 94 66.70 6.72 17.12
CA GLN F 94 66.03 6.24 15.92
C GLN F 94 66.67 6.83 14.68
N GLU F 95 66.76 6.05 13.61
CA GLU F 95 67.26 6.55 12.35
C GLU F 95 66.34 7.66 11.87
N PRO F 96 66.92 8.79 11.45
CA PRO F 96 66.13 9.96 11.03
C PRO F 96 65.18 9.65 9.89
N PHE F 97 63.96 10.15 9.97
CA PHE F 97 62.98 9.97 8.92
C PHE F 97 62.81 11.29 8.19
N LEU F 98 63.31 11.38 6.97
CA LEU F 98 63.34 12.65 6.26
C LEU F 98 62.05 12.88 5.49
N ALA F 99 61.59 14.12 5.48
CA ALA F 99 60.41 14.49 4.72
C ALA F 99 60.78 15.46 3.62
N ASN F 100 59.97 15.49 2.56
CA ASN F 100 60.20 16.38 1.42
C ASN F 100 61.59 16.16 0.82
N ALA F 101 61.91 14.90 0.51
CA ALA F 101 63.21 14.55 -0.04
C ALA F 101 63.11 14.23 -1.52
N ALA G 1 -1.34 39.92 2.07
CA ALA G 1 -0.48 39.95 0.89
C ALA G 1 0.58 38.86 0.95
N ARG G 2 0.18 37.63 0.69
CA ARG G 2 1.13 36.52 0.74
C ARG G 2 1.96 36.43 -0.54
N ARG G 3 1.34 36.75 -1.67
CA ARG G 3 2.03 36.62 -2.95
C ARG G 3 2.81 37.88 -3.31
N ARG G 4 2.09 38.95 -3.64
CA ARG G 4 2.71 40.18 -4.14
C ARG G 4 3.34 41.02 -3.03
N ARG G 5 3.82 42.20 -3.41
CA ARG G 5 4.36 43.16 -2.44
C ARG G 5 3.33 44.22 -2.06
N ALA G 6 2.14 44.15 -2.67
CA ALA G 6 1.03 45.04 -2.34
C ALA G 6 1.36 46.53 -2.50
N GLU G 7 1.44 46.98 -3.74
CA GLU G 7 1.76 48.37 -4.05
C GLU G 7 0.78 49.37 -3.42
N VAL G 8 1.28 50.55 -3.10
CA VAL G 8 0.52 51.57 -2.37
C VAL G 8 -0.40 52.36 -3.28
N ARG G 9 -1.59 52.66 -2.79
CA ARG G 9 -2.54 53.49 -3.50
C ARG G 9 -2.06 54.92 -3.64
N GLN G 10 -2.06 55.44 -4.86
CA GLN G 10 -1.82 56.86 -5.07
C GLN G 10 -3.13 57.59 -4.87
N LEU G 11 -3.08 58.70 -4.16
CA LEU G 11 -4.27 59.48 -3.88
C LEU G 11 -4.32 60.70 -4.78
N GLN G 12 -5.53 61.10 -5.19
CA GLN G 12 -5.69 62.31 -5.97
C GLN G 12 -5.30 63.51 -5.13
N PRO G 13 -4.62 64.49 -5.75
CA PRO G 13 -4.16 65.69 -5.05
C PRO G 13 -5.30 66.50 -4.46
N ASP G 14 -4.98 67.36 -3.51
CA ASP G 14 -5.98 68.22 -2.89
C ASP G 14 -6.55 69.22 -3.89
N LEU G 15 -7.83 69.53 -3.73
CA LEU G 15 -8.50 70.47 -4.63
C LEU G 15 -8.10 71.91 -4.32
N VAL G 16 -7.44 72.11 -3.18
CA VAL G 16 -7.07 73.45 -2.74
C VAL G 16 -5.57 73.63 -2.72
N TYR G 17 -4.89 72.88 -1.85
CA TYR G 17 -3.45 73.03 -1.69
C TYR G 17 -2.68 72.10 -2.62
N GLY G 18 -3.41 71.25 -3.35
CA GLY G 18 -2.80 70.34 -4.30
C GLY G 18 -1.82 69.37 -3.68
N ASP G 19 -2.06 69.04 -2.41
CA ASP G 19 -1.18 68.14 -1.68
C ASP G 19 -1.88 66.81 -1.41
N VAL G 20 -1.17 65.71 -1.64
CA VAL G 20 -1.73 64.38 -1.42
C VAL G 20 -1.89 64.09 0.07
N LEU G 21 -0.97 64.61 0.87
CA LEU G 21 -1.02 64.42 2.32
C LEU G 21 -2.30 65.00 2.89
N VAL G 22 -2.69 66.16 2.37
CA VAL G 22 -3.95 66.77 2.74
C VAL G 22 -5.08 65.78 2.48
N THR G 23 -5.17 65.29 1.25
CA THR G 23 -6.20 64.33 0.86
C THR G 23 -6.26 63.15 1.81
N ALA G 24 -5.09 62.62 2.15
CA ALA G 24 -4.99 61.51 3.09
C ALA G 24 -5.66 61.88 4.41
N PHE G 25 -5.33 63.06 4.92
CA PHE G 25 -5.93 63.52 6.16
C PHE G 25 -7.45 63.62 6.02
N ILE G 26 -7.90 64.12 4.87
CA ILE G 26 -9.33 64.23 4.58
C ILE G 26 -9.97 62.87 4.70
N ASN G 27 -9.30 61.86 4.16
CA ASN G 27 -9.84 60.51 4.16
C ASN G 27 -9.90 59.94 5.56
N LYS G 28 -8.89 60.23 6.38
CA LYS G 28 -8.91 59.74 7.75
C LYS G 28 -10.02 60.42 8.56
N ILE G 29 -10.32 61.66 8.22
CA ILE G 29 -11.41 62.38 8.87
C ILE G 29 -12.76 61.81 8.44
N MET G 30 -12.81 61.30 7.21
CA MET G 30 -14.06 60.83 6.62
C MET G 30 -14.73 59.75 7.45
N ARG G 31 -16.05 59.76 7.45
CA ARG G 31 -16.85 58.86 8.26
C ARG G 31 -18.05 58.42 7.43
N ASP G 32 -18.27 57.11 7.34
CA ASP G 32 -19.38 56.54 6.57
C ASP G 32 -19.36 57.02 5.12
N GLY G 33 -18.17 57.31 4.62
CA GLY G 33 -18.02 57.65 3.22
C GLY G 33 -18.57 59.01 2.79
N LYS G 34 -18.71 59.94 3.73
CA LYS G 34 -19.05 61.30 3.34
C LYS G 34 -17.77 62.10 3.20
N LYS G 35 -17.38 62.37 1.96
CA LYS G 35 -16.15 63.12 1.72
C LYS G 35 -16.41 64.60 1.81
N ASN G 36 -17.62 64.99 1.42
CA ASN G 36 -17.98 66.40 1.36
C ASN G 36 -17.87 67.00 2.75
N LEU G 37 -18.62 66.42 3.68
CA LEU G 37 -18.58 66.84 5.07
C LEU G 37 -17.15 66.85 5.63
N ALA G 38 -16.34 65.90 5.20
CA ALA G 38 -14.96 65.82 5.65
C ALA G 38 -14.19 67.05 5.19
N ALA G 39 -14.26 67.34 3.91
CA ALA G 39 -13.61 68.50 3.34
C ALA G 39 -14.08 69.77 4.04
N ARG G 40 -15.38 69.87 4.27
CA ARG G 40 -15.97 70.93 5.07
C ARG G 40 -15.18 71.10 6.35
N ILE G 41 -15.15 70.04 7.15
CA ILE G 41 -14.44 70.06 8.42
C ILE G 41 -13.02 70.55 8.28
N PHE G 42 -12.24 69.94 7.39
CA PHE G 42 -10.82 70.28 7.32
C PHE G 42 -10.57 71.70 6.85
N TYR G 43 -11.33 72.16 5.87
CA TYR G 43 -11.11 73.49 5.32
C TYR G 43 -11.56 74.56 6.30
N ASP G 44 -12.70 74.34 6.95
CA ASP G 44 -13.12 75.23 8.01
C ASP G 44 -12.02 75.30 9.06
N ALA G 45 -11.44 74.14 9.35
CA ALA G 45 -10.34 74.07 10.31
C ALA G 45 -9.18 74.93 9.84
N CYS G 46 -8.88 74.88 8.55
CA CYS G 46 -7.79 75.66 7.98
C CYS G 46 -8.04 77.15 8.11
N LYS G 47 -9.29 77.55 7.95
CA LYS G 47 -9.62 78.96 8.06
C LYS G 47 -9.61 79.37 9.53
N ILE G 48 -9.72 78.39 10.42
CA ILE G 48 -9.56 78.65 11.85
C ILE G 48 -8.08 78.67 12.23
N ILE G 49 -7.23 78.08 11.41
CA ILE G 49 -5.79 78.07 11.68
C ILE G 49 -5.25 79.48 11.51
N GLN G 50 -5.87 80.26 10.64
CA GLN G 50 -5.54 81.68 10.57
C GLN G 50 -6.37 82.43 11.60
N GLU G 51 -6.10 83.72 11.75
CA GLU G 51 -6.67 84.59 12.80
C GLU G 51 -6.54 83.92 14.18
N LYS G 52 -5.58 83.00 14.27
CA LYS G 52 -5.11 82.42 15.51
C LYS G 52 -3.60 82.45 15.37
N THR G 53 -3.12 81.73 14.38
CA THR G 53 -1.74 81.85 13.90
C THR G 53 -1.77 82.64 12.60
N GLY G 54 -0.76 83.50 12.40
CA GLY G 54 -0.68 84.28 11.17
C GLY G 54 -0.13 83.50 10.01
N GLN G 55 0.41 82.31 10.29
CA GLN G 55 1.05 81.50 9.25
C GLN G 55 0.04 80.84 8.32
N GLU G 56 0.55 80.13 7.32
CA GLU G 56 -0.31 79.42 6.38
C GLU G 56 -0.65 78.04 6.91
N PRO G 57 -1.95 77.73 6.98
CA PRO G 57 -2.45 76.47 7.57
C PRO G 57 -1.76 75.24 7.01
N LEU G 58 -1.32 75.30 5.76
CA LEU G 58 -0.59 74.19 5.18
C LEU G 58 0.67 73.88 5.97
N LYS G 59 1.46 74.91 6.24
CA LYS G 59 2.72 74.74 6.97
C LYS G 59 2.47 74.17 8.35
N VAL G 60 1.48 74.72 9.04
CA VAL G 60 1.11 74.28 10.37
C VAL G 60 0.75 72.79 10.34
N PHE G 61 -0.08 72.43 9.38
CA PHE G 61 -0.51 71.06 9.18
C PHE G 61 0.68 70.12 8.99
N LYS G 62 1.48 70.40 7.97
CA LYS G 62 2.62 69.56 7.64
C LYS G 62 3.59 69.42 8.82
N GLN G 63 3.80 70.50 9.56
CA GLN G 63 4.74 70.45 10.68
C GLN G 63 4.17 69.64 11.84
N ALA G 64 2.86 69.75 12.06
CA ALA G 64 2.22 68.93 13.09
C ALA G 64 2.41 67.46 12.74
N VAL G 65 2.01 67.11 11.52
CA VAL G 65 2.18 65.76 11.01
C VAL G 65 3.61 65.29 11.20
N GLU G 66 4.56 66.19 10.96
CA GLU G 66 5.97 65.86 11.11
C GLU G 66 6.32 65.60 12.57
N ASN G 67 5.64 66.29 13.49
CA ASN G 67 5.94 66.13 14.90
C ASN G 67 5.30 64.89 15.51
N VAL G 68 4.23 64.41 14.90
CA VAL G 68 3.53 63.25 15.44
C VAL G 68 4.20 61.93 15.01
N LYS G 69 4.97 61.96 13.93
CA LYS G 69 5.60 60.75 13.41
C LYS G 69 6.54 60.07 14.40
N PRO G 70 6.22 58.84 14.81
CA PRO G 70 7.09 58.02 15.67
C PRO G 70 8.31 57.49 14.94
N ARG G 71 9.49 57.56 15.55
CA ARG G 71 10.69 57.00 14.95
C ARG G 71 10.89 55.54 15.35
N MET G 72 10.19 55.11 16.39
CA MET G 72 10.33 53.75 16.92
C MET G 72 9.00 53.24 17.47
N GLU G 73 8.72 51.97 17.27
CA GLU G 73 7.53 51.38 17.87
C GLU G 73 7.84 49.99 18.37
N VAL G 74 6.93 49.41 19.13
CA VAL G 74 7.15 48.09 19.69
C VAL G 74 6.12 47.08 19.19
N ARG G 75 6.61 46.02 18.55
CA ARG G 75 5.75 44.94 18.07
C ARG G 75 6.00 43.66 18.86
N SER G 76 4.94 42.90 19.12
CA SER G 76 5.05 41.67 19.89
C SER G 76 5.70 40.55 19.09
N ARG G 77 6.34 39.62 19.79
CA ARG G 77 6.89 38.43 19.15
C ARG G 77 6.87 37.23 20.10
N ARG G 78 6.56 36.06 19.57
CA ARG G 78 6.53 34.83 20.36
C ARG G 78 7.87 34.12 20.24
N VAL G 79 8.61 34.06 21.36
CA VAL G 79 9.92 33.42 21.36
C VAL G 79 10.08 32.46 22.53
N GLY G 80 10.30 31.18 22.20
CA GLY G 80 10.64 30.17 23.18
C GLY G 80 9.72 30.00 24.37
N GLY G 81 8.44 30.28 24.18
CA GLY G 81 7.45 30.07 25.23
C GLY G 81 6.94 31.31 25.93
N ALA G 82 7.40 32.47 25.50
CA ALA G 82 6.88 33.72 26.03
C ALA G 82 6.67 34.74 24.92
N ASN G 83 6.09 35.88 25.28
CA ASN G 83 5.82 36.93 24.31
C ASN G 83 6.52 38.22 24.70
N TYR G 84 7.50 38.60 23.90
CA TYR G 84 8.32 39.76 24.20
C TYR G 84 7.90 40.96 23.37
N GLN G 85 8.04 42.14 23.98
CA GLN G 85 7.75 43.39 23.31
C GLN G 85 9.03 43.89 22.65
N VAL G 86 9.06 43.86 21.33
CA VAL G 86 10.29 44.12 20.60
C VAL G 86 10.28 45.49 19.97
N PRO G 87 11.26 46.33 20.32
CA PRO G 87 11.40 47.64 19.71
C PRO G 87 11.95 47.54 18.30
N MET G 88 11.55 48.45 17.42
CA MET G 88 12.11 48.51 16.07
C MET G 88 11.60 49.71 15.30
N GLU G 89 12.29 50.00 14.21
CA GLU G 89 12.08 51.21 13.45
C GLU G 89 10.74 51.21 12.74
N VAL G 90 10.28 52.39 12.38
CA VAL G 90 9.00 52.54 11.70
C VAL G 90 9.22 53.05 10.29
N SER G 91 8.83 52.25 9.30
CA SER G 91 8.90 52.66 7.90
C SER G 91 8.15 53.97 7.71
N PRO G 92 8.66 54.85 6.83
CA PRO G 92 8.08 56.18 6.60
C PRO G 92 6.57 56.14 6.33
N ARG G 93 6.12 55.17 5.54
CA ARG G 93 4.70 55.03 5.24
C ARG G 93 3.90 54.87 6.53
N ARG G 94 4.32 53.94 7.38
CA ARG G 94 3.61 53.70 8.62
C ARG G 94 3.71 54.91 9.53
N GLN G 95 4.83 55.63 9.45
CA GLN G 95 4.97 56.87 10.19
C GLN G 95 3.84 57.82 9.83
N GLN G 96 3.63 57.99 8.53
CA GLN G 96 2.58 58.87 8.05
C GLN G 96 1.20 58.40 8.49
N SER G 97 0.96 57.09 8.36
CA SER G 97 -0.33 56.52 8.70
C SER G 97 -0.67 56.75 10.16
N LEU G 98 0.26 56.37 11.03
CA LEU G 98 0.09 56.52 12.47
C LEU G 98 -0.06 57.98 12.84
N ALA G 99 0.70 58.84 12.18
CA ALA G 99 0.65 60.27 12.46
C ALA G 99 -0.75 60.81 12.20
N LEU G 100 -1.24 60.63 10.97
CA LEU G 100 -2.55 61.15 10.60
C LEU G 100 -3.65 60.55 11.47
N ARG G 101 -3.64 59.23 11.63
CA ARG G 101 -4.64 58.56 12.44
C ARG G 101 -4.69 59.14 13.85
N TRP G 102 -3.53 59.19 14.49
CA TRP G 102 -3.44 59.74 15.84
C TRP G 102 -3.95 61.17 15.90
N LEU G 103 -3.62 61.97 14.89
CA LEU G 103 -4.10 63.34 14.84
C LEU G 103 -5.62 63.38 14.89
N VAL G 104 -6.27 62.58 14.07
CA VAL G 104 -7.72 62.57 14.03
C VAL G 104 -8.33 62.08 15.34
N GLN G 105 -7.80 60.98 15.86
CA GLN G 105 -8.33 60.41 17.09
C GLN G 105 -8.21 61.39 18.25
N ALA G 106 -7.01 61.94 18.43
CA ALA G 106 -6.76 62.92 19.47
C ALA G 106 -7.68 64.11 19.29
N ALA G 107 -7.90 64.49 18.04
CA ALA G 107 -8.79 65.60 17.73
C ALA G 107 -10.18 65.34 18.25
N ASN G 108 -10.69 64.12 18.03
CA ASN G 108 -12.03 63.79 18.48
C ASN G 108 -12.09 63.49 19.96
N GLN G 109 -10.94 63.42 20.59
CA GLN G 109 -10.88 63.28 22.05
C GLN G 109 -11.05 64.64 22.73
N ARG G 110 -10.80 65.71 21.98
CA ARG G 110 -10.80 67.06 22.52
C ARG G 110 -12.18 67.49 23.04
N PRO G 111 -12.20 68.44 24.00
CA PRO G 111 -13.43 68.98 24.58
C PRO G 111 -14.25 69.85 23.66
N GLU G 112 -13.60 70.46 22.67
CA GLU G 112 -14.23 71.45 21.81
C GLU G 112 -15.52 70.94 21.19
N ARG G 113 -16.51 71.81 21.05
CA ARG G 113 -17.87 71.40 20.73
C ARG G 113 -18.03 70.87 19.30
N ARG G 114 -17.51 71.60 18.31
CA ARG G 114 -17.71 71.19 16.92
C ARG G 114 -16.41 70.81 16.22
N ALA G 115 -16.55 69.94 15.21
CA ALA G 115 -15.45 69.26 14.53
C ALA G 115 -14.30 70.16 14.11
N ALA G 116 -14.58 71.11 13.22
CA ALA G 116 -13.55 71.96 12.65
C ALA G 116 -12.67 72.60 13.74
N VAL G 117 -13.29 73.03 14.82
CA VAL G 117 -12.57 73.61 15.94
C VAL G 117 -11.63 72.57 16.54
N ARG G 118 -12.13 71.37 16.73
CA ARG G 118 -11.34 70.29 17.30
C ARG G 118 -10.10 69.99 16.47
N ILE G 119 -10.31 69.80 15.16
CA ILE G 119 -9.21 69.49 14.25
C ILE G 119 -8.21 70.64 14.24
N ALA G 120 -8.72 71.87 14.18
CA ALA G 120 -7.87 73.05 14.16
C ALA G 120 -6.98 73.11 15.39
N HIS G 121 -7.61 73.09 16.56
CA HIS G 121 -6.89 73.19 17.82
C HIS G 121 -5.87 72.07 17.98
N GLU G 122 -6.28 70.84 17.66
CA GLU G 122 -5.36 69.71 17.76
C GLU G 122 -4.17 69.93 16.84
N LEU G 123 -4.45 70.29 15.59
CA LEU G 123 -3.41 70.60 14.62
C LEU G 123 -2.40 71.60 15.18
N MET G 124 -2.91 72.69 15.74
CA MET G 124 -2.05 73.73 16.29
C MET G 124 -1.19 73.23 17.45
N ASP G 125 -1.85 72.68 18.46
CA ASP G 125 -1.16 72.19 19.66
C ASP G 125 -0.07 71.20 19.28
N ALA G 126 -0.40 70.29 18.39
CA ALA G 126 0.55 69.30 17.93
C ALA G 126 1.68 69.97 17.18
N ALA G 127 1.35 71.03 16.45
CA ALA G 127 2.35 71.74 15.67
C ALA G 127 3.38 72.37 16.59
N GLU G 128 2.94 72.86 17.75
CA GLU G 128 3.89 73.46 18.68
C GLU G 128 4.40 72.46 19.73
N GLY G 129 4.00 71.20 19.58
CA GLY G 129 4.59 70.12 20.37
C GLY G 129 3.87 69.62 21.61
N LYS G 130 2.59 69.92 21.74
CA LYS G 130 1.81 69.43 22.87
C LYS G 130 0.48 68.84 22.41
N GLY G 131 -0.24 68.19 23.31
CA GLY G 131 -1.54 67.62 22.98
C GLY G 131 -1.55 66.12 22.84
N GLY G 132 -2.75 65.54 22.77
CA GLY G 132 -2.93 64.10 22.76
C GLY G 132 -2.12 63.30 21.76
N ALA G 133 -2.00 63.82 20.54
CA ALA G 133 -1.24 63.14 19.50
C ALA G 133 0.21 62.97 19.90
N VAL G 134 0.85 64.08 20.26
CA VAL G 134 2.24 64.06 20.65
C VAL G 134 2.42 63.17 21.89
N LYS G 135 1.38 63.12 22.72
CA LYS G 135 1.39 62.24 23.88
C LYS G 135 1.48 60.80 23.42
N LYS G 136 0.71 60.46 22.40
CA LYS G 136 0.76 59.12 21.82
C LYS G 136 2.15 58.82 21.31
N LYS G 137 2.67 59.74 20.49
CA LYS G 137 4.00 59.58 19.90
C LYS G 137 5.06 59.31 20.94
N GLU G 138 5.07 60.13 21.99
CA GLU G 138 6.08 60.02 23.03
C GLU G 138 5.87 58.77 23.85
N ASP G 139 4.62 58.36 24.03
CA ASP G 139 4.30 57.13 24.75
C ASP G 139 4.87 55.92 24.03
N VAL G 140 4.68 55.90 22.71
CA VAL G 140 5.18 54.81 21.88
C VAL G 140 6.68 54.78 21.89
N GLU G 141 7.30 55.92 21.59
CA GLU G 141 8.77 55.99 21.59
C GLU G 141 9.34 55.67 22.98
N ARG G 142 8.53 55.84 24.01
CA ARG G 142 8.94 55.49 25.37
C ARG G 142 8.85 53.98 25.57
N MET G 143 7.79 53.37 25.04
CA MET G 143 7.62 51.93 25.12
C MET G 143 8.82 51.23 24.49
N ALA G 144 9.10 51.54 23.24
CA ALA G 144 10.33 51.13 22.63
C ALA G 144 11.45 51.80 23.40
N GLU G 145 12.61 51.15 23.43
CA GLU G 145 13.80 51.67 24.12
C GLU G 145 13.66 51.55 25.65
N ALA G 146 12.44 51.36 26.14
CA ALA G 146 12.27 50.87 27.50
C ALA G 146 12.44 49.36 27.45
N ASN G 147 12.19 48.83 26.26
CA ASN G 147 12.36 47.42 25.94
C ASN G 147 13.71 47.14 25.28
N ARG G 148 14.61 48.11 25.32
CA ARG G 148 15.89 48.08 24.58
C ARG G 148 16.59 46.73 24.63
N ALA G 149 16.52 46.07 25.77
CA ALA G 149 17.15 44.78 25.95
C ALA G 149 16.68 43.74 24.94
N TYR G 150 15.53 43.96 24.32
CA TYR G 150 15.00 42.98 23.39
C TYR G 150 15.32 43.31 21.93
N ALA G 151 16.12 44.34 21.72
CA ALA G 151 16.42 44.83 20.37
C ALA G 151 17.11 43.81 19.47
N HIS G 152 17.58 42.70 20.02
CA HIS G 152 18.25 41.69 19.22
C HIS G 152 17.26 40.64 18.69
N TYR G 153 15.98 40.83 19.03
CA TYR G 153 14.90 40.01 18.51
C TYR G 153 14.31 40.61 17.23
N ARG G 154 15.01 41.63 16.72
CA ARG G 154 14.49 42.57 15.73
C ARG G 154 13.64 41.97 14.61
N TRP G 155 14.25 41.17 13.74
CA TRP G 155 13.55 40.50 12.64
C TRP G 155 12.98 41.49 11.60
N MET H 1 43.15 -26.81 3.57
CA MET H 1 43.29 -27.59 2.35
C MET H 1 41.95 -27.89 1.72
N LEU H 2 41.98 -28.52 0.55
CA LEU H 2 40.75 -28.99 -0.08
C LEU H 2 40.25 -30.21 0.67
N THR H 3 39.00 -30.18 1.11
CA THR H 3 38.42 -31.33 1.77
C THR H 3 37.93 -32.35 0.75
N ASP H 4 37.30 -31.87 -0.32
CA ASP H 4 36.86 -32.75 -1.39
C ASP H 4 37.36 -32.25 -2.73
N PRO H 5 38.50 -32.77 -3.19
CA PRO H 5 39.10 -32.43 -4.48
C PRO H 5 38.14 -32.60 -5.65
N ILE H 6 37.39 -33.71 -5.68
CA ILE H 6 36.50 -33.98 -6.80
C ILE H 6 35.36 -32.98 -6.83
N ALA H 7 34.78 -32.72 -5.66
CA ALA H 7 33.71 -31.75 -5.56
C ALA H 7 34.24 -30.40 -5.98
N ASP H 8 35.48 -30.13 -5.61
CA ASP H 8 36.10 -28.87 -5.94
C ASP H 8 36.24 -28.72 -7.44
N MET H 9 36.60 -29.80 -8.12
CA MET H 9 36.74 -29.77 -9.58
C MET H 9 35.39 -29.54 -10.22
N LEU H 10 34.39 -30.29 -9.79
CA LEU H 10 33.06 -30.15 -10.36
C LEU H 10 32.59 -28.71 -10.21
N THR H 11 32.90 -28.14 -9.06
CA THR H 11 32.51 -26.76 -8.78
C THR H 11 33.27 -25.79 -9.65
N ARG H 12 34.57 -26.03 -9.83
CA ARG H 12 35.37 -25.19 -10.70
C ARG H 12 34.74 -25.15 -12.07
N ILE H 13 34.36 -26.31 -12.57
CA ILE H 13 33.72 -26.42 -13.87
C ILE H 13 32.42 -25.64 -13.89
N ARG H 14 31.58 -25.83 -12.87
CA ARG H 14 30.30 -25.15 -12.83
C ARG H 14 30.46 -23.64 -12.91
N ASN H 15 31.25 -23.12 -11.99
CA ASN H 15 31.51 -21.68 -11.89
C ASN H 15 32.10 -21.14 -13.19
N ALA H 16 33.05 -21.87 -13.76
CA ALA H 16 33.69 -21.44 -14.99
C ALA H 16 32.69 -21.38 -16.13
N THR H 17 31.85 -22.39 -16.25
CA THR H 17 30.86 -22.43 -17.31
C THR H 17 29.85 -21.30 -17.19
N ARG H 18 29.48 -20.95 -15.95
CA ARG H 18 28.43 -19.95 -15.78
C ARG H 18 28.80 -18.57 -16.32
N VAL H 19 30.08 -18.23 -16.29
CA VAL H 19 30.55 -16.97 -16.87
C VAL H 19 31.09 -17.19 -18.28
N TYR H 20 30.93 -18.41 -18.79
CA TYR H 20 31.30 -18.77 -20.16
C TYR H 20 32.80 -18.64 -20.39
N LYS H 21 33.58 -19.10 -19.43
CA LYS H 21 35.03 -19.14 -19.55
C LYS H 21 35.42 -20.03 -20.72
N GLU H 22 36.54 -19.70 -21.35
CA GLU H 22 37.08 -20.51 -22.43
C GLU H 22 37.54 -21.87 -21.89
N SER H 23 38.37 -21.83 -20.86
CA SER H 23 38.82 -23.04 -20.20
C SER H 23 39.03 -22.76 -18.72
N THR H 24 39.37 -23.80 -17.96
CA THR H 24 39.69 -23.64 -16.55
C THR H 24 40.66 -24.68 -16.04
N ASP H 25 41.57 -24.30 -15.16
CA ASP H 25 42.55 -25.25 -14.63
C ASP H 25 42.07 -25.87 -13.32
N VAL H 26 42.37 -27.14 -13.13
CA VAL H 26 42.11 -27.78 -11.84
C VAL H 26 43.33 -28.60 -11.44
N PRO H 27 43.69 -28.58 -10.15
CA PRO H 27 44.83 -29.34 -9.65
C PRO H 27 44.78 -30.80 -10.07
N ALA H 28 45.89 -31.33 -10.53
CA ALA H 28 45.89 -32.63 -11.22
C ALA H 28 45.86 -33.82 -10.29
N SER H 29 44.98 -34.77 -10.59
CA SER H 29 45.00 -36.08 -9.96
C SER H 29 44.50 -37.12 -10.96
N ARG H 30 45.04 -38.32 -10.88
CA ARG H 30 44.66 -39.38 -11.81
C ARG H 30 43.16 -39.62 -11.75
N PHE H 31 42.58 -39.51 -10.57
CA PHE H 31 41.16 -39.69 -10.41
C PHE H 31 40.41 -38.63 -11.19
N LYS H 32 40.77 -37.36 -10.98
CA LYS H 32 40.12 -36.25 -11.66
C LYS H 32 40.23 -36.43 -13.16
N GLU H 33 41.37 -36.95 -13.58
CA GLU H 33 41.65 -37.18 -14.99
C GLU H 33 40.71 -38.24 -15.55
N GLU H 34 40.58 -39.33 -14.81
CA GLU H 34 39.74 -40.44 -15.24
C GLU H 34 38.28 -40.00 -15.28
N ILE H 35 37.91 -39.04 -14.45
CA ILE H 35 36.56 -38.49 -14.49
C ILE H 35 36.40 -37.65 -15.75
N LEU H 36 37.37 -36.77 -15.98
CA LEU H 36 37.36 -35.89 -17.13
C LEU H 36 37.30 -36.66 -18.45
N ARG H 37 37.88 -37.85 -18.47
CA ARG H 37 37.81 -38.69 -19.67
C ARG H 37 36.37 -39.01 -19.99
N ILE H 38 35.66 -39.54 -19.00
CA ILE H 38 34.25 -39.88 -19.18
C ILE H 38 33.50 -38.63 -19.60
N LEU H 39 33.83 -37.53 -18.94
CA LEU H 39 33.15 -36.27 -19.19
C LEU H 39 33.29 -35.86 -20.65
N ALA H 40 34.49 -36.08 -21.19
CA ALA H 40 34.81 -35.71 -22.57
C ALA H 40 34.15 -36.63 -23.56
N ARG H 41 34.27 -37.93 -23.31
CA ARG H 41 33.68 -38.96 -24.15
C ARG H 41 32.18 -38.74 -24.29
N GLU H 42 31.51 -38.45 -23.17
CA GLU H 42 30.08 -38.22 -23.18
C GLU H 42 29.72 -36.88 -23.80
N GLY H 43 30.73 -36.03 -23.98
CA GLY H 43 30.56 -34.81 -24.74
C GLY H 43 30.17 -33.55 -23.99
N PHE H 44 30.47 -33.50 -22.69
CA PHE H 44 30.14 -32.33 -21.90
C PHE H 44 31.26 -31.29 -21.93
N ILE H 45 32.44 -31.69 -22.40
CA ILE H 45 33.54 -30.75 -22.56
C ILE H 45 34.20 -31.01 -23.91
N LYS H 46 34.82 -29.99 -24.48
CA LYS H 46 35.59 -30.17 -25.71
C LYS H 46 36.69 -31.19 -25.44
N GLY H 47 37.30 -31.09 -24.27
CA GLY H 47 38.35 -32.01 -23.87
C GLY H 47 39.24 -31.40 -22.81
N TYR H 48 40.17 -32.19 -22.29
CA TYR H 48 41.09 -31.71 -21.28
C TYR H 48 42.51 -31.94 -21.73
N GLU H 49 43.46 -31.23 -21.14
CA GLU H 49 44.86 -31.57 -21.36
C GLU H 49 45.71 -31.18 -20.17
N ARG H 50 46.82 -31.87 -19.99
CA ARG H 50 47.69 -31.61 -18.84
C ARG H 50 48.59 -30.42 -19.11
N VAL H 51 48.67 -29.51 -18.15
CA VAL H 51 49.58 -28.38 -18.27
C VAL H 51 50.35 -28.18 -16.99
N ASP H 52 51.25 -27.21 -17.00
CA ASP H 52 51.98 -26.86 -15.78
C ASP H 52 51.74 -25.40 -15.44
N VAL H 53 51.07 -25.16 -14.32
CA VAL H 53 50.94 -23.80 -13.81
C VAL H 53 51.99 -23.61 -12.74
N ASP H 54 52.79 -22.56 -12.89
CA ASP H 54 54.01 -22.41 -12.11
C ASP H 54 54.84 -23.66 -12.32
N GLY H 55 55.16 -24.37 -11.24
CA GLY H 55 55.91 -25.60 -11.35
C GLY H 55 55.08 -26.83 -11.05
N LYS H 56 53.76 -26.66 -11.01
CA LYS H 56 52.89 -27.72 -10.53
C LYS H 56 51.85 -28.15 -11.56
N PRO H 57 51.52 -29.46 -11.57
CA PRO H 57 50.63 -30.07 -12.57
C PRO H 57 49.18 -29.67 -12.44
N TYR H 58 48.56 -29.35 -13.58
CA TYR H 58 47.16 -28.98 -13.61
C TYR H 58 46.49 -29.61 -14.82
N LEU H 59 45.18 -29.58 -14.84
CA LEU H 59 44.42 -30.03 -16.00
C LEU H 59 43.59 -28.88 -16.52
N ARG H 60 43.84 -28.49 -17.76
CA ARG H 60 43.00 -27.52 -18.44
C ARG H 60 41.77 -28.22 -18.96
N VAL H 61 40.62 -27.78 -18.51
CA VAL H 61 39.36 -28.29 -19.01
C VAL H 61 38.79 -27.27 -19.95
N TYR H 62 38.62 -27.67 -21.21
CA TYR H 62 38.07 -26.80 -22.24
C TYR H 62 36.58 -26.99 -22.28
N LEU H 63 35.83 -25.98 -21.87
CA LEU H 63 34.39 -26.15 -21.74
C LEU H 63 33.71 -25.99 -23.09
N LYS H 64 32.41 -26.23 -23.09
CA LYS H 64 31.66 -26.33 -24.33
C LYS H 64 30.27 -25.78 -24.13
N TYR H 65 29.77 -25.02 -25.11
CA TYR H 65 28.49 -24.34 -24.96
C TYR H 65 27.66 -24.45 -26.22
N GLY H 66 26.47 -23.87 -26.19
CA GLY H 66 25.59 -23.89 -27.32
C GLY H 66 25.88 -22.73 -28.27
N PRO H 67 25.01 -22.54 -29.26
CA PRO H 67 25.10 -21.40 -30.16
C PRO H 67 24.55 -20.13 -29.53
N ARG H 68 24.99 -18.97 -29.99
CA ARG H 68 24.45 -17.70 -29.54
C ARG H 68 22.95 -17.67 -29.80
N ARG H 69 22.17 -17.03 -28.92
CA ARG H 69 20.72 -17.12 -29.04
C ARG H 69 20.08 -15.79 -29.44
N GLN H 70 18.76 -15.78 -29.57
CA GLN H 70 18.04 -14.60 -30.01
C GLN H 70 17.37 -13.90 -28.82
N GLY H 71 16.71 -12.77 -29.10
CA GLY H 71 16.01 -12.03 -28.07
C GLY H 71 16.92 -11.41 -27.03
N PRO H 72 16.37 -11.09 -25.86
CA PRO H 72 17.20 -10.62 -24.74
C PRO H 72 18.05 -11.78 -24.24
N ASP H 73 19.17 -11.48 -23.57
CA ASP H 73 20.05 -12.54 -23.09
C ASP H 73 20.46 -13.52 -24.19
N PRO H 74 21.35 -13.07 -25.09
CA PRO H 74 21.88 -13.89 -26.18
C PRO H 74 22.72 -15.05 -25.69
N ARG H 75 23.15 -15.02 -24.44
CA ARG H 75 24.08 -16.00 -23.92
C ARG H 75 23.62 -17.43 -24.20
N PRO H 76 24.52 -18.24 -24.76
CA PRO H 76 24.21 -19.57 -25.25
C PRO H 76 23.70 -20.51 -24.17
N GLU H 77 23.05 -21.59 -24.59
CA GLU H 77 22.62 -22.64 -23.68
C GLU H 77 23.85 -23.39 -23.19
N GLN H 78 23.83 -23.79 -21.92
CA GLN H 78 24.93 -24.55 -21.37
C GLN H 78 24.84 -25.99 -21.83
N VAL H 79 25.98 -26.60 -22.09
CA VAL H 79 26.02 -28.03 -22.39
C VAL H 79 25.93 -28.78 -21.07
N ILE H 80 26.56 -28.23 -20.05
CA ILE H 80 26.40 -28.76 -18.70
C ILE H 80 25.42 -27.86 -17.97
N HIS H 81 24.19 -28.35 -17.83
CA HIS H 81 23.18 -27.59 -17.11
C HIS H 81 23.38 -27.82 -15.64
N HIS H 82 23.65 -29.08 -15.31
CA HIS H 82 23.67 -29.55 -13.94
C HIS H 82 24.82 -30.50 -13.71
N ILE H 83 25.70 -30.19 -12.78
CA ILE H 83 26.74 -31.12 -12.39
C ILE H 83 26.84 -31.11 -10.87
N ARG H 84 26.56 -32.25 -10.24
CA ARG H 84 26.42 -32.26 -8.79
C ARG H 84 27.09 -33.45 -8.13
N ARG H 85 27.82 -33.18 -7.04
CA ARG H 85 28.49 -34.22 -6.28
C ARG H 85 27.50 -34.97 -5.39
N ILE H 86 27.59 -36.29 -5.40
CA ILE H 86 26.68 -37.14 -4.64
C ILE H 86 27.38 -37.73 -3.42
N SER H 87 28.31 -38.65 -3.63
CA SER H 87 29.05 -39.18 -2.51
C SER H 87 30.09 -38.16 -2.06
N LYS H 88 30.06 -37.80 -0.78
CA LYS H 88 30.94 -36.79 -0.24
C LYS H 88 31.70 -37.37 0.93
N PRO H 89 32.80 -36.72 1.34
CA PRO H 89 33.40 -37.16 2.60
C PRO H 89 32.40 -36.97 3.72
N GLY H 90 32.32 -37.90 4.65
CA GLY H 90 31.45 -37.68 5.78
C GLY H 90 30.03 -38.12 5.54
N ARG H 91 29.61 -38.19 4.28
CA ARG H 91 28.57 -39.16 3.91
C ARG H 91 28.86 -39.76 2.54
N ARG H 92 29.13 -41.06 2.49
CA ARG H 92 29.51 -41.69 1.25
C ARG H 92 28.38 -42.56 0.73
N VAL H 93 28.20 -42.53 -0.58
CA VAL H 93 27.07 -43.20 -1.21
C VAL H 93 27.55 -44.33 -2.10
N TYR H 94 27.23 -45.56 -1.71
CA TYR H 94 27.54 -46.73 -2.51
C TYR H 94 26.27 -47.37 -3.02
N VAL H 95 26.24 -47.75 -4.29
CA VAL H 95 25.05 -48.41 -4.82
C VAL H 95 25.40 -49.74 -5.46
N GLY H 96 24.49 -50.70 -5.33
CA GLY H 96 24.60 -51.97 -6.03
C GLY H 96 24.21 -51.77 -7.47
N VAL H 97 24.35 -52.81 -8.29
CA VAL H 97 24.08 -52.66 -9.71
C VAL H 97 22.60 -52.47 -9.98
N LYS H 98 21.76 -53.01 -9.11
CA LYS H 98 20.33 -52.85 -9.28
C LYS H 98 19.92 -51.48 -8.78
N GLU H 99 20.78 -50.85 -7.99
CA GLU H 99 20.48 -49.56 -7.38
C GLU H 99 21.07 -48.37 -8.15
N ILE H 100 21.73 -48.63 -9.28
CA ILE H 100 22.29 -47.56 -10.09
C ILE H 100 21.17 -46.70 -10.64
N PRO H 101 21.26 -45.37 -10.45
CA PRO H 101 20.18 -44.50 -10.90
C PRO H 101 20.11 -44.35 -12.40
N ARG H 102 19.09 -43.65 -12.87
CA ARG H 102 18.97 -43.31 -14.28
C ARG H 102 18.70 -41.81 -14.35
N VAL H 103 19.68 -41.08 -14.87
CA VAL H 103 19.64 -39.64 -14.81
C VAL H 103 18.83 -39.04 -15.95
N ARG H 104 17.80 -38.27 -15.61
CA ARG H 104 16.95 -37.60 -16.59
C ARG H 104 16.47 -38.57 -17.65
N ARG H 105 16.03 -39.74 -17.21
CA ARG H 105 15.55 -40.79 -18.10
C ARG H 105 16.48 -40.97 -19.28
N GLY H 106 17.77 -41.07 -19.00
CA GLY H 106 18.75 -41.38 -20.02
C GLY H 106 19.45 -40.16 -20.62
N LEU H 107 18.84 -39.00 -20.47
CA LEU H 107 19.38 -37.80 -21.09
C LEU H 107 20.62 -37.31 -20.34
N GLY H 108 20.74 -37.70 -19.09
CA GLY H 108 21.92 -37.38 -18.30
C GLY H 108 22.80 -38.58 -18.06
N ILE H 109 23.89 -38.38 -17.34
CA ILE H 109 24.72 -39.50 -16.90
C ILE H 109 24.96 -39.42 -15.41
N ALA H 110 25.42 -40.52 -14.84
CA ALA H 110 25.94 -40.53 -13.48
C ALA H 110 27.25 -41.28 -13.52
N ILE H 111 28.26 -40.75 -12.83
CA ILE H 111 29.58 -41.34 -12.88
C ILE H 111 29.82 -42.18 -11.64
N LEU H 112 30.16 -43.45 -11.84
CA LEU H 112 30.46 -44.35 -10.75
C LEU H 112 31.92 -44.70 -10.71
N SER H 113 32.41 -44.98 -9.51
CA SER H 113 33.71 -45.60 -9.38
C SER H 113 33.51 -47.05 -8.97
N THR H 114 33.86 -47.97 -9.87
CA THR H 114 33.72 -49.39 -9.60
C THR H 114 35.09 -50.04 -9.55
N SER H 115 35.14 -51.32 -9.22
CA SER H 115 36.41 -52.02 -9.18
C SER H 115 36.83 -52.38 -10.59
N LYS H 116 35.89 -52.24 -11.52
CA LYS H 116 36.16 -52.37 -12.94
C LYS H 116 36.52 -51.00 -13.51
N GLY H 117 36.64 -50.01 -12.62
CA GLY H 117 37.07 -48.67 -13.00
C GLY H 117 36.00 -47.62 -12.98
N VAL H 118 36.35 -46.40 -13.39
CA VAL H 118 35.37 -45.32 -13.41
C VAL H 118 34.50 -45.45 -14.64
N LEU H 119 33.20 -45.62 -14.44
CA LEU H 119 32.28 -45.89 -15.53
C LEU H 119 31.07 -44.98 -15.45
N THR H 120 30.26 -44.96 -16.51
CA THR H 120 28.99 -44.25 -16.45
C THR H 120 27.91 -45.22 -16.00
N ASP H 121 26.67 -44.74 -15.87
CA ASP H 121 25.59 -45.62 -15.46
C ASP H 121 25.36 -46.69 -16.51
N ARG H 122 25.30 -46.30 -17.77
CA ARG H 122 25.14 -47.24 -18.86
C ARG H 122 26.26 -48.27 -18.83
N GLU H 123 27.50 -47.78 -18.76
CA GLU H 123 28.68 -48.64 -18.81
C GLU H 123 28.71 -49.62 -17.66
N ALA H 124 28.48 -49.13 -16.46
CA ALA H 124 28.48 -49.98 -15.27
C ALA H 124 27.38 -51.04 -15.34
N ARG H 125 26.18 -50.61 -15.68
CA ARG H 125 25.05 -51.51 -15.76
C ARG H 125 25.33 -52.57 -16.80
N LYS H 126 26.09 -52.19 -17.82
CA LYS H 126 26.45 -53.09 -18.90
C LYS H 126 27.45 -54.13 -18.43
N LEU H 127 28.50 -53.70 -17.72
CA LEU H 127 29.47 -54.63 -17.16
C LEU H 127 28.90 -55.29 -15.91
N GLY H 128 27.76 -54.78 -15.46
CA GLY H 128 27.07 -55.35 -14.31
C GLY H 128 27.79 -55.20 -12.98
N VAL H 129 28.25 -54.00 -12.69
CA VAL H 129 28.92 -53.72 -11.42
C VAL H 129 28.42 -52.42 -10.82
N GLY H 130 28.37 -52.37 -9.50
CA GLY H 130 28.06 -51.14 -8.81
C GLY H 130 29.33 -50.52 -8.27
N GLY H 131 29.20 -49.54 -7.38
CA GLY H 131 30.35 -48.91 -6.78
C GLY H 131 29.98 -47.63 -6.07
N GLU H 132 30.95 -46.76 -5.88
CA GLU H 132 30.68 -45.47 -5.24
C GLU H 132 30.02 -44.58 -6.27
N LEU H 133 29.00 -43.85 -5.87
CA LEU H 133 28.31 -42.97 -6.79
C LEU H 133 28.93 -41.59 -6.68
N ILE H 134 29.71 -41.20 -7.68
CA ILE H 134 30.52 -40.00 -7.56
C ILE H 134 29.75 -38.72 -7.80
N CYS H 135 28.99 -38.68 -8.88
CA CYS H 135 28.26 -37.46 -9.22
C CYS H 135 27.19 -37.70 -10.27
N GLU H 136 26.44 -36.66 -10.59
CA GLU H 136 25.48 -36.77 -11.67
C GLU H 136 25.59 -35.53 -12.54
N VAL H 137 25.47 -35.72 -13.85
CA VAL H 137 25.62 -34.64 -14.82
C VAL H 137 24.51 -34.72 -15.84
N TRP H 138 23.91 -33.58 -16.18
CA TRP H 138 22.96 -33.54 -17.30
C TRP H 138 22.80 -32.15 -17.91
N GLU I 1 -15.59 76.81 -34.27
CA GLU I 1 -17.02 77.12 -34.11
C GLU I 1 -17.59 76.44 -32.88
N GLN I 2 -17.66 75.12 -32.90
CA GLN I 2 -18.17 74.34 -31.78
C GLN I 2 -17.49 72.98 -31.71
N TYR I 3 -17.24 72.49 -30.51
CA TYR I 3 -16.56 71.20 -30.38
C TYR I 3 -17.23 70.32 -29.32
N TYR I 4 -17.29 69.01 -29.57
CA TYR I 4 -18.12 68.16 -28.73
C TYR I 4 -17.38 66.97 -28.14
N GLY I 5 -17.79 66.59 -26.93
CA GLY I 5 -17.30 65.37 -26.32
C GLY I 5 -18.38 64.76 -25.44
N THR I 6 -18.23 63.49 -25.07
CA THR I 6 -19.25 62.86 -24.22
C THR I 6 -18.73 62.54 -22.82
N GLY I 7 -18.03 61.43 -22.67
CA GLY I 7 -17.52 61.05 -21.37
C GLY I 7 -18.58 60.40 -20.50
N ARG I 8 -18.15 59.47 -19.66
CA ARG I 8 -19.06 58.76 -18.76
C ARG I 8 -18.36 58.30 -17.50
N ARG I 9 -19.05 58.36 -16.38
CA ARG I 9 -18.55 57.76 -15.15
C ARG I 9 -19.69 57.17 -14.35
N LYS I 10 -19.54 55.92 -13.95
CA LYS I 10 -20.44 55.29 -12.99
C LYS I 10 -21.91 55.44 -13.39
N GLU I 11 -22.22 55.06 -14.62
CA GLU I 11 -23.57 55.20 -15.17
C GLU I 11 -24.08 56.63 -15.08
N ALA I 12 -23.28 57.56 -15.59
CA ALA I 12 -23.67 58.94 -15.75
C ALA I 12 -23.12 59.48 -17.06
N VAL I 13 -23.97 60.14 -17.85
CA VAL I 13 -23.55 60.70 -19.12
C VAL I 13 -23.64 62.23 -19.12
N ALA I 14 -22.70 62.84 -19.81
CA ALA I 14 -22.70 64.28 -19.97
C ALA I 14 -22.31 64.68 -21.39
N ARG I 15 -23.18 65.44 -22.06
CA ARG I 15 -22.81 66.02 -23.34
C ARG I 15 -22.08 67.32 -23.08
N VAL I 16 -20.88 67.44 -23.61
CA VAL I 16 -20.07 68.64 -23.41
C VAL I 16 -19.85 69.38 -24.71
N PHE I 17 -20.38 70.59 -24.79
CA PHE I 17 -20.23 71.45 -25.96
C PHE I 17 -19.35 72.65 -25.64
N LEU I 18 -18.19 72.72 -26.27
CA LEU I 18 -17.28 73.85 -26.11
C LEU I 18 -17.48 74.86 -27.22
N ARG I 19 -17.97 76.03 -26.86
CA ARG I 19 -18.15 77.14 -27.78
C ARG I 19 -17.32 78.34 -27.35
N PRO I 20 -16.33 78.76 -28.16
CA PRO I 20 -15.39 79.82 -27.77
C PRO I 20 -16.08 81.07 -27.21
N GLY I 21 -15.57 81.62 -26.12
CA GLY I 21 -16.26 82.69 -25.41
C GLY I 21 -15.66 83.12 -24.08
N ASN I 22 -16.50 83.68 -23.22
CA ASN I 22 -16.05 84.29 -21.96
C ASN I 22 -15.53 83.30 -20.92
N GLY I 23 -16.00 82.06 -20.97
CA GLY I 23 -15.59 81.07 -20.00
C GLY I 23 -16.62 80.71 -18.94
N LYS I 24 -17.85 81.18 -19.12
CA LYS I 24 -18.93 80.85 -18.20
C LYS I 24 -19.59 79.53 -18.60
N VAL I 25 -19.77 78.64 -17.62
CA VAL I 25 -20.20 77.27 -17.89
C VAL I 25 -21.65 77.04 -17.49
N THR I 26 -22.39 76.30 -18.31
CA THR I 26 -23.79 76.02 -18.04
C THR I 26 -24.07 74.53 -17.98
N VAL I 27 -24.83 74.12 -16.96
CA VAL I 27 -25.22 72.73 -16.83
C VAL I 27 -26.72 72.64 -16.60
N ASN I 28 -27.42 72.00 -17.53
CA ASN I 28 -28.88 71.86 -17.46
C ASN I 28 -29.60 73.19 -17.31
N GLY I 29 -29.01 74.23 -17.90
CA GLY I 29 -29.60 75.55 -17.89
C GLY I 29 -29.19 76.37 -16.67
N GLN I 30 -28.80 75.68 -15.62
CA GLN I 30 -28.31 76.32 -14.41
C GLN I 30 -26.85 76.76 -14.56
N ASP I 31 -26.45 77.72 -13.74
CA ASP I 31 -25.04 78.10 -13.63
C ASP I 31 -24.27 76.90 -13.12
N PHE I 32 -22.97 76.85 -13.42
CA PHE I 32 -22.12 75.74 -12.99
C PHE I 32 -22.15 75.59 -11.48
N ASN I 33 -22.07 76.71 -10.78
CA ASN I 33 -22.02 76.71 -9.33
C ASN I 33 -23.41 76.71 -8.71
N GLU I 34 -24.43 76.68 -9.56
CA GLU I 34 -25.80 76.51 -9.08
C GLU I 34 -26.06 75.03 -8.84
N TYR I 35 -25.55 74.21 -9.75
CA TYR I 35 -25.71 72.76 -9.72
C TYR I 35 -24.83 72.14 -8.64
N PHE I 36 -23.56 72.53 -8.68
CA PHE I 36 -22.50 72.14 -7.76
C PHE I 36 -22.42 73.15 -6.62
N GLN I 37 -21.24 73.29 -6.01
CA GLN I 37 -21.05 74.35 -5.01
C GLN I 37 -21.83 74.13 -3.73
N GLY I 38 -21.17 73.50 -2.78
CA GLY I 38 -21.75 72.71 -1.73
C GLY I 38 -21.18 71.34 -2.02
N LEU I 39 -20.50 71.25 -3.16
CA LEU I 39 -19.69 70.10 -3.48
C LEU I 39 -18.26 70.54 -3.70
N VAL I 40 -17.37 70.14 -2.80
CA VAL I 40 -15.97 70.57 -2.86
C VAL I 40 -15.27 70.02 -4.10
N ARG I 41 -15.65 68.80 -4.48
CA ARG I 41 -15.05 68.12 -5.61
C ARG I 41 -15.30 68.82 -6.95
N ALA I 42 -16.31 69.69 -6.98
CA ALA I 42 -16.87 70.24 -8.21
C ALA I 42 -15.82 70.75 -9.19
N VAL I 43 -14.91 71.57 -8.68
CA VAL I 43 -13.95 72.26 -9.53
C VAL I 43 -13.14 71.28 -10.36
N ALA I 44 -12.99 70.05 -9.87
CA ALA I 44 -12.21 69.04 -10.58
C ALA I 44 -12.72 68.83 -12.00
N ALA I 45 -14.01 69.05 -12.20
CA ALA I 45 -14.62 68.85 -13.51
C ALA I 45 -13.92 69.71 -14.58
N LEU I 46 -13.42 70.86 -14.18
CA LEU I 46 -12.85 71.80 -15.13
C LEU I 46 -11.35 71.63 -15.24
N GLU I 47 -10.81 70.64 -14.54
CA GLU I 47 -9.37 70.37 -14.56
C GLU I 47 -8.75 70.21 -15.95
N PRO I 48 -9.46 69.62 -16.93
CA PRO I 48 -8.82 69.55 -18.25
C PRO I 48 -8.47 70.91 -18.81
N LEU I 49 -9.38 71.86 -18.71
CA LEU I 49 -9.14 73.22 -19.19
C LEU I 49 -7.91 73.80 -18.55
N ARG I 50 -7.87 73.79 -17.22
CA ARG I 50 -6.72 74.28 -16.46
C ARG I 50 -5.42 73.60 -16.88
N ALA I 51 -5.54 72.40 -17.44
CA ALA I 51 -4.36 71.67 -17.89
C ALA I 51 -3.83 72.21 -19.21
N VAL I 52 -4.75 72.54 -20.12
CA VAL I 52 -4.36 73.05 -21.43
C VAL I 52 -4.36 74.57 -21.42
N ASP I 53 -4.63 75.15 -20.26
CA ASP I 53 -4.71 76.60 -20.08
C ASP I 53 -5.78 77.19 -20.99
N ALA I 54 -6.95 76.55 -21.00
CA ALA I 54 -8.06 77.03 -21.81
C ALA I 54 -8.89 78.05 -21.04
N LEU I 55 -9.66 77.57 -20.06
CA LEU I 55 -10.41 78.44 -19.16
C LEU I 55 -11.30 79.44 -19.90
N GLY I 56 -10.97 80.72 -19.76
CA GLY I 56 -11.76 81.81 -20.32
C GLY I 56 -11.71 81.94 -21.83
N HIS I 57 -11.09 80.97 -22.49
CA HIS I 57 -11.13 80.87 -23.94
C HIS I 57 -12.46 80.28 -24.40
N PHE I 58 -12.74 79.05 -23.96
CA PHE I 58 -13.99 78.37 -24.31
C PHE I 58 -15.10 78.60 -23.29
N ASP I 59 -16.33 78.70 -23.78
CA ASP I 59 -17.50 78.54 -22.92
C ASP I 59 -17.98 77.10 -23.07
N ALA I 60 -18.95 76.71 -22.25
CA ALA I 60 -19.42 75.33 -22.27
C ALA I 60 -20.92 75.21 -21.99
N TYR I 61 -21.60 74.47 -22.86
CA TYR I 61 -22.98 74.10 -22.63
C TYR I 61 -23.03 72.60 -22.41
N ILE I 62 -23.54 72.17 -21.26
CA ILE I 62 -23.43 70.79 -20.84
C ILE I 62 -24.77 70.19 -20.46
N THR I 63 -25.10 69.05 -21.05
CA THR I 63 -26.27 68.28 -20.65
C THR I 63 -25.81 67.17 -19.73
N VAL I 64 -26.50 66.95 -18.62
CA VAL I 64 -26.04 65.94 -17.67
C VAL I 64 -27.17 65.08 -17.14
N ARG I 65 -27.07 63.77 -17.32
CA ARG I 65 -28.07 62.86 -16.77
C ARG I 65 -27.49 61.49 -16.44
N GLY I 66 -27.96 60.89 -15.36
CA GLY I 66 -27.43 59.63 -14.90
C GLY I 66 -26.55 59.78 -13.67
N GLY I 67 -26.50 58.73 -12.84
CA GLY I 67 -25.69 58.73 -11.63
C GLY I 67 -26.01 59.79 -10.57
N GLY I 68 -25.02 60.06 -9.73
CA GLY I 68 -25.10 61.15 -8.79
C GLY I 68 -24.18 62.26 -9.22
N LYS I 69 -24.19 63.38 -8.50
CA LYS I 69 -23.53 64.58 -8.98
C LYS I 69 -22.01 64.43 -9.08
N SER I 70 -21.42 63.54 -8.29
CA SER I 70 -19.97 63.37 -8.32
C SER I 70 -19.55 62.63 -9.59
N GLY I 71 -20.28 61.55 -9.89
CA GLY I 71 -20.09 60.85 -11.14
C GLY I 71 -20.33 61.79 -12.31
N GLN I 72 -21.29 62.68 -12.14
CA GLN I 72 -21.59 63.67 -13.17
C GLN I 72 -20.38 64.59 -13.33
N ILE I 73 -19.73 64.90 -12.22
CA ILE I 73 -18.53 65.74 -12.25
C ILE I 73 -17.44 65.06 -13.06
N ASP I 74 -17.22 63.77 -12.81
CA ASP I 74 -16.19 63.03 -13.52
C ASP I 74 -16.51 62.87 -15.01
N ALA I 75 -17.77 62.62 -15.31
CA ALA I 75 -18.21 62.48 -16.70
C ALA I 75 -18.00 63.79 -17.46
N ILE I 76 -18.33 64.89 -16.80
CA ILE I 76 -18.06 66.21 -17.36
C ILE I 76 -16.57 66.34 -17.60
N LYS I 77 -15.77 65.93 -16.62
CA LYS I 77 -14.32 66.00 -16.72
C LYS I 77 -13.82 65.26 -17.95
N LEU I 78 -14.44 64.15 -18.29
CA LEU I 78 -14.04 63.43 -19.50
C LEU I 78 -14.48 64.22 -20.73
N GLY I 79 -15.76 64.56 -20.79
CA GLY I 79 -16.33 65.24 -21.94
C GLY I 79 -15.59 66.48 -22.37
N ILE I 80 -15.19 67.28 -21.39
CA ILE I 80 -14.40 68.47 -21.64
C ILE I 80 -13.10 68.08 -22.33
N ALA I 81 -12.48 67.00 -21.86
CA ALA I 81 -11.20 66.55 -22.40
C ALA I 81 -11.35 66.02 -23.82
N ARG I 82 -12.44 65.33 -24.08
CA ARG I 82 -12.73 64.80 -25.41
C ARG I 82 -12.97 65.92 -26.41
N ALA I 83 -13.86 66.85 -26.07
CA ALA I 83 -14.13 68.00 -26.93
C ALA I 83 -12.83 68.76 -27.18
N LEU I 84 -12.06 68.93 -26.12
CA LEU I 84 -10.76 69.59 -26.20
C LEU I 84 -9.83 68.89 -27.19
N VAL I 85 -9.91 67.57 -27.21
CA VAL I 85 -9.09 66.77 -28.13
C VAL I 85 -9.56 66.96 -29.57
N GLN I 86 -10.88 67.00 -29.74
CA GLN I 86 -11.46 67.18 -31.07
C GLN I 86 -11.08 68.54 -31.64
N TYR I 87 -11.02 69.54 -30.77
CA TYR I 87 -10.56 70.86 -31.16
C TYR I 87 -9.16 70.80 -31.74
N ASN I 88 -8.18 70.56 -30.87
CA ASN I 88 -6.80 70.38 -31.30
C ASN I 88 -6.31 68.99 -30.93
N PRO I 89 -6.04 68.15 -31.92
CA PRO I 89 -5.53 66.80 -31.64
C PRO I 89 -4.18 66.83 -30.93
N ASP I 90 -3.39 67.87 -31.17
CA ASP I 90 -2.08 68.00 -30.55
C ASP I 90 -2.17 68.14 -29.03
N TYR I 91 -3.39 68.36 -28.53
CA TYR I 91 -3.62 68.42 -27.10
C TYR I 91 -3.49 67.05 -26.43
N ARG I 92 -3.73 65.99 -27.20
CA ARG I 92 -3.75 64.63 -26.64
C ARG I 92 -2.48 64.31 -25.88
N ALA I 93 -1.33 64.55 -26.51
CA ALA I 93 -0.04 64.25 -25.91
C ALA I 93 0.16 65.00 -24.60
N LYS I 94 -0.47 66.16 -24.47
CA LYS I 94 -0.43 66.92 -23.23
C LYS I 94 -1.45 66.36 -22.23
N LEU I 95 -2.61 66.00 -22.74
CA LEU I 95 -3.74 65.61 -21.91
C LEU I 95 -3.64 64.18 -21.39
N LYS I 96 -2.94 63.33 -22.13
CA LYS I 96 -2.88 61.90 -21.83
C LYS I 96 -2.15 61.54 -20.53
N PRO I 97 -0.96 62.13 -20.26
CA PRO I 97 -0.28 61.76 -19.01
C PRO I 97 -1.12 62.02 -17.75
N LEU I 98 -2.03 62.98 -17.81
CA LEU I 98 -2.95 63.23 -16.71
C LEU I 98 -4.07 62.21 -16.72
N GLY I 99 -4.27 61.56 -17.88
CA GLY I 99 -5.24 60.50 -18.01
C GLY I 99 -6.68 60.97 -17.99
N PHE I 100 -6.89 62.22 -18.38
CA PHE I 100 -8.24 62.78 -18.39
C PHE I 100 -9.09 62.13 -19.46
N LEU I 101 -8.43 61.59 -20.49
CA LEU I 101 -9.14 60.96 -21.59
C LEU I 101 -9.38 59.48 -21.28
N THR I 102 -8.98 59.05 -20.10
CA THR I 102 -9.23 57.69 -19.65
C THR I 102 -10.62 57.58 -19.03
N ARG I 103 -11.42 56.65 -19.52
CA ARG I 103 -12.73 56.40 -18.96
C ARG I 103 -12.56 55.58 -17.70
N ASP I 104 -13.32 55.87 -16.65
CA ASP I 104 -13.19 55.13 -15.40
C ASP I 104 -14.19 53.97 -15.37
N ALA I 105 -13.67 52.76 -15.44
CA ALA I 105 -14.51 51.59 -15.69
C ALA I 105 -15.14 51.03 -14.42
N ARG I 106 -14.86 51.67 -13.28
CA ARG I 106 -15.37 51.17 -12.00
C ARG I 106 -16.89 51.33 -11.90
N VAL I 107 -17.57 50.24 -11.62
CA VAL I 107 -19.03 50.21 -11.57
C VAL I 107 -19.47 49.49 -10.31
N VAL I 108 -20.66 49.83 -9.81
CA VAL I 108 -21.23 49.14 -8.66
C VAL I 108 -21.28 47.65 -8.92
N GLU I 109 -20.71 46.88 -8.01
CA GLU I 109 -20.60 45.43 -8.18
C GLU I 109 -21.91 44.74 -7.79
N ARG I 110 -22.32 43.82 -8.64
CA ARG I 110 -23.57 43.09 -8.47
C ARG I 110 -23.67 42.39 -7.12
N LYS I 111 -24.84 42.43 -6.51
CA LYS I 111 -25.08 41.70 -5.27
C LYS I 111 -25.16 40.21 -5.53
N LYS I 112 -24.48 39.42 -4.72
CA LYS I 112 -24.46 37.97 -4.90
C LYS I 112 -25.30 37.26 -3.84
N TYR I 113 -25.89 36.13 -4.22
CA TYR I 113 -26.74 35.38 -3.31
C TYR I 113 -25.91 34.71 -2.21
N GLY I 114 -26.49 34.66 -1.02
CA GLY I 114 -25.81 34.07 0.13
C GLY I 114 -25.03 35.11 0.90
N LYS I 115 -24.66 36.19 0.23
CA LYS I 115 -23.97 37.27 0.90
C LYS I 115 -24.96 38.35 1.34
N HIS I 116 -24.47 39.40 1.98
CA HIS I 116 -25.32 40.49 2.40
C HIS I 116 -25.35 41.54 1.32
N LYS I 117 -24.21 42.15 1.02
CA LYS I 117 -24.07 42.84 -0.25
C LYS I 117 -22.78 42.49 -0.98
N ALA I 118 -22.90 41.62 -1.98
CA ALA I 118 -21.89 41.41 -3.02
C ALA I 118 -20.54 40.89 -2.55
N ARG I 119 -20.20 41.16 -1.30
CA ARG I 119 -18.97 40.69 -0.68
C ARG I 119 -19.26 40.27 0.73
N ARG I 120 -19.80 41.21 1.50
CA ARG I 120 -20.00 41.06 2.94
C ARG I 120 -20.75 39.79 3.25
N ALA I 121 -20.12 38.93 4.04
CA ALA I 121 -20.66 37.63 4.38
C ALA I 121 -21.45 37.68 5.67
N PRO I 122 -22.49 36.86 5.78
CA PRO I 122 -23.22 36.81 7.05
C PRO I 122 -22.32 36.25 8.15
N GLN I 123 -22.33 36.89 9.31
CA GLN I 123 -21.44 36.47 10.38
C GLN I 123 -21.91 35.16 10.99
N TYR I 124 -21.01 34.47 11.69
CA TYR I 124 -21.37 33.23 12.36
C TYR I 124 -20.70 33.10 13.73
N SER I 125 -21.16 32.12 14.50
CA SER I 125 -20.69 31.91 15.86
C SER I 125 -19.87 30.63 15.97
N LYS I 126 -20.51 29.52 15.61
CA LYS I 126 -19.98 28.15 15.70
C LYS I 126 -20.06 27.67 17.14
N ARG I 127 -20.27 28.63 18.05
CA ARG I 127 -20.51 28.36 19.46
C ARG I 127 -20.82 29.69 20.17
N LYS J 1 -49.64 55.53 -41.23
CA LYS J 1 -49.90 55.61 -39.80
C LYS J 1 -50.55 54.32 -39.28
N ILE J 2 -49.81 53.22 -39.42
CA ILE J 2 -50.26 51.93 -38.90
C ILE J 2 -49.34 51.47 -37.77
N ARG J 3 -49.86 51.48 -36.54
CA ARG J 3 -49.05 51.12 -35.38
C ARG J 3 -48.85 49.62 -35.29
N ILE J 4 -47.60 49.19 -35.11
CA ILE J 4 -47.29 47.78 -34.94
C ILE J 4 -46.42 47.55 -33.70
N LYS J 5 -46.78 46.57 -32.88
CA LYS J 5 -45.94 46.19 -31.75
C LYS J 5 -45.66 44.69 -31.77
N LEU J 6 -44.38 44.35 -31.99
CA LEU J 6 -43.97 42.96 -32.07
C LEU J 6 -43.32 42.52 -30.76
N ARG J 7 -43.88 41.50 -30.12
CA ARG J 7 -43.31 41.01 -28.87
C ARG J 7 -43.00 39.52 -28.93
N GLY J 8 -41.89 39.12 -28.31
CA GLY J 8 -41.46 37.73 -28.32
C GLY J 8 -40.30 37.41 -27.39
N PHE J 9 -40.06 36.12 -27.18
CA PHE J 9 -39.01 35.68 -26.28
C PHE J 9 -37.69 35.46 -27.00
N ASP J 10 -37.72 35.53 -28.33
CA ASP J 10 -36.51 35.32 -29.12
C ASP J 10 -36.17 36.55 -29.94
N HIS J 11 -35.04 37.17 -29.63
CA HIS J 11 -34.62 38.39 -30.30
C HIS J 11 -34.31 38.12 -31.77
N LYS J 12 -33.83 36.91 -32.04
CA LYS J 12 -33.56 36.48 -33.40
C LYS J 12 -34.85 36.48 -34.23
N THR J 13 -35.87 35.80 -33.72
CA THR J 13 -37.14 35.66 -34.41
C THR J 13 -37.82 37.00 -34.67
N LEU J 14 -37.92 37.83 -33.63
CA LEU J 14 -38.46 39.17 -33.77
C LEU J 14 -37.69 39.96 -34.82
N ASP J 15 -36.40 40.19 -34.57
CA ASP J 15 -35.57 41.02 -35.43
C ASP J 15 -35.60 40.56 -36.89
N ALA J 16 -35.67 39.25 -37.10
CA ALA J 16 -35.67 38.70 -38.45
C ALA J 16 -37.03 38.83 -39.13
N SER J 17 -38.10 38.63 -38.35
CA SER J 17 -39.45 38.67 -38.90
C SER J 17 -39.98 40.09 -39.01
N ALA J 18 -39.25 41.05 -38.47
CA ALA J 18 -39.61 42.45 -38.61
C ALA J 18 -39.17 42.94 -39.99
N GLN J 19 -37.94 42.61 -40.36
CA GLN J 19 -37.37 43.04 -41.64
C GLN J 19 -38.10 42.41 -42.82
N LYS J 20 -38.82 41.33 -42.56
CA LYS J 20 -39.67 40.73 -43.58
C LYS J 20 -40.83 41.67 -43.87
N ILE J 21 -41.45 42.17 -42.80
CA ILE J 21 -42.54 43.13 -42.90
C ILE J 21 -42.02 44.41 -43.58
N VAL J 22 -40.84 44.85 -43.19
CA VAL J 22 -40.23 46.05 -43.75
C VAL J 22 -39.98 45.90 -45.24
N GLU J 23 -39.33 44.81 -45.64
CA GLU J 23 -39.02 44.59 -47.06
C GLU J 23 -40.28 44.40 -47.90
N ALA J 24 -41.28 43.76 -47.31
CA ALA J 24 -42.55 43.58 -48.00
C ALA J 24 -43.26 44.91 -48.19
N ALA J 25 -43.06 45.83 -47.25
CA ALA J 25 -43.70 47.14 -47.31
C ALA J 25 -42.86 48.19 -48.04
N ARG J 26 -41.63 47.83 -48.39
CA ARG J 26 -40.75 48.76 -49.11
C ARG J 26 -41.12 48.85 -50.57
N ARG J 27 -41.32 47.69 -51.19
CA ARG J 27 -41.64 47.63 -52.61
C ARG J 27 -43.04 48.18 -52.87
N SER J 28 -43.98 47.83 -52.02
CA SER J 28 -45.38 48.16 -52.21
C SER J 28 -45.79 49.44 -51.49
N GLY J 29 -44.84 50.15 -50.90
CA GLY J 29 -45.16 51.24 -49.99
C GLY J 29 -44.05 52.24 -49.69
N ALA J 30 -44.26 53.01 -48.62
CA ALA J 30 -43.43 54.18 -48.31
C ALA J 30 -42.05 53.81 -47.79
N GLN J 31 -41.34 54.82 -47.29
CA GLN J 31 -39.95 54.65 -46.85
C GLN J 31 -39.78 53.67 -45.69
N VAL J 32 -40.86 53.40 -44.95
CA VAL J 32 -40.83 52.40 -43.89
C VAL J 32 -39.79 52.74 -42.82
N SER J 33 -40.14 53.65 -41.92
CA SER J 33 -39.23 54.15 -40.89
C SER J 33 -38.45 53.05 -40.16
N GLY J 34 -38.99 51.84 -40.13
CA GLY J 34 -38.21 50.69 -39.73
C GLY J 34 -38.24 50.43 -38.24
N PRO J 35 -37.74 49.25 -37.83
CA PRO J 35 -37.85 48.81 -36.44
C PRO J 35 -37.11 49.72 -35.46
N ILE J 36 -37.83 50.15 -34.43
CA ILE J 36 -37.22 50.85 -33.31
C ILE J 36 -37.25 49.87 -32.15
N PRO J 37 -36.06 49.60 -31.58
CA PRO J 37 -35.85 48.52 -30.61
C PRO J 37 -36.81 48.47 -29.42
N LEU J 38 -37.04 49.58 -28.73
CA LEU J 38 -37.84 49.59 -27.49
C LEU J 38 -37.14 48.79 -26.40
N PRO J 39 -37.39 49.10 -25.13
CA PRO J 39 -36.69 48.37 -24.07
C PRO J 39 -37.25 46.98 -23.85
N THR J 40 -36.46 46.12 -23.21
CA THR J 40 -36.86 44.76 -22.91
C THR J 40 -37.48 44.68 -21.52
N ARG J 41 -38.51 43.85 -21.37
CA ARG J 41 -39.07 43.63 -20.03
C ARG J 41 -38.57 42.31 -19.47
N VAL J 42 -37.67 42.38 -18.49
CA VAL J 42 -37.03 41.19 -17.94
C VAL J 42 -37.67 40.78 -16.63
N ARG J 43 -38.17 39.55 -16.55
CA ARG J 43 -38.76 39.07 -15.32
C ARG J 43 -37.88 37.99 -14.70
N ARG J 44 -37.44 38.21 -13.47
CA ARG J 44 -36.54 37.25 -12.81
C ARG J 44 -37.25 36.37 -11.82
N PHE J 45 -36.80 35.12 -11.74
CA PHE J 45 -37.29 34.18 -10.75
C PHE J 45 -36.11 33.58 -10.00
N THR J 46 -36.01 33.86 -8.72
CA THR J 46 -34.93 33.28 -7.93
C THR J 46 -35.48 32.14 -7.08
N VAL J 47 -34.84 30.99 -7.18
CA VAL J 47 -35.32 29.79 -6.54
C VAL J 47 -34.16 29.03 -5.93
N ILE J 48 -34.35 28.52 -4.71
CA ILE J 48 -33.37 27.66 -4.06
C ILE J 48 -33.10 26.41 -4.90
N ARG J 49 -31.84 26.03 -5.01
CA ARG J 49 -31.48 24.86 -5.80
C ARG J 49 -32.08 23.59 -5.23
N GLY J 50 -31.92 23.39 -3.93
CA GLY J 50 -32.32 22.15 -3.30
C GLY J 50 -33.76 22.07 -2.84
N PRO J 51 -34.27 20.84 -2.69
CA PRO J 51 -35.61 20.56 -2.16
C PRO J 51 -35.72 20.83 -0.67
N PHE J 52 -34.60 20.84 0.04
CA PHE J 52 -34.64 21.00 1.49
C PHE J 52 -33.51 21.89 2.01
N LYS J 53 -33.87 22.84 2.86
CA LYS J 53 -32.97 23.82 3.47
C LYS J 53 -31.97 24.38 2.47
N HIS J 54 -30.70 24.50 2.86
CA HIS J 54 -29.66 24.98 1.97
C HIS J 54 -30.02 26.32 1.33
N LYS J 55 -30.35 27.29 2.17
CA LYS J 55 -30.90 28.55 1.70
C LYS J 55 -29.91 29.36 0.84
N ASP J 56 -28.64 28.96 0.84
CA ASP J 56 -27.59 29.73 0.18
C ASP J 56 -27.29 29.32 -1.25
N SER J 57 -28.12 28.44 -1.82
CA SER J 57 -27.90 27.89 -3.15
C SER J 57 -28.36 28.78 -4.32
N ARG J 58 -29.67 29.06 -4.38
CA ARG J 58 -30.26 29.91 -5.42
C ARG J 58 -30.10 29.41 -6.87
N GLU J 59 -29.35 30.14 -7.72
CA GLU J 59 -29.42 30.00 -9.19
C GLU J 59 -30.76 30.43 -9.78
N HIS J 60 -30.95 31.73 -9.92
CA HIS J 60 -32.13 32.29 -10.58
C HIS J 60 -32.15 32.19 -12.12
N PHE J 61 -33.37 32.28 -12.66
CA PHE J 61 -33.63 32.30 -14.11
C PHE J 61 -34.27 33.62 -14.52
N GLU J 62 -34.17 33.95 -15.81
CA GLU J 62 -34.82 35.15 -16.33
C GLU J 62 -35.69 34.83 -17.55
N LEU J 63 -36.77 35.57 -17.69
CA LEU J 63 -37.68 35.47 -18.83
C LEU J 63 -37.89 36.84 -19.43
N ARG J 64 -37.41 37.06 -20.64
CA ARG J 64 -37.35 38.41 -21.17
C ARG J 64 -38.22 38.64 -22.40
N THR J 65 -38.97 39.73 -22.38
CA THR J 65 -39.82 40.11 -23.50
C THR J 65 -39.18 41.23 -24.31
N HIS J 66 -38.71 40.89 -25.50
CA HIS J 66 -38.17 41.87 -26.44
C HIS J 66 -39.30 42.55 -27.19
N ASN J 67 -39.06 43.76 -27.69
CA ASN J 67 -40.08 44.47 -28.45
C ASN J 67 -39.53 45.05 -29.75
N ARG J 68 -40.42 45.37 -30.68
CA ARG J 68 -40.05 46.01 -31.96
C ARG J 68 -41.12 47.02 -32.37
N LEU J 69 -40.81 47.86 -33.36
CA LEU J 69 -41.65 49.01 -33.66
C LEU J 69 -42.34 49.00 -35.02
N VAL J 70 -41.59 48.91 -36.12
CA VAL J 70 -42.16 49.04 -37.48
C VAL J 70 -42.78 50.44 -37.66
N ASP J 71 -44.11 50.53 -37.69
CA ASP J 71 -44.80 51.81 -37.90
C ASP J 71 -44.55 52.40 -39.30
N ILE J 72 -45.17 51.78 -40.31
CA ILE J 72 -45.09 52.23 -41.70
C ILE J 72 -45.94 53.46 -41.99
N ILE J 73 -45.33 54.48 -42.58
CA ILE J 73 -46.04 55.65 -43.07
C ILE J 73 -46.74 55.29 -44.39
N ASN J 74 -47.74 56.09 -44.77
CA ASN J 74 -48.51 55.87 -46.01
C ASN J 74 -49.14 54.48 -46.10
N PRO J 75 -50.21 54.24 -45.33
CA PRO J 75 -50.87 52.94 -45.31
C PRO J 75 -51.54 52.59 -46.64
N ASN J 76 -50.71 52.36 -47.66
CA ASN J 76 -51.21 52.02 -49.00
C ASN J 76 -51.94 50.70 -49.00
N ARG J 77 -53.00 50.62 -49.78
CA ARG J 77 -53.75 49.38 -49.93
C ARG J 77 -52.96 48.37 -50.76
N LYS J 78 -51.98 48.87 -51.50
CA LYS J 78 -51.11 48.01 -52.29
C LYS J 78 -50.11 47.29 -51.39
N THR J 79 -49.87 47.87 -50.21
CA THR J 79 -48.90 47.33 -49.26
C THR J 79 -49.40 46.08 -48.57
N ILE J 80 -50.69 46.07 -48.24
CA ILE J 80 -51.31 44.96 -47.51
C ILE J 80 -51.32 43.68 -48.37
N GLU J 81 -50.88 43.79 -49.62
CA GLU J 81 -50.78 42.62 -50.50
C GLU J 81 -49.64 41.70 -50.05
N GLN J 82 -48.40 42.19 -50.13
CA GLN J 82 -47.26 41.45 -49.62
C GLN J 82 -47.41 41.30 -48.10
N LEU J 83 -48.10 42.26 -47.50
CA LEU J 83 -48.47 42.19 -46.08
C LEU J 83 -49.72 41.33 -45.92
N MET J 84 -50.39 41.45 -44.79
CA MET J 84 -51.40 40.51 -44.33
C MET J 84 -50.67 39.20 -44.04
N THR J 85 -51.11 38.08 -44.57
CA THR J 85 -50.47 36.84 -44.15
C THR J 85 -49.50 36.27 -45.18
N LEU J 86 -48.22 36.53 -44.92
CA LEU J 86 -47.12 35.65 -45.30
C LEU J 86 -46.12 35.72 -44.14
N ASP J 87 -45.91 34.64 -43.40
CA ASP J 87 -44.88 34.68 -42.36
C ASP J 87 -44.28 33.32 -41.97
N LEU J 88 -42.99 33.34 -41.69
CA LEU J 88 -42.30 32.27 -40.97
C LEU J 88 -42.57 32.17 -39.45
N PRO J 89 -42.42 33.28 -38.69
CA PRO J 89 -42.28 33.19 -37.22
C PRO J 89 -43.44 32.57 -36.47
N THR J 90 -43.11 31.81 -35.43
CA THR J 90 -44.09 31.10 -34.61
C THR J 90 -44.37 31.81 -33.29
N GLY J 91 -43.34 31.97 -32.48
CA GLY J 91 -43.47 32.49 -31.13
C GLY J 91 -43.45 34.02 -31.04
N VAL J 92 -43.78 34.67 -32.15
CA VAL J 92 -43.94 36.11 -32.18
C VAL J 92 -45.41 36.47 -32.04
N GLU J 93 -45.72 37.50 -31.26
CA GLU J 93 -47.07 38.02 -31.20
C GLU J 93 -47.11 39.45 -31.74
N ILE J 94 -48.16 39.74 -32.51
CA ILE J 94 -48.29 41.00 -33.22
C ILE J 94 -49.46 41.84 -32.72
N GLU J 95 -49.21 43.14 -32.55
CA GLU J 95 -50.25 44.10 -32.21
C GLU J 95 -50.34 45.13 -33.33
N ILE J 96 -51.56 45.53 -33.66
CA ILE J 96 -51.78 46.50 -34.74
C ILE J 96 -52.88 47.49 -34.38
N LYS J 97 -52.60 48.78 -34.60
CA LYS J 97 -53.60 49.82 -34.47
C LYS J 97 -53.52 50.82 -35.63
N THR J 98 -54.41 51.79 -35.63
CA THR J 98 -54.39 52.84 -36.65
C THR J 98 -53.87 54.14 -36.06
N VAL J 99 -53.80 55.18 -36.89
N LYS K 1 41.76 55.72 44.37
CA LYS K 1 42.65 56.75 43.83
C LYS K 1 44.07 56.21 43.68
N ARG K 2 44.42 55.85 42.45
CA ARG K 2 45.73 55.30 42.11
C ARG K 2 46.33 56.09 40.96
N GLN K 3 45.54 56.27 39.90
CA GLN K 3 45.99 56.75 38.59
C GLN K 3 46.90 55.75 37.90
N VAL K 4 46.28 54.65 37.47
CA VAL K 4 46.92 53.59 36.71
C VAL K 4 47.15 54.04 35.26
N ALA K 5 46.06 54.38 34.58
CA ALA K 5 46.05 55.00 33.25
C ALA K 5 46.28 54.04 32.10
N SER K 6 46.74 52.83 32.39
CA SER K 6 46.79 51.76 31.40
C SER K 6 46.54 50.44 32.11
N GLY K 7 45.75 49.56 31.51
CA GLY K 7 45.42 48.32 32.18
C GLY K 7 44.71 47.28 31.33
N ARG K 8 44.16 46.28 32.01
CA ARG K 8 43.50 45.16 31.34
C ARG K 8 42.00 45.18 31.56
N ALA K 9 41.24 44.72 30.57
CA ALA K 9 39.80 44.56 30.71
C ALA K 9 39.41 43.11 30.48
N TYR K 10 38.87 42.47 31.50
CA TYR K 10 38.46 41.08 31.40
C TYR K 10 36.97 40.98 31.17
N ILE K 11 36.56 40.28 30.12
CA ILE K 11 35.15 40.09 29.84
C ILE K 11 34.77 38.64 30.03
N HIS K 12 33.99 38.36 31.06
CA HIS K 12 33.51 37.01 31.33
C HIS K 12 32.08 36.89 30.86
N ALA K 13 31.88 36.15 29.77
CA ALA K 13 30.58 36.10 29.12
C ALA K 13 30.03 34.69 29.11
N SER K 14 28.82 34.54 29.62
CA SER K 14 28.11 33.27 29.61
C SER K 14 26.69 33.50 29.14
N TYR K 15 25.97 32.43 28.84
CA TYR K 15 24.62 32.57 28.32
C TYR K 15 23.68 33.11 29.38
N ASN K 16 24.16 33.21 30.60
CA ASN K 16 23.37 33.70 31.72
C ASN K 16 23.65 35.16 32.04
N ASN K 17 24.90 35.48 32.32
CA ASN K 17 25.27 36.85 32.61
C ASN K 17 26.50 37.28 31.83
N THR K 18 26.77 38.58 31.82
CA THR K 18 28.01 39.13 31.31
C THR K 18 28.63 39.98 32.41
N ILE K 19 29.93 39.83 32.65
CA ILE K 19 30.54 40.58 33.74
C ILE K 19 31.98 41.00 33.41
N VAL K 20 32.28 42.27 33.69
CA VAL K 20 33.52 42.87 33.23
C VAL K 20 34.37 43.35 34.40
N THR K 21 35.66 42.96 34.39
CA THR K 21 36.58 43.37 35.45
C THR K 21 37.79 44.10 34.89
N ILE K 22 37.95 45.38 35.24
CA ILE K 22 39.08 46.15 34.77
C ILE K 22 40.17 46.20 35.82
N THR K 23 41.40 45.83 35.44
CA THR K 23 42.50 45.69 36.37
C THR K 23 43.72 46.49 35.95
N ASP K 24 44.69 46.63 36.86
CA ASP K 24 45.97 47.22 36.52
C ASP K 24 46.79 46.22 35.69
N PRO K 25 47.96 46.63 35.18
CA PRO K 25 48.71 45.68 34.35
C PRO K 25 49.22 44.43 35.08
N ASP K 26 49.22 44.44 36.40
CA ASP K 26 49.65 43.28 37.17
C ASP K 26 48.54 42.25 37.29
N GLY K 27 47.32 42.66 36.97
CA GLY K 27 46.17 41.78 37.05
C GLY K 27 45.24 42.08 38.21
N ASN K 28 45.70 42.89 39.16
CA ASN K 28 44.90 43.30 40.31
C ASN K 28 43.79 44.25 39.90
N PRO K 29 42.55 43.95 40.26
CA PRO K 29 41.39 44.72 39.82
C PRO K 29 41.26 46.11 40.44
N ILE K 30 40.64 47.00 39.66
CA ILE K 30 40.37 48.37 40.04
C ILE K 30 38.89 48.51 40.32
N THR K 31 38.09 48.30 39.28
CA THR K 31 36.64 48.31 39.39
C THR K 31 36.07 47.16 38.59
N TRP K 32 34.76 46.97 38.67
CA TRP K 32 34.08 45.95 37.89
C TRP K 32 32.59 46.25 37.77
N SER K 33 31.94 45.62 36.80
CA SER K 33 30.51 45.75 36.64
C SER K 33 29.93 44.47 36.08
N SER K 34 28.61 44.47 35.89
CA SER K 34 27.91 43.29 35.39
C SER K 34 26.46 43.62 35.18
N GLY K 35 25.74 42.70 34.54
CA GLY K 35 24.32 42.89 34.31
C GLY K 35 23.53 43.05 35.58
N GLY K 36 24.08 42.57 36.69
CA GLY K 36 23.41 42.67 37.97
C GLY K 36 23.65 44.01 38.61
N VAL K 37 24.79 44.61 38.30
CA VAL K 37 25.15 45.91 38.85
C VAL K 37 24.22 46.97 38.30
N ILE K 38 23.94 46.88 37.00
CA ILE K 38 22.84 47.64 36.42
C ILE K 38 21.56 47.00 36.93
N GLY K 39 20.45 47.72 36.83
CA GLY K 39 19.21 47.28 37.45
C GLY K 39 18.67 45.92 37.04
N TYR K 40 19.23 45.34 35.98
CA TYR K 40 18.77 44.05 35.45
C TYR K 40 18.95 42.93 36.47
N LYS K 41 17.96 42.06 36.53
CA LYS K 41 17.79 41.14 37.65
C LYS K 41 17.79 39.69 37.19
N GLY K 42 16.82 39.37 36.33
CA GLY K 42 16.63 38.02 35.83
C GLY K 42 17.48 37.70 34.60
N SER K 43 16.91 36.92 33.69
CA SER K 43 17.58 36.52 32.46
C SER K 43 18.09 37.70 31.62
N ARG K 44 17.56 38.89 31.86
CA ARG K 44 17.97 40.08 31.11
C ARG K 44 19.45 40.39 31.25
N LYS K 45 20.12 39.76 32.21
CA LYS K 45 21.55 39.98 32.39
C LYS K 45 22.36 39.36 31.25
N GLY K 46 21.77 38.39 30.57
CA GLY K 46 22.44 37.71 29.47
C GLY K 46 22.33 38.49 28.17
N THR K 47 21.46 39.49 28.20
CA THR K 47 21.22 40.35 27.06
C THR K 47 22.48 41.05 26.59
N PRO K 48 22.66 41.18 25.27
CA PRO K 48 23.71 42.03 24.73
C PRO K 48 23.63 43.46 25.25
N TYR K 49 22.42 44.00 25.43
CA TYR K 49 22.29 45.36 25.95
C TYR K 49 22.81 45.44 27.37
N ALA K 50 22.48 44.43 28.16
CA ALA K 50 22.99 44.36 29.52
C ALA K 50 24.50 44.38 29.50
N ALA K 51 25.08 43.68 28.55
CA ALA K 51 26.52 43.63 28.42
C ALA K 51 27.07 45.00 28.08
N GLN K 52 26.40 45.70 27.17
CA GLN K 52 26.83 47.03 26.77
C GLN K 52 26.87 47.94 27.99
N LEU K 53 25.75 47.97 28.72
CA LEU K 53 25.64 48.76 29.93
C LEU K 53 26.73 48.41 30.94
N ALA K 54 27.05 47.12 31.02
CA ALA K 54 28.04 46.64 31.98
C ALA K 54 29.43 47.14 31.63
N ALA K 55 29.83 46.92 30.38
CA ALA K 55 31.14 47.35 29.93
C ALA K 55 31.27 48.86 30.09
N LEU K 56 30.20 49.57 29.75
CA LEU K 56 30.23 51.03 29.86
C LEU K 56 30.37 51.48 31.30
N ASP K 57 29.67 50.81 32.21
CA ASP K 57 29.76 51.16 33.61
C ASP K 57 31.17 50.93 34.11
N ALA K 58 31.75 49.79 33.77
CA ALA K 58 33.12 49.50 34.18
C ALA K 58 34.10 50.54 33.64
N ALA K 59 33.92 50.90 32.38
CA ALA K 59 34.78 51.89 31.75
C ALA K 59 34.68 53.22 32.47
N LYS K 60 33.45 53.70 32.66
CA LYS K 60 33.23 54.98 33.31
C LYS K 60 33.77 54.98 34.74
N LYS K 61 33.70 53.83 35.40
CA LYS K 61 34.25 53.73 36.74
C LYS K 61 35.78 53.81 36.69
N ALA K 62 36.36 53.27 35.62
CA ALA K 62 37.82 53.28 35.49
C ALA K 62 38.32 54.63 34.97
N MET K 63 37.42 55.44 34.45
CA MET K 63 37.77 56.79 34.02
C MET K 63 38.07 57.63 35.26
N ALA K 64 37.36 57.33 36.33
CA ALA K 64 37.51 58.06 37.59
C ALA K 64 38.86 57.75 38.23
N TYR K 65 39.46 56.63 37.83
CA TYR K 65 40.81 56.31 38.24
C TYR K 65 41.78 56.84 37.19
N GLY K 66 41.23 57.54 36.22
CA GLY K 66 42.03 58.16 35.18
C GLY K 66 42.74 57.16 34.30
N MET K 67 41.99 56.23 33.73
CA MET K 67 42.58 55.24 32.84
C MET K 67 42.26 55.57 31.39
N GLN K 68 43.19 55.25 30.50
CA GLN K 68 43.06 55.64 29.10
C GLN K 68 43.12 54.45 28.14
N SER K 69 44.23 53.72 28.15
CA SER K 69 44.39 52.56 27.28
C SER K 69 44.10 51.25 28.01
N VAL K 70 43.47 50.30 27.31
CA VAL K 70 43.13 49.02 27.92
C VAL K 70 43.51 47.85 27.02
N ASP K 71 43.82 46.71 27.64
CA ASP K 71 43.98 45.45 26.93
C ASP K 71 42.78 44.56 27.21
N VAL K 72 42.04 44.22 26.16
CA VAL K 72 40.82 43.42 26.33
C VAL K 72 41.13 41.94 26.33
N ILE K 73 40.54 41.22 27.28
CA ILE K 73 40.70 39.78 27.39
C ILE K 73 39.31 39.14 27.50
N VAL K 74 39.02 38.22 26.58
CA VAL K 74 37.68 37.67 26.44
C VAL K 74 37.63 36.22 26.89
N ARG K 75 36.63 35.87 27.69
CA ARG K 75 36.48 34.49 28.12
C ARG K 75 35.03 34.05 28.09
N GLY K 76 34.82 32.82 27.65
CA GLY K 76 33.49 32.26 27.60
C GLY K 76 32.77 32.60 26.31
N THR K 77 31.88 31.72 25.89
CA THR K 77 31.07 32.00 24.72
C THR K 77 29.66 32.28 25.19
N GLY K 78 29.23 33.52 25.04
CA GLY K 78 27.91 33.92 25.48
C GLY K 78 27.30 35.01 24.63
N ALA K 79 26.00 35.18 24.76
CA ALA K 79 25.32 36.30 24.12
C ALA K 79 25.91 37.57 24.66
N GLY K 80 26.10 38.56 23.80
CA GLY K 80 26.61 39.85 24.23
C GLY K 80 28.03 39.79 24.75
N ARG K 81 28.91 39.14 24.00
CA ARG K 81 30.33 39.26 24.23
C ARG K 81 30.84 40.39 23.36
N GLU K 82 30.69 40.21 22.04
CA GLU K 82 31.10 41.20 21.08
C GLU K 82 30.46 42.56 21.36
N GLN K 83 29.26 42.57 21.93
CA GLN K 83 28.61 43.83 22.26
C GLN K 83 29.38 44.54 23.37
N ALA K 84 29.89 43.76 24.32
CA ALA K 84 30.71 44.33 25.38
C ALA K 84 32.02 44.84 24.80
N ILE K 85 32.58 44.09 23.86
CA ILE K 85 33.77 44.54 23.15
C ILE K 85 33.52 45.90 22.52
N ARG K 86 32.55 45.98 21.61
CA ARG K 86 32.22 47.22 20.94
C ARG K 86 31.89 48.34 21.92
N ALA K 87 31.36 47.96 23.08
CA ALA K 87 31.08 48.93 24.13
C ALA K 87 32.38 49.56 24.61
N LEU K 88 33.33 48.72 24.98
CA LEU K 88 34.62 49.21 25.43
C LEU K 88 35.41 49.90 24.32
N GLN K 89 35.09 49.58 23.07
CA GLN K 89 35.90 50.04 21.94
C GLN K 89 35.86 51.55 21.83
N ALA K 90 34.68 52.15 21.74
CA ALA K 90 34.62 53.54 22.11
C ALA K 90 33.76 53.68 23.36
N SER K 91 34.44 53.67 24.50
CA SER K 91 33.90 54.17 25.75
C SER K 91 34.59 55.49 26.04
N GLY K 92 35.55 55.81 25.19
CA GLY K 92 36.54 56.81 25.50
C GLY K 92 37.84 56.14 25.90
N LEU K 93 37.77 54.83 26.15
CA LEU K 93 38.96 54.05 26.42
C LEU K 93 39.58 53.60 25.10
N GLN K 94 40.90 53.69 25.01
CA GLN K 94 41.61 53.17 23.85
C GLN K 94 41.80 51.67 24.04
N VAL K 95 41.29 50.89 23.11
CA VAL K 95 41.46 49.44 23.16
C VAL K 95 42.70 49.06 22.37
N LYS K 96 43.74 48.62 23.09
CA LYS K 96 45.03 48.35 22.48
C LYS K 96 45.09 47.00 21.78
N SER K 97 44.26 46.06 22.24
CA SER K 97 44.25 44.70 21.71
C SER K 97 43.15 43.86 22.33
N ILE K 98 42.80 42.78 21.66
CA ILE K 98 41.78 41.86 22.14
C ILE K 98 42.32 40.44 22.08
N VAL K 99 42.04 39.63 23.09
CA VAL K 99 42.49 38.25 23.12
C VAL K 99 41.42 37.35 23.72
N ASP K 100 41.19 36.20 23.10
CA ASP K 100 40.28 35.23 23.69
C ASP K 100 41.06 34.21 24.51
N ASP K 101 40.88 34.27 25.82
CA ASP K 101 41.59 33.39 26.75
C ASP K 101 40.77 32.18 27.21
N THR K 102 39.59 31.97 26.62
CA THR K 102 38.63 31.00 27.17
C THR K 102 39.24 29.65 27.51
N PRO K 103 39.14 29.26 28.79
CA PRO K 103 39.73 27.99 29.23
C PRO K 103 39.07 26.78 28.59
N VAL K 104 39.90 25.95 27.98
CA VAL K 104 39.46 24.68 27.43
C VAL K 104 40.22 23.57 28.13
N PRO K 105 39.49 22.67 28.79
CA PRO K 105 40.19 21.52 29.34
C PRO K 105 40.73 20.60 28.26
N HIS K 106 41.74 19.83 28.65
CA HIS K 106 42.35 18.79 27.83
C HIS K 106 41.61 17.48 28.09
N ASN K 107 40.36 17.65 28.55
CA ASN K 107 39.46 16.65 29.10
C ASN K 107 39.85 16.12 30.47
N GLY K 108 39.82 17.01 31.45
CA GLY K 108 39.97 16.61 32.83
C GLY K 108 38.76 16.08 33.55
N CYS K 109 37.63 16.79 33.47
CA CYS K 109 36.52 16.53 34.37
C CYS K 109 35.23 16.22 33.65
N ARG K 110 34.49 15.23 34.14
CA ARG K 110 33.21 14.89 33.55
C ARG K 110 32.26 16.06 33.72
N PRO K 111 31.73 16.57 32.61
CA PRO K 111 30.81 17.70 32.66
C PRO K 111 29.50 17.34 33.33
N LYS K 112 28.72 18.34 33.70
CA LYS K 112 27.37 18.12 34.17
C LYS K 112 26.58 17.49 33.03
N LYS K 113 25.52 16.77 33.38
CA LYS K 113 24.66 16.15 32.38
C LYS K 113 24.24 17.16 31.31
N LYS K 114 24.03 18.41 31.74
CA LYS K 114 23.66 19.49 30.85
C LYS K 114 24.65 19.66 29.72
N PHE K 115 25.93 19.60 30.04
CA PHE K 115 26.98 19.87 29.07
C PHE K 115 27.57 18.60 28.45
N ARG K 116 26.98 17.46 28.75
CA ARG K 116 27.55 16.19 28.32
C ARG K 116 27.30 15.89 26.85
N LYS K 117 27.60 14.64 26.48
CA LYS K 117 27.85 14.21 25.11
C LYS K 117 29.13 14.90 24.67
N ALA K 118 30.02 15.07 25.64
CA ALA K 118 31.34 15.66 25.46
C ALA K 118 32.20 15.31 26.69
N SER K 119 33.44 15.82 26.72
CA SER K 119 34.32 15.57 27.86
C SER K 119 35.38 16.65 27.99
N PRO L 1 21.58 -29.34 9.70
CA PRO L 1 22.64 -29.98 10.47
C PRO L 1 23.45 -30.94 9.64
N THR L 2 24.74 -31.03 9.92
CA THR L 2 25.63 -31.93 9.20
C THR L 2 25.20 -33.36 9.45
N ILE L 3 25.57 -34.26 8.55
CA ILE L 3 25.17 -35.64 8.67
C ILE L 3 25.67 -36.21 9.99
N ASN L 4 26.89 -35.85 10.38
CA ASN L 4 27.46 -36.33 11.62
C ASN L 4 26.60 -35.87 12.79
N GLN L 5 26.04 -34.67 12.69
CA GLN L 5 25.19 -34.17 13.75
C GLN L 5 23.93 -35.02 13.85
N LEU L 6 23.40 -35.44 12.71
CA LEU L 6 22.20 -36.26 12.71
C LEU L 6 22.51 -37.62 13.27
N VAL L 7 23.72 -38.09 13.05
CA VAL L 7 24.13 -39.36 13.62
C VAL L 7 24.22 -39.21 15.13
N ARG L 8 24.75 -38.09 15.59
CA ARG L 8 24.98 -37.89 17.02
C ARG L 8 23.72 -37.53 17.79
N LYS L 9 22.86 -36.73 17.18
CA LYS L 9 21.66 -36.24 17.86
C LYS L 9 20.42 -36.88 17.28
N GLY L 10 20.16 -36.61 16.00
CA GLY L 10 19.01 -37.19 15.34
C GLY L 10 17.79 -36.30 15.42
N ARG L 11 16.85 -36.53 14.53
CA ARG L 11 15.61 -35.77 14.53
C ARG L 11 14.72 -36.19 15.70
N GLU L 12 13.93 -35.25 16.19
CA GLU L 12 13.07 -35.47 17.34
C GLU L 12 11.62 -35.59 16.90
N LYS L 13 11.00 -36.72 17.23
CA LYS L 13 9.63 -36.99 16.79
C LYS L 13 8.62 -36.15 17.56
N VAL L 14 7.66 -35.59 16.85
CA VAL L 14 6.68 -34.69 17.44
C VAL L 14 5.60 -35.44 18.21
N ARG L 15 5.37 -35.03 19.45
CA ARG L 15 4.30 -35.60 20.26
C ARG L 15 3.06 -34.73 20.22
N LYS L 16 1.92 -35.32 19.91
CA LYS L 16 0.66 -34.61 19.92
C LYS L 16 0.02 -34.69 21.31
N LYS L 17 -0.59 -33.59 21.74
CA LYS L 17 -1.31 -33.58 23.00
C LYS L 17 -2.82 -33.51 22.75
N SER L 18 -3.57 -34.26 23.53
CA SER L 18 -5.01 -34.34 23.36
C SER L 18 -5.66 -33.00 23.64
N LYS L 19 -6.75 -32.71 22.93
CA LYS L 19 -7.56 -31.54 23.24
C LYS L 19 -8.73 -31.97 24.11
N VAL L 20 -8.79 -33.27 24.43
CA VAL L 20 -9.92 -33.85 25.12
C VAL L 20 -9.45 -34.90 26.15
N PRO L 21 -9.09 -34.45 27.36
CA PRO L 21 -8.94 -35.44 28.44
C PRO L 21 -10.29 -36.00 28.98
N ALA L 22 -10.94 -36.78 28.13
CA ALA L 22 -12.05 -37.65 28.50
C ALA L 22 -11.43 -39.00 28.85
N LEU L 23 -10.10 -38.99 28.81
CA LEU L 23 -9.21 -40.12 29.06
C LEU L 23 -9.54 -41.36 28.26
N LYS L 24 -9.18 -42.51 28.83
CA LYS L 24 -9.52 -43.86 28.36
C LYS L 24 -9.51 -43.98 26.83
N GLY L 25 -8.74 -43.12 26.16
CA GLY L 25 -8.86 -42.94 24.73
C GLY L 25 -10.31 -42.75 24.32
N ALA L 26 -11.13 -42.27 25.26
CA ALA L 26 -12.56 -42.55 25.24
C ALA L 26 -13.34 -41.56 24.39
N PRO L 27 -14.32 -42.07 23.64
CA PRO L 27 -15.22 -41.30 22.78
C PRO L 27 -16.24 -40.47 23.56
N PHE L 28 -16.72 -41.00 24.68
CA PHE L 28 -17.67 -40.30 25.53
C PHE L 28 -17.37 -40.54 26.99
N ARG L 29 -17.87 -39.69 27.86
CA ARG L 29 -17.74 -39.96 29.29
C ARG L 29 -18.97 -39.49 30.06
N ARG L 30 -19.42 -40.31 31.00
CA ARG L 30 -20.57 -39.97 31.82
C ARG L 30 -20.18 -39.08 32.98
N GLY L 31 -21.06 -38.15 33.33
CA GLY L 31 -20.82 -37.27 34.46
C GLY L 31 -22.10 -36.79 35.09
N VAL L 32 -21.98 -36.22 36.29
CA VAL L 32 -23.13 -35.64 36.97
C VAL L 32 -22.96 -34.14 37.04
N CYS L 33 -24.02 -33.40 36.74
CA CYS L 33 -23.93 -31.95 36.73
C CYS L 33 -23.67 -31.40 38.12
N THR L 34 -23.16 -30.18 38.18
CA THR L 34 -22.90 -29.51 39.45
C THR L 34 -23.62 -28.17 39.40
N VAL L 35 -23.20 -27.33 38.48
CA VAL L 35 -23.91 -26.08 38.24
C VAL L 35 -24.44 -26.09 36.82
N VAL L 36 -25.54 -25.36 36.60
CA VAL L 36 -25.99 -25.06 35.26
C VAL L 36 -26.02 -23.55 35.14
N ARG L 37 -25.15 -23.01 34.31
CA ARG L 37 -24.97 -21.57 34.25
C ARG L 37 -25.18 -20.99 32.87
N THR L 38 -25.05 -19.67 32.82
CA THR L 38 -25.06 -18.93 31.58
C THR L 38 -23.74 -18.18 31.50
N VAL L 39 -23.17 -18.11 30.30
CA VAL L 39 -21.87 -17.49 30.09
C VAL L 39 -21.96 -16.49 28.95
N THR L 40 -21.21 -15.40 29.04
CA THR L 40 -21.13 -14.45 27.93
C THR L 40 -19.91 -14.73 27.07
N PRO L 41 -20.13 -14.86 25.75
CA PRO L 41 -19.12 -15.18 24.73
C PRO L 41 -18.08 -14.08 24.54
N LYS L 42 -16.99 -14.40 23.85
CA LYS L 42 -15.93 -13.42 23.63
C LYS L 42 -16.27 -12.46 22.50
N LYS L 43 -15.37 -11.51 22.27
CA LYS L 43 -15.69 -10.19 21.73
C LYS L 43 -16.68 -10.10 20.58
N PRO L 44 -16.45 -10.82 19.48
CA PRO L 44 -17.27 -10.50 18.30
C PRO L 44 -18.76 -10.80 18.50
N ASN L 45 -19.08 -11.69 19.43
CA ASN L 45 -20.48 -12.00 19.70
C ASN L 45 -21.05 -11.48 21.01
N SER L 46 -22.35 -11.68 21.18
CA SER L 46 -23.04 -11.48 22.44
C SER L 46 -24.20 -12.47 22.52
N ALA L 47 -24.35 -13.12 23.67
CA ALA L 47 -25.47 -14.02 23.90
C ALA L 47 -25.48 -14.44 25.36
N LEU L 48 -26.45 -15.27 25.73
CA LEU L 48 -26.37 -15.97 26.99
C LEU L 48 -26.24 -17.45 26.67
N ARG L 49 -25.06 -17.99 26.86
CA ARG L 49 -24.76 -19.34 26.41
C ARG L 49 -24.94 -20.33 27.55
N LYS L 50 -25.55 -21.47 27.26
CA LYS L 50 -25.90 -22.42 28.33
C LYS L 50 -24.77 -23.42 28.59
N VAL L 51 -24.23 -23.41 29.81
CA VAL L 51 -23.09 -24.26 30.13
C VAL L 51 -23.40 -25.07 31.39
N ALA L 52 -22.67 -26.16 31.62
CA ALA L 52 -22.86 -26.95 32.82
C ALA L 52 -21.54 -27.46 33.38
N LYS L 53 -21.33 -27.28 34.69
CA LYS L 53 -20.17 -27.86 35.36
C LYS L 53 -20.44 -29.34 35.56
N VAL L 54 -19.58 -30.20 35.05
CA VAL L 54 -19.82 -31.63 35.08
C VAL L 54 -18.72 -32.38 35.81
N ARG L 55 -19.11 -33.19 36.78
CA ARG L 55 -18.21 -34.03 37.55
C ARG L 55 -18.15 -35.39 36.87
N LEU L 56 -17.00 -35.71 36.27
CA LEU L 56 -16.84 -36.91 35.45
C LEU L 56 -16.58 -38.18 36.25
N THR L 57 -16.93 -39.32 35.66
CA THR L 57 -16.49 -40.61 36.17
C THR L 57 -14.99 -40.73 35.92
N SER L 58 -14.54 -39.95 34.95
CA SER L 58 -13.13 -39.85 34.59
C SER L 58 -12.27 -39.38 35.75
N GLY L 59 -12.86 -38.62 36.67
CA GLY L 59 -12.13 -38.02 37.78
C GLY L 59 -11.83 -36.54 37.57
N TYR L 60 -12.47 -35.96 36.56
CA TYR L 60 -12.29 -34.56 36.21
C TYR L 60 -13.59 -33.79 36.47
N GLU L 61 -13.48 -32.49 36.72
CA GLU L 61 -14.66 -31.64 36.72
C GLU L 61 -14.49 -30.55 35.66
N VAL L 62 -15.27 -30.63 34.60
CA VAL L 62 -15.08 -29.73 33.47
C VAL L 62 -16.40 -29.13 33.01
N THR L 63 -16.31 -27.93 32.43
CA THR L 63 -17.48 -27.25 31.90
C THR L 63 -17.83 -27.81 30.53
N ALA L 64 -19.13 -27.93 30.24
CA ALA L 64 -19.55 -28.48 28.97
C ALA L 64 -20.82 -27.81 28.43
N TYR L 65 -20.88 -27.70 27.11
CA TYR L 65 -21.93 -26.95 26.43
C TYR L 65 -23.23 -27.75 26.31
N ILE L 66 -24.35 -27.05 26.33
CA ILE L 66 -25.66 -27.66 26.24
C ILE L 66 -26.40 -27.14 25.02
N PRO L 67 -26.21 -27.80 23.87
CA PRO L 67 -26.76 -27.30 22.60
C PRO L 67 -28.28 -27.33 22.55
N GLY L 68 -28.85 -26.82 21.47
CA GLY L 68 -30.30 -26.84 21.31
C GLY L 68 -31.00 -25.60 21.81
N GLU L 69 -32.25 -25.44 21.39
CA GLU L 69 -33.06 -24.28 21.75
C GLU L 69 -33.33 -24.21 23.26
N GLY L 70 -33.64 -25.34 23.87
CA GLY L 70 -33.88 -25.38 25.30
C GLY L 70 -33.61 -26.73 25.92
N HIS L 71 -33.31 -26.74 27.22
CA HIS L 71 -32.93 -27.97 27.90
C HIS L 71 -33.62 -28.15 29.24
N ASN L 72 -33.40 -29.30 29.86
CA ASN L 72 -33.70 -29.46 31.28
C ASN L 72 -32.48 -30.05 31.98
N LEU L 73 -31.77 -29.24 32.74
CA LEU L 73 -30.65 -29.75 33.50
C LEU L 73 -30.59 -29.10 34.86
N GLN L 74 -30.73 -29.91 35.89
CA GLN L 74 -30.72 -29.42 37.26
C GLN L 74 -29.37 -29.71 37.88
N GLU L 75 -29.24 -29.39 39.16
CA GLU L 75 -27.99 -29.60 39.87
C GLU L 75 -27.52 -31.05 39.75
N HIS L 76 -28.42 -32.00 40.03
CA HIS L 76 -28.01 -33.39 40.13
C HIS L 76 -28.26 -34.25 38.87
N SER L 77 -28.70 -33.64 37.78
CA SER L 77 -29.03 -34.40 36.57
C SER L 77 -27.82 -35.06 35.90
N VAL L 78 -27.98 -36.32 35.51
CA VAL L 78 -26.91 -37.13 34.94
C VAL L 78 -26.81 -36.92 33.44
N VAL L 79 -25.60 -36.81 32.93
CA VAL L 79 -25.41 -36.43 31.54
C VAL L 79 -24.24 -37.18 30.91
N LEU L 80 -24.25 -37.31 29.58
CA LEU L 80 -23.14 -37.91 28.85
C LEU L 80 -22.46 -36.85 27.98
N ILE L 81 -21.14 -36.70 28.13
CA ILE L 81 -20.46 -35.68 27.35
C ILE L 81 -19.54 -36.27 26.31
N ARG L 82 -19.37 -35.50 25.24
CA ARG L 82 -18.59 -35.88 24.08
C ARG L 82 -17.60 -34.76 23.81
N GLY L 83 -16.61 -35.04 22.97
CA GLY L 83 -15.65 -34.02 22.62
C GLY L 83 -16.24 -32.95 21.72
N GLY L 84 -15.40 -32.00 21.34
CA GLY L 84 -15.79 -30.90 20.49
C GLY L 84 -16.06 -29.67 21.33
N ARG L 85 -15.70 -28.51 20.82
CA ARG L 85 -15.67 -27.32 21.66
C ARG L 85 -16.57 -26.23 21.16
N VAL L 86 -16.64 -25.16 21.93
CA VAL L 86 -17.38 -23.96 21.56
C VAL L 86 -16.36 -22.86 21.36
N LYS L 87 -16.14 -22.44 20.13
CA LYS L 87 -15.02 -21.57 19.85
C LYS L 87 -15.08 -20.28 20.64
N LEU L 89 -16.47 -19.46 23.35
CA LEU L 89 -16.59 -19.58 24.80
C LEU L 89 -15.34 -20.16 25.40
N PRO L 90 -14.32 -19.32 25.67
CA PRO L 90 -13.05 -19.85 26.14
C PRO L 90 -13.23 -20.76 27.36
N GLY L 91 -12.63 -21.94 27.32
CA GLY L 91 -12.72 -22.86 28.43
C GLY L 91 -13.66 -24.04 28.26
N VAL L 92 -14.51 -24.00 27.24
CA VAL L 92 -15.45 -25.09 27.03
C VAL L 92 -14.96 -26.00 25.92
N ARG L 93 -14.46 -27.17 26.29
CA ARG L 93 -13.95 -28.13 25.33
C ARG L 93 -14.88 -29.30 25.01
N TYR L 94 -16.03 -29.39 25.67
CA TYR L 94 -16.89 -30.57 25.53
C TYR L 94 -18.37 -30.22 25.37
N HIS L 95 -19.11 -31.10 24.71
CA HIS L 95 -20.54 -30.93 24.52
C HIS L 95 -21.31 -31.96 25.33
N ILE L 96 -22.53 -31.60 25.73
CA ILE L 96 -23.47 -32.57 26.30
C ILE L 96 -24.18 -33.26 25.14
N VAL L 97 -24.22 -34.58 25.17
CA VAL L 97 -24.97 -35.33 24.18
C VAL L 97 -26.43 -35.26 24.57
N ARG L 98 -27.28 -34.80 23.67
CA ARG L 98 -28.69 -34.65 24.00
C ARG L 98 -29.45 -35.88 23.58
N GLY L 99 -30.39 -36.31 24.41
CA GLY L 99 -31.17 -37.50 24.14
C GLY L 99 -30.67 -38.68 24.94
N VAL L 100 -29.68 -38.43 25.79
CA VAL L 100 -29.11 -39.47 26.62
C VAL L 100 -29.24 -39.11 28.09
N TYR L 101 -29.61 -40.09 28.92
CA TYR L 101 -29.72 -39.92 30.35
C TYR L 101 -30.74 -38.82 30.71
N ASP L 102 -30.36 -37.94 31.63
CA ASP L 102 -31.30 -36.95 32.14
C ASP L 102 -31.41 -35.73 31.23
N ALA L 103 -30.66 -35.75 30.13
CA ALA L 103 -30.73 -34.65 29.17
C ALA L 103 -31.72 -35.00 28.06
N ALA L 104 -32.84 -34.30 28.05
CA ALA L 104 -33.89 -34.56 27.08
C ALA L 104 -33.44 -34.18 25.69
N GLY L 105 -34.09 -34.75 24.68
CA GLY L 105 -33.86 -34.35 23.32
C GLY L 105 -34.47 -32.99 23.09
N VAL L 106 -34.05 -32.30 22.04
CA VAL L 106 -34.64 -31.02 21.72
C VAL L 106 -36.02 -31.26 21.15
N LYS L 107 -37.01 -30.48 21.61
CA LYS L 107 -38.38 -30.69 21.20
C LYS L 107 -38.71 -29.83 19.99
N ASP L 108 -39.54 -30.37 19.10
CA ASP L 108 -40.01 -29.68 17.90
C ASP L 108 -38.85 -29.37 16.97
N ARG L 109 -37.92 -30.31 16.87
CA ARG L 109 -36.78 -30.18 15.96
C ARG L 109 -37.01 -31.06 14.73
N LYS L 110 -37.29 -30.44 13.60
CA LYS L 110 -37.56 -31.21 12.40
C LYS L 110 -36.41 -31.32 11.38
N LYS L 111 -35.29 -30.62 11.60
CA LYS L 111 -34.28 -30.54 10.55
C LYS L 111 -33.08 -31.47 10.79
N SER L 112 -32.15 -31.12 11.67
CA SER L 112 -31.11 -32.09 11.96
C SER L 112 -31.45 -32.72 13.29
N ARG L 113 -32.07 -33.89 13.24
CA ARG L 113 -32.62 -34.47 14.45
C ARG L 113 -31.59 -35.28 15.22
N SER L 114 -30.82 -36.09 14.51
CA SER L 114 -29.95 -37.06 15.17
C SER L 114 -28.88 -36.37 15.98
N LYS L 115 -28.57 -35.14 15.63
CA LYS L 115 -27.56 -34.38 16.36
C LYS L 115 -28.10 -33.84 17.69
N TYR L 116 -29.35 -33.41 17.67
CA TYR L 116 -29.98 -32.90 18.89
C TYR L 116 -30.84 -33.95 19.59
N GLY L 117 -30.83 -35.17 19.06
CA GLY L 117 -31.45 -36.29 19.72
C GLY L 117 -32.96 -36.29 19.78
N THR L 118 -33.60 -36.08 18.64
CA THR L 118 -35.05 -36.06 18.58
C THR L 118 -35.60 -37.10 17.63
N LYS L 119 -36.43 -37.99 18.16
CA LYS L 119 -36.96 -39.08 17.36
C LYS L 119 -37.87 -38.58 16.25
N LYS L 120 -37.98 -39.37 15.18
CA LYS L 120 -38.77 -39.00 14.02
C LYS L 120 -40.23 -38.71 14.38
N PRO L 121 -40.73 -37.53 13.99
CA PRO L 121 -42.15 -37.18 14.12
C PRO L 121 -43.03 -38.23 13.46
N LYS L 122 -44.19 -38.49 14.05
CA LYS L 122 -45.01 -39.63 13.67
C LYS L 122 -45.88 -39.37 12.45
N GLU L 123 -46.81 -40.31 12.23
CA GLU L 123 -47.87 -40.26 11.20
C GLU L 123 -47.41 -39.87 9.81
N ALA L 124 -48.24 -39.10 9.11
CA ALA L 124 -47.98 -38.72 7.73
C ALA L 124 -48.67 -37.42 7.38
N ALA L 125 -48.06 -36.64 6.49
N ALA M 1 -43.20 79.88 34.38
CA ALA M 1 -43.83 79.89 35.70
C ALA M 1 -44.64 78.62 35.91
N ARG M 2 -45.52 78.65 36.90
CA ARG M 2 -46.27 77.47 37.32
C ARG M 2 -47.50 77.29 36.46
N ILE M 3 -47.55 76.17 35.74
CA ILE M 3 -48.64 75.91 34.81
C ILE M 3 -49.21 74.51 35.04
N ALA M 4 -50.54 74.43 35.09
CA ALA M 4 -51.24 73.15 35.10
C ALA M 4 -50.71 72.21 36.17
N GLY M 5 -50.96 72.54 37.44
CA GLY M 5 -50.47 71.72 38.51
C GLY M 5 -49.15 72.21 39.05
N VAL M 6 -48.45 71.34 39.76
CA VAL M 6 -47.33 71.74 40.59
C VAL M 6 -46.03 71.91 39.82
N GLU M 7 -46.05 71.67 38.51
CA GLU M 7 -44.80 71.66 37.75
C GLU M 7 -44.45 73.01 37.14
N ILE M 8 -43.20 73.41 37.34
CA ILE M 8 -42.67 74.64 36.78
C ILE M 8 -41.55 74.35 35.79
N PRO M 9 -41.80 74.56 34.48
CA PRO M 9 -40.73 74.53 33.49
C PRO M 9 -39.96 75.84 33.53
N ARG M 10 -38.67 75.85 33.17
CA ARG M 10 -37.91 77.10 33.26
C ARG M 10 -36.75 77.19 32.27
N ASN M 11 -36.47 78.41 31.81
CA ASN M 11 -35.25 78.75 31.09
C ASN M 11 -34.96 77.88 29.86
N LYS M 12 -35.89 77.89 28.91
CA LYS M 12 -35.76 77.23 27.61
C LYS M 12 -37.07 77.41 26.86
N ARG M 13 -37.10 77.05 25.58
CA ARG M 13 -38.26 77.33 24.73
C ARG M 13 -39.57 76.81 25.32
N VAL M 14 -40.63 77.62 25.19
CA VAL M 14 -41.89 77.36 25.87
C VAL M 14 -42.53 76.05 25.44
N ASP M 15 -42.38 75.67 24.17
CA ASP M 15 -42.90 74.40 23.71
C ASP M 15 -42.19 73.25 24.44
N VAL M 16 -40.88 73.22 24.28
CA VAL M 16 -40.04 72.21 24.89
C VAL M 16 -40.23 72.21 26.40
N ALA M 17 -40.48 73.37 26.97
CA ALA M 17 -40.71 73.48 28.39
C ALA M 17 -42.06 72.87 28.76
N LEU M 18 -43.06 73.11 27.93
CA LEU M 18 -44.39 72.57 28.15
C LEU M 18 -44.38 71.06 28.01
N THR M 19 -43.37 70.53 27.36
CA THR M 19 -43.21 69.07 27.28
C THR M 19 -43.13 68.46 28.67
N TYR M 20 -42.51 69.19 29.59
CA TYR M 20 -42.33 68.71 30.96
C TYR M 20 -43.65 68.62 31.72
N ILE M 21 -44.72 69.14 31.13
CA ILE M 21 -46.06 68.91 31.64
C ILE M 21 -46.40 67.46 31.38
N TYR M 22 -47.06 66.79 32.32
CA TYR M 22 -47.27 65.35 32.20
C TYR M 22 -48.09 64.95 30.99
N GLY M 23 -49.30 65.47 30.87
CA GLY M 23 -50.17 65.05 29.79
C GLY M 23 -49.94 65.78 28.49
N ILE M 24 -48.77 66.43 28.37
CA ILE M 24 -48.51 67.28 27.23
C ILE M 24 -47.24 66.86 26.52
N GLY M 25 -47.39 66.50 25.24
CA GLY M 25 -46.25 66.18 24.40
C GLY M 25 -45.92 67.34 23.49
N LYS M 26 -45.29 67.07 22.36
CA LYS M 26 -44.88 68.14 21.46
C LYS M 26 -46.06 68.71 20.69
N ALA M 27 -47.01 67.84 20.33
CA ALA M 27 -48.17 68.23 19.56
C ALA M 27 -49.07 69.20 20.32
N ARG M 28 -49.47 68.81 21.53
CA ARG M 28 -50.36 69.62 22.35
C ARG M 28 -49.69 70.92 22.78
N ALA M 29 -48.37 70.91 22.87
CA ALA M 29 -47.63 72.12 23.20
C ALA M 29 -47.67 73.07 22.04
N LYS M 30 -47.35 72.56 20.87
CA LYS M 30 -47.43 73.32 19.62
C LYS M 30 -48.81 73.95 19.49
N GLU M 31 -49.84 73.14 19.69
CA GLU M 31 -51.21 73.61 19.59
C GLU M 31 -51.53 74.69 20.62
N ALA M 32 -51.09 74.47 21.86
CA ALA M 32 -51.40 75.40 22.94
C ALA M 32 -50.73 76.75 22.70
N LEU M 33 -49.51 76.73 22.18
CA LEU M 33 -48.84 77.98 21.88
C LEU M 33 -49.45 78.62 20.64
N GLU M 34 -50.05 77.78 19.80
CA GLU M 34 -50.67 78.27 18.58
C GLU M 34 -51.97 79.03 18.88
N LYS M 35 -52.85 78.42 19.66
CA LYS M 35 -54.14 79.03 19.96
C LYS M 35 -54.03 80.16 20.97
N THR M 36 -52.91 80.20 21.70
CA THR M 36 -52.69 81.23 22.69
C THR M 36 -51.87 82.37 22.10
N GLY M 37 -51.46 82.21 20.86
CA GLY M 37 -50.74 83.24 20.14
C GLY M 37 -49.39 83.64 20.72
N ILE M 38 -48.74 82.69 21.37
CA ILE M 38 -47.42 82.93 21.96
C ILE M 38 -46.34 82.38 21.05
N ASN M 39 -45.30 83.17 20.79
CA ASN M 39 -44.18 82.68 20.02
C ASN M 39 -43.50 81.56 20.79
N PRO M 40 -43.42 80.37 20.17
CA PRO M 40 -42.83 79.21 20.84
C PRO M 40 -41.34 79.38 21.10
N ALA M 41 -40.70 80.33 20.42
CA ALA M 41 -39.25 80.46 20.49
C ALA M 41 -38.76 81.11 21.78
N THR M 42 -39.62 81.91 22.43
CA THR M 42 -39.20 82.66 23.61
C THR M 42 -38.87 81.74 24.77
N ARG M 43 -37.98 82.19 25.64
CA ARG M 43 -37.68 81.44 26.85
C ARG M 43 -38.80 81.65 27.86
N VAL M 44 -38.94 80.71 28.79
CA VAL M 44 -40.02 80.79 29.77
C VAL M 44 -39.82 81.99 30.69
N LYS M 45 -38.56 82.31 30.99
CA LYS M 45 -38.27 83.46 31.84
C LYS M 45 -38.64 84.77 31.15
N ASP M 46 -38.85 84.71 29.84
CA ASP M 46 -39.22 85.88 29.07
C ASP M 46 -40.72 85.98 28.86
N LEU M 47 -41.47 85.04 29.43
CA LEU M 47 -42.92 85.04 29.30
C LEU M 47 -43.56 86.14 30.13
N THR M 48 -44.46 86.88 29.49
CA THR M 48 -45.28 87.89 30.16
C THR M 48 -46.25 87.23 31.13
N GLU M 49 -46.48 87.85 32.28
CA GLU M 49 -47.46 87.34 33.24
C GLU M 49 -48.81 87.18 32.55
N ALA M 50 -49.09 88.08 31.60
CA ALA M 50 -50.29 87.97 30.79
C ALA M 50 -50.27 86.68 29.98
N GLU M 51 -49.15 86.45 29.29
CA GLU M 51 -48.97 85.25 28.47
C GLU M 51 -49.10 83.98 29.31
N VAL M 52 -48.46 83.98 30.47
CA VAL M 52 -48.51 82.83 31.36
C VAL M 52 -49.94 82.59 31.81
N VAL M 53 -50.64 83.66 32.14
CA VAL M 53 -52.02 83.56 32.59
C VAL M 53 -52.89 82.96 31.49
N ARG M 54 -52.65 83.37 30.25
CA ARG M 54 -53.41 82.86 29.12
C ARG M 54 -53.12 81.38 28.87
N LEU M 55 -51.84 81.03 28.90
CA LEU M 55 -51.39 79.66 28.72
C LEU M 55 -52.01 78.74 29.75
N ARG M 56 -51.91 79.14 31.00
CA ARG M 56 -52.52 78.43 32.11
C ARG M 56 -54.01 78.28 31.86
N GLU M 57 -54.66 79.38 31.50
CA GLU M 57 -56.10 79.39 31.26
C GLU M 57 -56.49 78.31 30.27
N TYR M 58 -55.84 78.31 29.11
CA TYR M 58 -56.11 77.28 28.10
C TYR M 58 -55.83 75.88 28.65
N VAL M 59 -54.55 75.62 28.89
CA VAL M 59 -54.05 74.29 29.19
C VAL M 59 -54.74 73.63 30.39
N GLU M 60 -54.92 74.37 31.47
CA GLU M 60 -55.50 73.84 32.72
C GLU M 60 -56.76 73.04 32.44
N ASN M 61 -57.81 73.69 31.99
CA ASN M 61 -58.91 72.90 31.45
C ASN M 61 -59.08 73.14 29.96
N THR M 62 -58.50 72.24 29.19
CA THR M 62 -58.91 71.91 27.84
C THR M 62 -58.76 70.38 27.81
N TRP M 63 -57.52 69.92 28.05
CA TRP M 63 -57.23 68.50 28.22
C TRP M 63 -56.99 68.14 29.68
N LYS M 64 -57.33 66.91 30.02
CA LYS M 64 -57.06 66.34 31.35
C LYS M 64 -55.57 66.04 31.51
N LEU M 65 -54.96 66.59 32.55
CA LEU M 65 -53.51 66.47 32.72
C LEU M 65 -53.08 65.95 34.08
N GLU M 66 -51.82 65.56 34.17
CA GLU M 66 -51.17 65.18 35.43
C GLU M 66 -51.92 64.15 36.28
N GLY M 67 -52.12 64.50 37.55
CA GLY M 67 -52.72 63.59 38.51
C GLY M 67 -54.01 62.94 38.08
N GLU M 68 -54.91 63.73 37.50
CA GLU M 68 -56.18 63.19 37.02
C GLU M 68 -55.94 62.22 35.88
N LEU M 69 -54.95 62.52 35.04
CA LEU M 69 -54.60 61.63 33.95
C LEU M 69 -54.14 60.29 34.50
N ARG M 70 -53.15 60.33 35.39
CA ARG M 70 -52.61 59.12 36.00
C ARG M 70 -53.71 58.31 36.66
N ALA M 71 -54.59 58.99 37.38
CA ALA M 71 -55.70 58.35 38.05
C ALA M 71 -56.60 57.65 37.04
N GLU M 72 -56.83 58.31 35.91
CA GLU M 72 -57.68 57.75 34.87
C GLU M 72 -57.06 56.48 34.28
N VAL M 73 -55.76 56.52 34.01
CA VAL M 73 -55.07 55.37 33.45
C VAL M 73 -55.14 54.20 34.43
N ALA M 74 -54.76 54.48 35.67
CA ALA M 74 -54.81 53.48 36.73
C ALA M 74 -56.20 52.87 36.84
N ALA M 75 -57.22 53.70 36.68
CA ALA M 75 -58.60 53.25 36.76
C ALA M 75 -58.96 52.40 35.55
N ASN M 76 -58.34 52.69 34.42
CA ASN M 76 -58.57 51.92 33.21
C ASN M 76 -58.00 50.51 33.36
N ILE M 77 -56.75 50.44 33.81
CA ILE M 77 -56.11 49.15 34.03
C ILE M 77 -56.87 48.36 35.08
N LYS M 78 -57.17 49.01 36.20
CA LYS M 78 -57.95 48.41 37.27
C LYS M 78 -59.27 47.86 36.74
N ARG M 79 -59.90 48.61 35.83
CA ARG M 79 -61.14 48.14 35.21
C ARG M 79 -60.85 46.87 34.42
N LEU M 80 -59.79 46.91 33.62
CA LEU M 80 -59.41 45.77 32.79
C LEU M 80 -59.23 44.51 33.61
N MET M 81 -58.66 44.67 34.80
CA MET M 81 -58.40 43.52 35.66
C MET M 81 -59.66 43.04 36.37
N ASP M 82 -60.48 43.99 36.81
CA ASP M 82 -61.67 43.67 37.59
C ASP M 82 -62.69 42.86 36.80
N ILE M 83 -62.76 43.10 35.50
CA ILE M 83 -63.76 42.44 34.67
C ILE M 83 -63.31 41.03 34.32
N GLY M 84 -62.04 40.73 34.55
CA GLY M 84 -61.51 39.41 34.24
C GLY M 84 -61.08 39.26 32.79
N CYS M 85 -60.74 40.39 32.18
CA CYS M 85 -60.30 40.41 30.79
C CYS M 85 -58.95 39.71 30.62
N TYR M 86 -58.63 39.34 29.38
CA TYR M 86 -57.31 38.78 29.08
C TYR M 86 -56.23 39.82 29.30
N ARG M 87 -56.44 41.01 28.75
CA ARG M 87 -55.56 42.13 29.01
C ARG M 87 -55.35 42.30 30.50
N GLY M 88 -56.41 42.03 31.26
CA GLY M 88 -56.35 42.09 32.71
C GLY M 88 -55.34 41.11 33.26
N LEU M 89 -55.32 39.90 32.70
CA LEU M 89 -54.36 38.90 33.13
C LEU M 89 -52.95 39.34 32.77
N ARG M 90 -52.75 39.75 31.53
CA ARG M 90 -51.42 40.17 31.09
C ARG M 90 -50.90 41.30 31.96
N HIS M 91 -51.79 42.18 32.39
CA HIS M 91 -51.43 43.23 33.33
C HIS M 91 -51.13 42.64 34.70
N ARG M 92 -51.84 41.57 35.04
CA ARG M 92 -51.76 40.97 36.37
C ARG M 92 -50.40 40.30 36.60
N ARG M 93 -49.96 39.49 35.64
CA ARG M 93 -48.66 38.82 35.78
C ARG M 93 -47.52 39.62 35.17
N GLY M 94 -47.85 40.80 34.65
CA GLY M 94 -46.83 41.68 34.11
C GLY M 94 -46.14 41.18 32.86
N LEU M 95 -46.93 40.87 31.84
CA LEU M 95 -46.41 40.39 30.56
C LEU M 95 -46.92 41.31 29.46
N PRO M 96 -46.31 41.25 28.26
CA PRO M 96 -46.78 42.09 27.17
C PRO M 96 -48.27 41.94 26.89
N VAL M 97 -48.97 43.06 26.84
CA VAL M 97 -50.43 43.05 26.66
C VAL M 97 -50.83 43.20 25.20
N ARG M 98 -49.86 43.56 24.36
CA ARG M 98 -50.14 43.91 22.98
C ARG M 98 -49.89 42.75 22.01
N GLY M 99 -49.67 41.56 22.55
CA GLY M 99 -49.53 40.39 21.71
C GLY M 99 -48.18 40.26 21.02
N GLN M 100 -47.13 40.33 21.82
CA GLN M 100 -45.78 40.16 21.31
C GLN M 100 -45.20 38.90 21.93
N ARG M 101 -44.17 38.34 21.29
CA ARG M 101 -43.54 37.12 21.76
C ARG M 101 -42.90 37.28 23.13
N THR M 102 -43.22 36.38 24.05
CA THR M 102 -42.61 36.38 25.36
C THR M 102 -41.47 35.38 25.51
N ARG M 103 -41.24 34.56 24.47
CA ARG M 103 -40.24 33.51 24.54
C ARG M 103 -38.84 34.09 24.69
N THR M 104 -38.55 35.09 23.90
CA THR M 104 -37.34 35.88 24.05
C THR M 104 -37.79 37.32 24.12
N ASN M 105 -36.87 38.21 24.50
CA ASN M 105 -37.21 39.60 24.72
C ASN M 105 -38.34 39.76 25.72
N ALA M 106 -39.24 40.69 25.45
CA ALA M 106 -40.28 41.08 26.40
C ALA M 106 -39.66 41.44 27.74
N ARG M 107 -38.49 42.06 27.69
CA ARG M 107 -37.72 42.34 28.90
C ARG M 107 -38.25 43.53 29.66
N THR M 108 -38.59 44.60 28.94
CA THR M 108 -38.98 45.85 29.57
C THR M 108 -40.24 45.67 30.41
N ARG M 109 -41.10 44.76 29.99
CA ARG M 109 -42.30 44.45 30.74
C ARG M 109 -41.98 43.51 31.90
N LYS M 110 -41.11 42.53 31.64
CA LYS M 110 -40.72 41.52 32.63
C LYS M 110 -39.65 42.02 33.60
N GLY M 111 -39.07 43.18 33.30
CA GLY M 111 -38.03 43.73 34.14
C GLY M 111 -36.72 43.01 33.99
N PRO M 112 -35.83 43.13 35.00
CA PRO M 112 -34.50 42.51 34.97
C PRO M 112 -34.56 41.01 34.77
N ARG M 113 -33.45 40.43 34.33
CA ARG M 113 -33.39 39.05 33.87
C ARG M 113 -33.03 38.10 35.01
N LYS M 114 -33.96 37.22 35.38
CA LYS M 114 -33.74 36.33 36.53
C LYS M 114 -33.36 34.93 36.07
N THR M 115 -32.09 34.58 36.22
CA THR M 115 -31.55 33.36 35.64
C THR M 115 -31.69 32.14 36.54
N VAL M 116 -31.95 30.98 35.94
CA VAL M 116 -31.98 29.72 36.67
C VAL M 116 -31.14 28.67 35.93
N ALA M 117 -31.08 27.47 36.50
CA ALA M 117 -30.27 26.39 35.93
C ALA M 117 -30.90 25.81 34.67
N GLY M 118 -30.09 25.13 33.87
CA GLY M 118 -30.56 24.52 32.64
C GLY M 118 -29.83 23.25 32.28
N ALA N 1 -47.79 16.75 -0.51
CA ALA N 1 -49.07 16.96 -1.16
C ALA N 1 -50.02 15.80 -0.88
N ARG N 2 -50.79 15.93 0.19
CA ARG N 2 -51.79 14.92 0.52
C ARG N 2 -52.97 15.02 -0.45
N LYS N 3 -53.53 13.88 -0.84
CA LYS N 3 -54.53 13.85 -1.91
C LYS N 3 -55.83 14.56 -1.56
N ALA N 4 -56.25 14.48 -0.31
CA ALA N 4 -57.46 15.17 0.10
C ALA N 4 -57.28 16.68 0.01
N LEU N 5 -56.06 17.15 0.25
CA LEU N 5 -55.76 18.58 0.22
C LEU N 5 -55.83 19.16 -1.18
N ILE N 6 -55.81 18.28 -2.17
CA ILE N 6 -55.96 18.72 -3.56
C ILE N 6 -57.43 19.10 -3.81
N GLU N 7 -58.25 18.96 -2.77
CA GLU N 7 -59.57 19.59 -2.74
C GLU N 7 -59.43 21.11 -2.79
N LYS N 8 -58.19 21.59 -2.76
CA LYS N 8 -57.88 23.00 -2.86
C LYS N 8 -58.68 23.66 -3.95
N ALA N 9 -58.67 23.08 -5.14
CA ALA N 9 -59.40 23.68 -6.23
C ALA N 9 -60.86 23.49 -5.90
N LYS N 10 -61.55 24.61 -5.71
CA LYS N 10 -62.95 24.60 -5.36
C LYS N 10 -63.64 25.80 -5.99
N ARG N 11 -64.75 25.57 -6.67
CA ARG N 11 -65.56 26.66 -7.17
C ARG N 11 -66.29 27.27 -5.99
N THR N 12 -66.43 26.49 -4.92
CA THR N 12 -67.06 26.93 -3.70
C THR N 12 -66.15 26.76 -2.48
N PRO N 13 -65.12 27.63 -2.37
CA PRO N 13 -64.25 27.64 -1.19
C PRO N 13 -65.01 28.06 0.06
N LYS N 14 -66.20 28.60 -0.14
CA LYS N 14 -67.12 29.13 0.89
C LYS N 14 -66.68 30.51 1.35
N PHE N 15 -65.42 30.85 1.09
CA PHE N 15 -64.89 32.19 1.33
C PHE N 15 -63.76 32.44 0.35
N LYS N 16 -63.62 33.66 -0.13
CA LYS N 16 -62.56 33.98 -1.07
C LYS N 16 -61.19 33.83 -0.40
N VAL N 17 -61.15 34.10 0.91
CA VAL N 17 -59.90 34.11 1.65
C VAL N 17 -59.39 32.70 1.88
N ARG N 18 -60.29 31.74 1.98
CA ARG N 18 -59.86 30.37 2.21
C ARG N 18 -59.18 29.79 0.98
N ALA N 19 -59.28 30.51 -0.14
CA ALA N 19 -58.69 30.07 -1.38
C ALA N 19 -57.18 30.28 -1.36
N TYR N 20 -56.43 29.20 -1.51
CA TYR N 20 -54.99 29.27 -1.52
C TYR N 20 -54.46 28.54 -2.74
N THR N 21 -53.35 29.01 -3.29
CA THR N 21 -52.78 28.38 -4.47
C THR N 21 -52.00 27.13 -4.10
N ARG N 22 -51.88 26.21 -5.05
CA ARG N 22 -50.96 25.08 -4.92
C ARG N 22 -50.20 24.85 -6.22
N CYS N 23 -49.24 23.94 -6.19
CA CYS N 23 -48.48 23.61 -7.38
C CYS N 23 -49.36 22.73 -8.24
N VAL N 24 -49.49 23.09 -9.51
CA VAL N 24 -50.37 22.37 -10.41
C VAL N 24 -49.74 21.01 -10.76
N ARG N 25 -48.44 20.89 -10.55
CA ARG N 25 -47.72 19.68 -10.89
C ARG N 25 -47.58 18.72 -9.70
N CYS N 26 -46.75 19.09 -8.73
CA CYS N 26 -46.48 18.22 -7.59
C CYS N 26 -47.48 18.37 -6.44
N GLY N 27 -48.23 19.46 -6.41
CA GLY N 27 -49.20 19.69 -5.36
C GLY N 27 -48.66 20.42 -4.15
N ARG N 28 -47.45 20.98 -4.30
CA ARG N 28 -46.82 21.74 -3.22
C ARG N 28 -47.67 22.92 -2.79
N ALA N 29 -47.69 23.20 -1.49
CA ALA N 29 -48.40 24.36 -0.96
C ALA N 29 -47.52 25.61 -0.98
N ARG N 30 -46.43 25.56 -0.24
CA ARG N 30 -45.51 26.69 -0.12
C ARG N 30 -44.68 26.91 -1.39
N SER N 31 -44.18 28.14 -1.54
CA SER N 31 -43.32 28.52 -2.66
C SER N 31 -43.94 28.30 -4.03
N VAL N 32 -45.13 28.83 -4.25
CA VAL N 32 -45.81 28.67 -5.53
C VAL N 32 -45.80 29.96 -6.34
N TYR N 33 -45.03 29.98 -7.41
CA TYR N 33 -44.98 31.16 -8.27
C TYR N 33 -46.29 31.31 -9.05
N ARG N 34 -46.92 32.48 -8.94
CA ARG N 34 -48.23 32.70 -9.55
C ARG N 34 -48.17 32.69 -11.06
N PHE N 35 -47.07 33.21 -11.60
CA PHE N 35 -46.86 33.31 -13.04
C PHE N 35 -46.91 31.96 -13.72
N PHE N 36 -46.16 31.00 -13.19
CA PHE N 36 -46.11 29.65 -13.76
C PHE N 36 -47.16 28.70 -13.20
N GLY N 37 -47.78 29.07 -12.08
CA GLY N 37 -48.71 28.18 -11.42
C GLY N 37 -48.02 27.00 -10.75
N LEU N 38 -46.71 26.90 -10.95
CA LEU N 38 -45.90 25.84 -10.39
C LEU N 38 -45.34 26.21 -9.03
N CYS N 39 -44.62 25.28 -8.41
CA CYS N 39 -43.83 25.57 -7.23
C CYS N 39 -42.40 25.80 -7.68
N ARG N 40 -41.49 26.01 -6.74
CA ARG N 40 -40.12 26.39 -7.09
C ARG N 40 -39.29 25.22 -7.60
N ILE N 41 -39.58 24.03 -7.08
CA ILE N 41 -38.80 22.85 -7.40
C ILE N 41 -39.12 22.46 -8.83
N CYS N 42 -40.40 22.17 -9.06
CA CYS N 42 -40.92 21.92 -10.38
C CYS N 42 -40.49 23.00 -11.36
N LEU N 43 -40.51 24.25 -10.91
CA LEU N 43 -40.06 25.36 -11.73
C LEU N 43 -38.64 25.13 -12.21
N ARG N 44 -37.75 24.74 -11.31
CA ARG N 44 -36.36 24.54 -11.69
C ARG N 44 -36.19 23.31 -12.58
N GLU N 45 -36.93 22.25 -12.28
CA GLU N 45 -36.82 21.01 -13.05
C GLU N 45 -37.25 21.25 -14.50
N LEU N 46 -38.47 21.74 -14.68
CA LEU N 46 -38.99 22.01 -16.00
C LEU N 46 -38.15 23.07 -16.73
N ALA N 47 -37.70 24.08 -16.00
CA ALA N 47 -36.82 25.08 -16.61
C ALA N 47 -35.57 24.42 -17.15
N HIS N 48 -35.10 23.39 -16.45
CA HIS N 48 -33.90 22.67 -16.86
C HIS N 48 -34.18 21.76 -18.05
N LYS N 49 -35.42 21.29 -18.18
CA LYS N 49 -35.78 20.44 -19.32
C LYS N 49 -36.02 21.27 -20.57
N GLY N 50 -36.28 22.56 -20.37
CA GLY N 50 -36.57 23.45 -21.48
C GLY N 50 -38.03 23.48 -21.88
N GLN N 51 -38.91 23.15 -20.93
CA GLN N 51 -40.33 23.10 -21.22
C GLN N 51 -41.04 24.39 -20.86
N LEU N 52 -40.31 25.36 -20.31
CA LEU N 52 -40.85 26.69 -20.08
C LEU N 52 -40.29 27.64 -21.12
N PRO N 53 -41.11 28.04 -22.09
CA PRO N 53 -40.66 28.88 -23.19
C PRO N 53 -40.11 30.21 -22.71
N GLY N 54 -38.96 30.59 -23.26
CA GLY N 54 -38.34 31.88 -22.96
C GLY N 54 -37.51 31.90 -21.70
N VAL N 55 -37.72 30.92 -20.83
CA VAL N 55 -37.02 30.86 -19.55
C VAL N 55 -35.60 30.37 -19.75
N ARG N 56 -34.64 31.19 -19.33
CA ARG N 56 -33.24 30.92 -19.59
C ARG N 56 -32.46 31.09 -18.30
N LYS N 57 -31.20 30.63 -18.26
CA LYS N 57 -30.37 30.86 -17.10
C LYS N 57 -29.86 32.29 -17.13
N ALA N 58 -29.95 32.96 -15.98
CA ALA N 58 -29.63 34.38 -15.90
C ALA N 58 -28.26 34.61 -15.29
N SER N 59 -27.45 35.41 -15.95
CA SER N 59 -26.14 35.79 -15.41
C SER N 59 -25.78 37.22 -15.78
N TRP N 60 -25.22 37.95 -14.83
CA TRP N 60 -24.81 39.34 -15.04
C TRP N 60 -23.95 39.86 -13.88
N PRO O 1 64.48 -9.58 25.56
CA PRO O 1 63.93 -10.31 24.40
C PRO O 1 64.79 -11.50 24.01
N ILE O 2 64.70 -11.92 22.75
CA ILE O 2 65.53 -13.02 22.27
C ILE O 2 66.46 -12.51 21.19
N THR O 3 67.76 -12.49 21.49
CA THR O 3 68.77 -12.03 20.55
C THR O 3 69.08 -13.08 19.50
N LYS O 4 69.59 -12.62 18.36
CA LYS O 4 69.95 -13.51 17.26
C LYS O 4 70.94 -14.58 17.71
N GLU O 5 71.85 -14.21 18.61
CA GLU O 5 72.91 -15.11 19.03
C GLU O 5 72.36 -16.33 19.77
N GLU O 6 71.40 -16.08 20.67
CA GLU O 6 70.77 -17.17 21.42
C GLU O 6 70.02 -18.09 20.46
N LYS O 7 69.31 -17.47 19.53
CA LYS O 7 68.54 -18.19 18.53
C LYS O 7 69.45 -19.12 17.71
N GLN O 8 70.56 -18.57 17.23
CA GLN O 8 71.51 -19.37 16.48
C GLN O 8 72.10 -20.47 17.33
N LYS O 9 72.30 -20.17 18.62
CA LYS O 9 72.83 -21.16 19.55
C LYS O 9 71.91 -22.37 19.63
N VAL O 10 70.61 -22.12 19.83
CA VAL O 10 69.68 -23.22 20.01
C VAL O 10 69.42 -23.93 18.68
N ILE O 11 69.41 -23.18 17.59
CA ILE O 11 69.25 -23.80 16.27
C ILE O 11 70.39 -24.77 16.00
N GLN O 12 71.64 -24.28 16.08
CA GLN O 12 72.79 -25.11 15.80
C GLN O 12 72.91 -26.24 16.82
N GLU O 13 72.34 -26.02 18.00
CA GLU O 13 72.32 -27.04 19.04
C GLU O 13 71.42 -28.20 18.64
N PHE O 14 70.22 -27.89 18.18
CA PHE O 14 69.24 -28.93 17.88
C PHE O 14 69.14 -29.32 16.41
N ALA O 15 69.92 -28.69 15.55
CA ALA O 15 69.87 -28.98 14.12
C ALA O 15 70.23 -30.43 13.84
N ARG O 16 69.38 -31.13 13.09
CA ARG O 16 69.61 -32.53 12.75
C ARG O 16 70.87 -32.71 11.94
N PHE O 17 71.19 -31.70 11.14
CA PHE O 17 72.43 -31.71 10.37
C PHE O 17 72.84 -30.26 10.13
N PRO O 18 74.03 -30.03 9.54
CA PRO O 18 74.39 -28.63 9.29
C PRO O 18 73.50 -27.97 8.24
N GLY O 19 73.00 -26.77 8.55
CA GLY O 19 72.15 -26.05 7.63
C GLY O 19 70.66 -26.28 7.84
N ASP O 20 70.31 -27.04 8.86
CA ASP O 20 68.90 -27.34 9.08
C ASP O 20 68.27 -26.34 10.04
N THR O 21 67.46 -25.45 9.50
CA THR O 21 66.69 -24.53 10.32
C THR O 21 65.25 -24.96 10.58
N GLY O 22 64.76 -25.94 9.81
CA GLY O 22 63.34 -26.22 9.82
C GLY O 22 62.82 -27.52 10.40
N SER O 23 63.70 -28.33 10.98
CA SER O 23 63.29 -29.65 11.44
C SER O 23 62.35 -29.54 12.62
N THR O 24 61.62 -30.62 12.87
CA THR O 24 60.71 -30.69 13.99
C THR O 24 61.45 -30.44 15.31
N GLU O 25 62.65 -30.99 15.42
CA GLU O 25 63.46 -30.81 16.63
C GLU O 25 63.80 -29.34 16.85
N VAL O 26 64.21 -28.67 15.77
CA VAL O 26 64.57 -27.27 15.85
C VAL O 26 63.37 -26.43 16.28
N GLN O 27 62.22 -26.72 15.66
CA GLN O 27 61.00 -25.98 15.93
C GLN O 27 60.59 -26.16 17.39
N VAL O 28 60.59 -27.39 17.87
CA VAL O 28 60.21 -27.65 19.24
C VAL O 28 61.18 -26.96 20.20
N ALA O 29 62.45 -26.92 19.81
CA ALA O 29 63.46 -26.24 20.63
C ALA O 29 63.17 -24.75 20.75
N LEU O 30 63.04 -24.09 19.61
CA LEU O 30 62.75 -22.67 19.56
C LEU O 30 61.51 -22.34 20.37
N LEU O 31 60.45 -23.10 20.12
CA LEU O 31 59.19 -22.93 20.86
C LEU O 31 59.40 -23.08 22.35
N THR O 32 60.26 -24.02 22.76
CA THR O 32 60.48 -24.24 24.19
C THR O 32 61.15 -23.02 24.78
N LEU O 33 62.08 -22.45 24.03
CA LEU O 33 62.73 -21.22 24.46
C LEU O 33 61.69 -20.14 24.70
N ARG O 34 60.88 -19.88 23.68
CA ARG O 34 59.88 -18.82 23.76
C ARG O 34 58.90 -19.05 24.90
N ILE O 35 58.51 -20.31 25.09
CA ILE O 35 57.58 -20.69 26.14
C ILE O 35 58.14 -20.39 27.51
N ASN O 36 59.35 -20.88 27.78
CA ASN O 36 59.96 -20.66 29.09
C ASN O 36 60.13 -19.17 29.37
N ARG O 37 60.58 -18.43 28.35
CA ARG O 37 60.75 -16.99 28.51
C ARG O 37 59.43 -16.30 28.85
N LEU O 38 58.37 -16.71 28.16
CA LEU O 38 57.05 -16.12 28.40
C LEU O 38 56.49 -16.46 29.76
N SER O 39 56.74 -17.68 30.23
CA SER O 39 56.25 -18.10 31.52
C SER O 39 56.96 -17.35 32.63
N GLU O 40 58.27 -17.17 32.45
CA GLU O 40 59.04 -16.38 33.40
C GLU O 40 58.57 -14.93 33.34
N HIS O 41 58.07 -14.51 32.18
CA HIS O 41 57.45 -13.19 32.07
C HIS O 41 56.14 -13.12 32.82
N LEU O 42 55.44 -14.24 32.88
CA LEU O 42 54.09 -14.27 33.44
C LEU O 42 54.03 -14.64 34.91
N LYS O 43 55.18 -14.98 35.51
CA LYS O 43 55.22 -15.12 36.97
C LYS O 43 55.06 -13.75 37.60
N VAL O 44 55.83 -12.79 37.10
CA VAL O 44 55.53 -11.38 37.35
C VAL O 44 54.49 -11.04 36.32
N HIS O 45 53.95 -9.83 36.33
CA HIS O 45 53.00 -9.43 35.29
C HIS O 45 51.93 -10.47 35.01
N LYS O 46 51.33 -11.03 36.06
CA LYS O 46 50.40 -12.13 35.88
C LYS O 46 49.01 -11.63 35.52
N LYS O 47 48.86 -10.32 35.44
CA LYS O 47 47.59 -9.74 35.03
C LYS O 47 47.57 -9.49 33.53
N ASP O 48 48.64 -9.88 32.84
CA ASP O 48 48.69 -9.64 31.40
C ASP O 48 48.17 -10.88 30.69
N HIS O 49 46.93 -10.81 30.24
CA HIS O 49 46.26 -11.96 29.66
C HIS O 49 46.51 -12.13 28.18
N HIS O 50 46.48 -11.02 27.45
CA HIS O 50 46.65 -11.04 26.01
C HIS O 50 47.89 -11.83 25.62
N SER O 51 48.92 -11.76 26.44
CA SER O 51 50.13 -12.53 26.20
C SER O 51 49.90 -14.00 26.55
N HIS O 52 49.16 -14.23 27.62
CA HIS O 52 48.89 -15.59 28.06
C HIS O 52 48.20 -16.37 26.96
N ARG O 53 47.42 -15.68 26.14
CA ARG O 53 46.82 -16.34 24.98
C ARG O 53 47.90 -16.85 24.04
N GLY O 54 48.89 -16.01 23.80
CA GLY O 54 50.05 -16.40 23.01
C GLY O 54 50.74 -17.61 23.59
N LEU O 55 50.88 -17.63 24.92
CA LEU O 55 51.47 -18.78 25.59
C LEU O 55 50.69 -20.04 25.31
N LEU O 56 49.37 -19.95 25.41
CA LEU O 56 48.49 -21.07 25.08
C LEU O 56 48.75 -21.58 23.67
N MET O 57 48.76 -20.66 22.72
CA MET O 57 48.96 -21.04 21.32
C MET O 57 50.32 -21.72 21.10
N MET O 58 51.36 -21.21 21.74
CA MET O 58 52.69 -21.80 21.59
C MET O 58 52.71 -23.20 22.16
N VAL O 59 52.18 -23.35 23.38
CA VAL O 59 52.11 -24.66 24.02
C VAL O 59 51.42 -25.65 23.09
N GLY O 60 50.30 -25.21 22.51
CA GLY O 60 49.56 -26.04 21.58
C GLY O 60 50.38 -26.49 20.40
N GLN O 61 50.99 -25.54 19.70
CA GLN O 61 51.85 -25.84 18.56
C GLN O 61 52.93 -26.84 18.92
N ARG O 62 53.58 -26.62 20.07
CA ARG O 62 54.62 -27.53 20.51
C ARG O 62 54.05 -28.94 20.70
N ARG O 63 52.90 -29.04 21.36
CA ARG O 63 52.31 -30.35 21.61
C ARG O 63 51.96 -31.06 20.32
N ARG O 64 51.57 -30.31 19.29
CA ARG O 64 51.25 -30.92 18.02
C ARG O 64 52.51 -31.42 17.33
N LEU O 65 53.57 -30.63 17.36
CA LEU O 65 54.83 -31.05 16.73
C LEU O 65 55.37 -32.29 17.44
N LEU O 66 55.39 -32.25 18.75
CA LEU O 66 55.84 -33.38 19.54
C LEU O 66 55.03 -34.62 19.24
N ARG O 67 53.73 -34.45 19.11
CA ARG O 67 52.85 -35.55 18.78
C ARG O 67 53.26 -36.17 17.44
N TYR O 68 53.47 -35.30 16.45
CA TYR O 68 53.91 -35.76 15.13
C TYR O 68 55.18 -36.58 15.21
N LEU O 69 56.17 -36.07 15.94
CA LEU O 69 57.44 -36.78 16.10
C LEU O 69 57.21 -38.15 16.74
N GLN O 70 56.47 -38.15 17.83
CA GLN O 70 56.12 -39.37 18.55
C GLN O 70 55.50 -40.40 17.62
N ARG O 71 54.74 -39.94 16.63
CA ARG O 71 54.13 -40.85 15.68
C ARG O 71 55.16 -41.38 14.68
N GLU O 72 55.99 -40.49 14.14
CA GLU O 72 56.94 -40.91 13.12
C GLU O 72 58.16 -41.66 13.67
N ASP O 73 58.84 -41.10 14.66
CA ASP O 73 60.06 -41.68 15.18
C ASP O 73 60.16 -41.57 16.70
N PRO O 74 59.57 -42.52 17.43
CA PRO O 74 59.56 -42.50 18.89
C PRO O 74 60.94 -42.34 19.53
N GLU O 75 61.98 -42.79 18.83
CA GLU O 75 63.34 -42.61 19.33
C GLU O 75 63.70 -41.13 19.38
N ARG O 76 63.58 -40.45 18.24
CA ARG O 76 63.89 -39.03 18.16
C ARG O 76 63.06 -38.24 19.15
N TYR O 77 61.82 -38.68 19.35
CA TYR O 77 60.90 -38.07 20.30
C TYR O 77 61.46 -38.16 21.71
N ARG O 78 61.81 -39.37 22.14
CA ARG O 78 62.37 -39.55 23.46
C ARG O 78 63.63 -38.70 23.64
N ALA O 79 64.52 -38.76 22.64
CA ALA O 79 65.78 -38.03 22.69
C ALA O 79 65.54 -36.53 22.85
N LEU O 80 64.60 -36.02 22.07
CA LEU O 80 64.27 -34.60 22.11
C LEU O 80 63.76 -34.22 23.49
N ILE O 81 62.83 -35.01 24.02
CA ILE O 81 62.25 -34.71 25.32
C ILE O 81 63.33 -34.69 26.39
N GLU O 82 64.18 -35.71 26.39
CA GLU O 82 65.26 -35.82 27.36
C GLU O 82 66.21 -34.63 27.26
N LYS O 83 66.51 -34.22 26.03
CA LYS O 83 67.44 -33.12 25.80
C LYS O 83 66.86 -31.80 26.29
N LEU O 84 65.57 -31.61 26.05
CA LEU O 84 64.88 -30.40 26.49
C LEU O 84 64.46 -30.47 27.95
N GLY O 85 64.09 -31.66 28.41
CA GLY O 85 63.58 -31.83 29.76
C GLY O 85 62.14 -31.37 29.93
N ILE O 86 61.29 -31.79 29.00
CA ILE O 86 59.86 -31.47 29.07
C ILE O 86 59.12 -32.57 29.83
N ARG O 87 57.79 -32.52 29.76
CA ARG O 87 56.87 -33.47 30.39
C ARG O 87 56.81 -33.30 31.91
N GLY O 88 57.63 -32.40 32.44
CA GLY O 88 57.64 -32.13 33.86
C GLY O 88 58.38 -33.18 34.68
N MET P 1 5.69 -88.39 19.39
CA MET P 1 6.00 -88.98 18.09
C MET P 1 5.43 -88.09 16.98
N VAL P 2 6.06 -88.13 15.81
CA VAL P 2 5.66 -87.29 14.71
C VAL P 2 4.61 -88.01 13.87
N LYS P 3 3.58 -87.29 13.45
CA LYS P 3 2.44 -87.89 12.79
C LYS P 3 2.13 -87.30 11.41
N ILE P 4 1.38 -88.06 10.62
CA ILE P 4 0.88 -87.61 9.33
C ILE P 4 -0.62 -87.47 9.47
N ARG P 5 -1.13 -86.25 9.38
CA ARG P 5 -2.55 -86.05 9.63
C ARG P 5 -3.10 -84.88 8.84
N LEU P 6 -4.37 -84.57 9.04
CA LEU P 6 -5.04 -83.53 8.29
C LEU P 6 -5.19 -82.24 9.08
N ALA P 7 -4.80 -81.12 8.49
CA ALA P 7 -5.02 -79.82 9.09
C ALA P 7 -6.18 -79.13 8.39
N ARG P 8 -7.01 -78.40 9.13
CA ARG P 8 -8.22 -77.82 8.54
C ARG P 8 -8.02 -76.37 8.10
N PHE P 9 -8.37 -76.08 6.85
CA PHE P 9 -7.99 -74.81 6.24
C PHE P 9 -9.13 -74.01 5.60
N GLY P 10 -9.88 -74.61 4.69
CA GLY P 10 -10.97 -73.88 4.08
C GLY P 10 -11.97 -73.33 5.07
N SER P 11 -12.84 -72.43 4.62
CA SER P 11 -13.76 -71.72 5.50
C SER P 11 -14.87 -72.60 6.07
N LYS P 12 -15.75 -71.98 6.85
CA LYS P 12 -16.89 -72.67 7.48
C LYS P 12 -17.76 -73.31 6.43
N HIS P 13 -18.16 -74.57 6.67
CA HIS P 13 -19.00 -75.32 5.76
C HIS P 13 -18.27 -75.64 4.46
N ASN P 14 -17.05 -75.14 4.34
CA ASN P 14 -16.22 -75.40 3.18
C ASN P 14 -14.87 -75.92 3.63
N PRO P 15 -14.83 -77.15 4.16
CA PRO P 15 -13.56 -77.65 4.67
C PRO P 15 -12.58 -78.03 3.57
N HIS P 16 -11.31 -77.72 3.79
CA HIS P 16 -10.23 -78.22 2.96
C HIS P 16 -9.11 -78.64 3.88
N TYR P 17 -8.52 -79.79 3.61
CA TYR P 17 -7.50 -80.30 4.50
C TYR P 17 -6.12 -80.28 3.85
N ARG P 18 -5.11 -80.07 4.68
CA ARG P 18 -3.74 -80.26 4.25
C ARG P 18 -3.19 -81.51 4.90
N ILE P 19 -2.82 -82.48 4.07
CA ILE P 19 -2.16 -83.67 4.58
C ILE P 19 -0.75 -83.26 4.91
N VAL P 20 -0.37 -83.49 6.16
CA VAL P 20 0.65 -82.72 6.82
C VAL P 20 1.47 -83.55 7.81
N VAL P 21 2.75 -83.22 7.96
CA VAL P 21 3.62 -83.90 8.91
C VAL P 21 3.85 -82.99 10.09
N THR P 22 3.55 -83.44 11.30
CA THR P 22 3.77 -82.59 12.47
C THR P 22 3.92 -83.39 13.76
N ASP P 23 4.58 -82.81 14.76
CA ASP P 23 4.69 -83.45 16.07
C ASP P 23 3.29 -83.56 16.65
N ALA P 24 2.98 -84.73 17.21
CA ALA P 24 1.62 -85.04 17.65
C ALA P 24 1.09 -84.04 18.67
N ARG P 25 2.00 -83.37 19.37
CA ARG P 25 1.63 -82.48 20.46
C ARG P 25 1.20 -81.09 20.01
N ARG P 26 1.49 -80.70 18.78
CA ARG P 26 1.10 -79.37 18.35
C ARG P 26 -0.38 -79.34 18.01
N LYS P 27 -0.98 -78.15 18.11
CA LYS P 27 -2.41 -77.99 17.81
C LYS P 27 -2.62 -78.35 16.35
N ARG P 28 -3.84 -78.73 15.96
CA ARG P 28 -4.01 -79.31 14.63
C ARG P 28 -3.81 -78.29 13.52
N ASP P 29 -4.14 -77.03 13.78
CA ASP P 29 -3.98 -75.99 12.76
C ASP P 29 -2.67 -75.21 12.91
N GLY P 30 -1.81 -75.66 13.83
CA GLY P 30 -0.55 -75.00 14.10
C GLY P 30 0.56 -75.31 13.10
N LYS P 31 1.81 -75.17 13.54
CA LYS P 31 2.94 -75.25 12.62
C LYS P 31 3.32 -76.68 12.30
N TYR P 32 3.14 -77.07 11.05
CA TYR P 32 3.59 -78.38 10.59
C TYR P 32 5.05 -78.42 10.13
N ILE P 33 5.62 -79.61 10.17
CA ILE P 33 6.97 -79.86 9.72
C ILE P 33 7.07 -79.77 8.21
N GLU P 34 5.99 -80.13 7.53
CA GLU P 34 5.97 -80.18 6.08
C GLU P 34 4.57 -80.52 5.57
N LYS P 35 4.29 -80.18 4.33
CA LYS P 35 2.98 -80.43 3.74
C LYS P 35 3.15 -81.43 2.61
N ILE P 36 2.66 -82.65 2.83
CA ILE P 36 2.85 -83.70 1.84
C ILE P 36 1.63 -83.88 0.96
N GLY P 37 0.58 -83.11 1.18
CA GLY P 37 -0.56 -83.16 0.28
C GLY P 37 -1.77 -82.34 0.65
N TYR P 38 -2.87 -82.54 -0.08
CA TYR P 38 -4.12 -81.87 0.26
C TYR P 38 -5.34 -82.69 -0.13
N TYR P 39 -6.43 -82.47 0.59
CA TYR P 39 -7.63 -83.28 0.44
C TYR P 39 -8.89 -82.44 0.55
N ASP P 40 -9.76 -82.56 -0.45
CA ASP P 40 -11.06 -81.90 -0.42
C ASP P 40 -12.15 -82.97 -0.36
N PRO P 41 -12.79 -83.10 0.81
CA PRO P 41 -13.72 -84.19 1.08
C PRO P 41 -15.00 -84.08 0.29
N ARG P 42 -15.29 -82.88 -0.21
CA ARG P 42 -16.53 -82.66 -0.92
C ARG P 42 -16.35 -82.84 -2.42
N LYS P 43 -15.12 -83.12 -2.82
CA LYS P 43 -14.81 -83.38 -4.22
C LYS P 43 -15.41 -82.32 -5.13
N THR P 44 -15.10 -81.06 -4.86
CA THR P 44 -15.64 -79.97 -5.66
C THR P 44 -14.92 -79.82 -6.99
N THR P 45 -13.68 -80.28 -7.06
CA THR P 45 -12.88 -80.16 -8.28
C THR P 45 -12.42 -81.54 -8.77
N PRO P 46 -12.12 -81.67 -10.07
CA PRO P 46 -11.57 -82.91 -10.61
C PRO P 46 -10.41 -83.47 -9.79
N ASP P 47 -9.54 -82.60 -9.28
CA ASP P 47 -8.53 -83.10 -8.36
C ASP P 47 -8.85 -82.62 -6.95
N TRP P 48 -9.43 -83.50 -6.16
CA TRP P 48 -9.70 -83.22 -4.76
C TRP P 48 -8.73 -83.92 -3.81
N LEU P 49 -7.84 -84.74 -4.34
CA LEU P 49 -6.87 -85.40 -3.49
C LEU P 49 -5.52 -85.48 -4.17
N LYS P 50 -4.50 -84.93 -3.52
CA LYS P 50 -3.14 -85.06 -4.05
C LYS P 50 -2.20 -85.39 -2.91
N VAL P 51 -1.26 -86.30 -3.19
CA VAL P 51 -0.28 -86.71 -2.20
C VAL P 51 1.08 -86.76 -2.85
N ASP P 52 2.09 -86.31 -2.12
CA ASP P 52 3.46 -86.45 -2.61
C ASP P 52 3.95 -87.79 -2.10
N VAL P 53 4.10 -88.73 -3.01
CA VAL P 53 4.30 -90.12 -2.64
C VAL P 53 5.67 -90.35 -2.03
N GLU P 54 6.73 -89.90 -2.68
CA GLU P 54 8.08 -90.18 -2.20
C GLU P 54 8.30 -89.57 -0.83
N ARG P 55 7.61 -88.47 -0.56
CA ARG P 55 7.73 -87.79 0.71
C ARG P 55 7.01 -88.56 1.81
N ALA P 56 5.77 -88.95 1.54
CA ALA P 56 5.01 -89.73 2.49
C ALA P 56 5.78 -91.00 2.82
N ARG P 57 6.36 -91.61 1.79
CA ARG P 57 7.16 -92.81 1.97
C ARG P 57 8.34 -92.48 2.86
N TYR P 58 9.00 -91.36 2.60
CA TYR P 58 10.14 -90.97 3.42
C TYR P 58 9.77 -90.89 4.89
N TRP P 59 8.75 -90.09 5.18
CA TRP P 59 8.38 -89.85 6.57
C TRP P 59 7.94 -91.13 7.24
N LEU P 60 7.25 -92.00 6.50
CA LEU P 60 6.87 -93.29 7.06
C LEU P 60 8.12 -94.08 7.42
N SER P 61 9.13 -94.02 6.57
CA SER P 61 10.37 -94.75 6.82
C SER P 61 11.09 -94.31 8.09
N VAL P 62 10.97 -93.04 8.44
CA VAL P 62 11.60 -92.53 9.65
C VAL P 62 10.61 -92.54 10.81
N GLY P 63 9.43 -93.10 10.58
CA GLY P 63 8.56 -93.43 11.69
C GLY P 63 7.38 -92.54 12.00
N ALA P 64 7.02 -91.65 11.07
CA ALA P 64 5.79 -90.89 11.22
C ALA P 64 4.60 -91.85 11.29
N GLN P 65 3.58 -91.48 12.06
CA GLN P 65 2.41 -92.33 12.21
C GLN P 65 1.15 -91.65 11.70
N PRO P 66 0.55 -92.21 10.64
CA PRO P 66 -0.64 -91.61 10.05
C PRO P 66 -1.92 -91.84 10.86
N THR P 67 -2.81 -90.86 10.86
CA THR P 67 -4.16 -91.04 11.40
C THR P 67 -4.87 -92.05 10.52
N ASP P 68 -5.90 -92.69 11.05
CA ASP P 68 -6.66 -93.65 10.27
C ASP P 68 -7.15 -93.01 8.96
N THR P 69 -7.64 -91.77 9.05
CA THR P 69 -8.12 -91.06 7.86
C THR P 69 -6.97 -90.73 6.92
N ALA P 70 -5.88 -90.21 7.48
CA ALA P 70 -4.72 -89.88 6.69
C ALA P 70 -4.19 -91.13 6.01
N ARG P 71 -4.21 -92.24 6.73
CA ARG P 71 -3.75 -93.50 6.14
C ARG P 71 -4.67 -93.88 5.01
N ARG P 72 -5.96 -93.65 5.18
CA ARG P 72 -6.91 -93.95 4.11
C ARG P 72 -6.56 -93.17 2.85
N LEU P 73 -6.31 -91.88 3.02
CA LEU P 73 -6.01 -91.02 1.89
C LEU P 73 -4.69 -91.39 1.24
N LEU P 74 -3.67 -91.63 2.04
CA LEU P 74 -2.37 -92.05 1.51
C LEU P 74 -2.53 -93.34 0.70
N ARG P 75 -3.29 -94.27 1.23
CA ARG P 75 -3.52 -95.54 0.55
C ARG P 75 -4.20 -95.30 -0.78
N GLN P 76 -5.18 -94.41 -0.78
CA GLN P 76 -5.91 -94.09 -2.00
C GLN P 76 -4.99 -93.53 -3.07
N ALA P 77 -3.91 -92.90 -2.65
CA ALA P 77 -2.95 -92.32 -3.58
C ALA P 77 -1.84 -93.32 -3.92
N GLY P 78 -1.96 -94.53 -3.39
CA GLY P 78 -1.03 -95.59 -3.70
C GLY P 78 0.32 -95.42 -3.02
N VAL P 79 0.28 -95.06 -1.74
CA VAL P 79 1.50 -94.88 -0.99
C VAL P 79 2.04 -96.25 -0.58
N PHE P 80 1.14 -97.16 -0.26
CA PHE P 80 1.52 -98.47 0.26
C PHE P 80 1.56 -99.57 -0.79
N ARG P 81 1.20 -99.26 -2.03
CA ARG P 81 1.01 -100.30 -3.02
C ARG P 81 2.36 -100.81 -3.53
N GLN P 82 2.63 -102.09 -3.24
CA GLN P 82 3.91 -102.71 -3.54
C GLN P 82 3.93 -103.58 -4.79
N GLU P 83 2.78 -103.69 -5.46
CA GLU P 83 2.54 -104.71 -6.48
C GLU P 83 3.64 -104.84 -7.54
N ALA P 84 3.79 -103.82 -8.38
N PRO Q 1 29.54 -71.26 11.66
CA PRO Q 1 30.93 -71.22 12.12
C PRO Q 1 31.12 -70.26 13.28
N LYS Q 2 31.93 -70.66 14.24
CA LYS Q 2 32.17 -69.83 15.42
C LYS Q 2 32.71 -68.47 14.99
N LYS Q 3 32.04 -67.41 15.45
CA LYS Q 3 32.40 -66.05 15.07
C LYS Q 3 33.83 -65.75 15.46
N VAL Q 4 34.59 -65.19 14.52
CA VAL Q 4 35.96 -64.80 14.78
C VAL Q 4 36.08 -63.28 14.68
N LEU Q 5 36.60 -62.66 15.73
CA LEU Q 5 36.73 -61.22 15.79
C LEU Q 5 38.19 -60.83 15.88
N THR Q 6 38.52 -59.60 15.47
CA THR Q 6 39.89 -59.13 15.59
C THR Q 6 39.93 -57.91 16.48
N GLY Q 7 40.87 -57.86 17.40
CA GLY Q 7 40.93 -56.73 18.32
C GLY Q 7 42.25 -56.45 19.00
N VAL Q 8 42.22 -55.50 19.93
CA VAL Q 8 43.44 -55.03 20.59
C VAL Q 8 43.37 -55.22 22.09
N VAL Q 9 44.39 -55.80 22.70
CA VAL Q 9 44.30 -56.06 24.13
C VAL Q 9 44.54 -54.80 24.92
N VAL Q 10 43.51 -54.32 25.61
CA VAL Q 10 43.65 -53.13 26.44
C VAL Q 10 43.84 -53.42 27.93
N SER Q 11 43.63 -54.66 28.36
CA SER Q 11 43.87 -55.00 29.76
C SER Q 11 44.44 -56.39 29.99
N ASP Q 12 45.62 -56.45 30.61
CA ASP Q 12 46.20 -57.72 31.06
C ASP Q 12 46.02 -57.93 32.58
N LYS Q 13 45.30 -57.01 33.22
CA LYS Q 13 45.26 -56.93 34.69
C LYS Q 13 44.62 -58.14 35.38
N MET Q 14 44.05 -59.05 34.62
CA MET Q 14 43.37 -60.22 35.19
C MET Q 14 44.18 -61.49 35.02
N GLN Q 15 44.01 -62.42 35.95
CA GLN Q 15 44.65 -63.71 35.86
C GLN Q 15 44.04 -64.50 34.70
N LYS Q 16 44.88 -64.94 33.77
CA LYS Q 16 44.45 -65.76 32.64
C LYS Q 16 43.33 -65.14 31.82
N THR Q 17 43.31 -63.81 31.72
CA THR Q 17 42.26 -63.15 30.95
C THR Q 17 42.76 -61.84 30.34
N VAL Q 18 42.34 -61.56 29.12
CA VAL Q 18 42.70 -60.30 28.49
C VAL Q 18 41.47 -59.64 27.91
N THR Q 19 41.38 -58.31 28.04
CA THR Q 19 40.27 -57.58 27.45
C THR Q 19 40.62 -57.17 26.03
N VAL Q 20 39.84 -57.61 25.07
CA VAL Q 20 40.09 -57.29 23.67
C VAL Q 20 39.07 -56.30 23.14
N LEU Q 21 39.54 -55.15 22.68
CA LEU Q 21 38.68 -54.12 22.10
C LEU Q 21 38.52 -54.34 20.60
N VAL Q 22 37.26 -54.46 20.17
CA VAL Q 22 36.93 -54.83 18.81
C VAL Q 22 36.09 -53.77 18.11
N GLU Q 23 36.61 -53.15 17.06
CA GLU Q 23 35.81 -52.17 16.33
C GLU Q 23 35.08 -52.82 15.17
N ARG Q 24 34.18 -52.06 14.57
CA ARG Q 24 33.47 -52.48 13.37
C ARG Q 24 32.92 -51.25 12.67
N GLN Q 25 32.72 -51.38 11.36
CA GLN Q 25 32.25 -50.27 10.55
C GLN Q 25 30.95 -50.67 9.86
N PHE Q 26 29.94 -49.83 9.97
CA PHE Q 26 28.72 -50.10 9.21
C PHE Q 26 28.03 -48.81 8.79
N PRO Q 27 27.31 -48.85 7.66
CA PRO Q 27 26.51 -47.71 7.25
C PRO Q 27 25.36 -47.47 8.21
N HIS Q 28 25.10 -46.20 8.55
CA HIS Q 28 24.00 -45.87 9.43
C HIS Q 28 22.69 -46.18 8.73
N PRO Q 29 21.77 -46.88 9.40
CA PRO Q 29 20.53 -47.38 8.81
C PRO Q 29 19.67 -46.31 8.14
N LEU Q 30 19.85 -45.06 8.50
CA LEU Q 30 19.06 -43.98 7.94
C LEU Q 30 19.93 -42.98 7.21
N TYR Q 31 20.88 -42.41 7.92
CA TYR Q 31 21.69 -41.32 7.39
C TYR Q 31 22.88 -41.77 6.54
N GLY Q 32 23.16 -43.07 6.53
CA GLY Q 32 24.01 -43.66 5.50
C GLY Q 32 25.52 -43.52 5.68
N LYS Q 33 25.93 -42.59 6.51
CA LYS Q 33 27.34 -42.38 6.82
C LYS Q 33 27.95 -43.67 7.35
N VAL Q 34 29.22 -43.92 7.08
CA VAL Q 34 29.89 -45.06 7.66
C VAL Q 34 30.29 -44.74 9.09
N ILE Q 35 29.75 -45.48 10.05
CA ILE Q 35 30.05 -45.19 11.44
C ILE Q 35 30.80 -46.33 12.07
N LYS Q 36 31.60 -45.97 13.05
CA LYS Q 36 32.55 -46.86 13.69
C LYS Q 36 32.10 -47.13 15.11
N ARG Q 37 31.87 -48.39 15.45
CA ARG Q 37 31.41 -48.73 16.79
C ARG Q 37 32.37 -49.77 17.37
N SER Q 38 32.42 -49.91 18.69
CA SER Q 38 33.37 -50.84 19.28
C SER Q 38 32.88 -51.50 20.58
N LYS Q 39 33.34 -52.72 20.83
CA LYS Q 39 32.94 -53.46 22.03
C LYS Q 39 34.08 -54.27 22.62
N LYS Q 40 34.09 -54.40 23.94
CA LYS Q 40 35.15 -55.14 24.63
C LYS Q 40 34.74 -56.55 24.97
N TYR Q 41 35.61 -57.51 24.69
CA TYR Q 41 35.36 -58.91 24.99
C TYR Q 41 36.39 -59.43 25.97
N LEU Q 42 35.96 -60.09 27.03
CA LEU Q 42 36.93 -60.75 27.89
C LEU Q 42 37.29 -62.08 27.25
N ALA Q 43 38.58 -62.29 27.02
CA ALA Q 43 39.02 -63.49 26.32
C ALA Q 43 40.00 -64.30 27.16
N HIS Q 44 39.97 -65.61 26.94
CA HIS Q 44 40.73 -66.57 27.72
C HIS Q 44 42.17 -66.66 27.26
N ASP Q 45 43.09 -66.36 28.17
CA ASP Q 45 44.52 -66.49 27.89
C ASP Q 45 45.16 -67.35 28.96
N PRO Q 46 45.00 -68.67 28.86
CA PRO Q 46 45.41 -69.60 29.92
C PRO Q 46 46.92 -69.66 30.12
N GLU Q 47 47.69 -69.31 29.10
CA GLU Q 47 49.14 -69.37 29.20
C GLU Q 47 49.75 -68.02 29.56
N GLU Q 48 48.89 -67.03 29.80
CA GLU Q 48 49.33 -65.64 30.01
C GLU Q 48 50.21 -65.19 28.85
N LYS Q 49 49.87 -65.65 27.66
CA LYS Q 49 50.69 -65.52 26.47
C LYS Q 49 50.62 -64.12 25.86
N TYR Q 50 49.47 -63.48 26.00
CA TYR Q 50 49.23 -62.21 25.31
C TYR Q 50 49.33 -61.02 26.25
N LYS Q 51 49.96 -59.96 25.75
CA LYS Q 51 50.26 -58.78 26.56
C LYS Q 51 49.56 -57.54 26.03
N LEU Q 52 49.75 -56.43 26.72
CA LEU Q 52 49.10 -55.18 26.37
C LEU Q 52 49.58 -54.64 25.03
N GLY Q 53 48.64 -54.33 24.15
CA GLY Q 53 48.97 -53.75 22.86
C GLY Q 53 48.99 -54.75 21.71
N ASP Q 54 48.96 -56.04 22.04
CA ASP Q 54 48.95 -57.06 21.01
C ASP Q 54 47.61 -57.05 20.28
N VAL Q 55 47.64 -57.21 18.97
CA VAL Q 55 46.43 -57.34 18.19
C VAL Q 55 46.22 -58.81 17.89
N VAL Q 56 45.08 -59.32 18.33
CA VAL Q 56 44.79 -60.75 18.29
C VAL Q 56 43.50 -61.09 17.60
N GLU Q 57 43.37 -62.35 17.22
CA GLU Q 57 42.11 -62.90 16.77
C GLU Q 57 41.45 -63.62 17.95
N ILE Q 58 40.13 -63.58 17.98
CA ILE Q 58 39.32 -63.98 19.10
C ILE Q 58 38.25 -64.92 18.59
N ILE Q 59 38.09 -66.08 19.20
CA ILE Q 59 37.14 -67.05 18.69
C ILE Q 59 36.06 -67.41 19.71
N GLU Q 60 34.84 -67.56 19.21
CA GLU Q 60 33.69 -67.95 19.99
C GLU Q 60 33.93 -69.30 20.65
N SER Q 61 33.62 -69.40 21.93
CA SER Q 61 33.97 -70.60 22.67
C SER Q 61 32.94 -71.02 23.71
N ARG Q 62 33.05 -72.26 24.16
CA ARG Q 62 32.33 -72.74 25.33
C ARG Q 62 32.63 -71.81 26.48
N PRO Q 63 31.61 -71.41 27.23
CA PRO Q 63 31.80 -70.37 28.26
C PRO Q 63 32.84 -70.75 29.32
N ILE Q 64 33.81 -69.87 29.51
CA ILE Q 64 34.81 -70.07 30.57
C ILE Q 64 34.26 -69.55 31.88
N SER Q 65 33.52 -68.44 31.82
CA SER Q 65 32.87 -67.88 33.00
C SER Q 65 31.71 -66.99 32.60
N LYS Q 66 31.05 -66.40 33.59
CA LYS Q 66 30.11 -65.33 33.31
C LYS Q 66 30.91 -64.26 32.63
N ARG Q 67 30.38 -63.67 31.56
CA ARG Q 67 31.08 -62.58 30.88
C ARG Q 67 32.43 -63.02 30.28
N LYS Q 68 32.67 -64.31 30.14
CA LYS Q 68 33.83 -64.72 29.37
C LYS Q 68 33.44 -65.82 28.39
N ARG Q 69 33.21 -65.45 27.14
CA ARG Q 69 32.81 -66.42 26.11
C ARG Q 69 33.80 -66.69 25.00
N PHE Q 70 34.96 -66.06 25.03
CA PHE Q 70 35.88 -66.19 23.90
C PHE Q 70 37.27 -66.65 24.31
N ARG Q 71 37.99 -67.23 23.35
CA ARG Q 71 39.38 -67.59 23.58
C ARG Q 71 40.25 -66.92 22.53
N VAL Q 72 41.51 -66.64 22.85
CA VAL Q 72 42.37 -66.00 21.87
C VAL Q 72 42.89 -67.03 20.88
N LEU Q 73 42.52 -66.86 19.61
CA LEU Q 73 42.88 -67.82 18.59
C LEU Q 73 44.35 -67.74 18.26
N ARG Q 74 44.81 -66.55 17.92
CA ARG Q 74 46.21 -66.34 17.54
C ARG Q 74 46.59 -64.87 17.64
N LEU Q 75 47.85 -64.58 17.36
CA LEU Q 75 48.35 -63.21 17.43
C LEU Q 75 48.48 -62.62 16.03
N VAL Q 76 47.70 -61.58 15.76
CA VAL Q 76 47.74 -60.94 14.46
C VAL Q 76 49.03 -60.15 14.34
N GLU Q 77 49.20 -59.13 15.17
CA GLU Q 77 50.47 -58.41 15.16
C GLU Q 77 50.90 -58.00 16.56
N SER Q 78 52.20 -57.84 16.74
CA SER Q 78 52.77 -57.59 18.06
C SER Q 78 52.45 -56.19 18.54
N GLY Q 79 52.91 -55.84 19.73
CA GLY Q 79 52.40 -54.69 20.45
C GLY Q 79 52.40 -53.35 19.74
N ARG Q 80 51.21 -52.75 19.65
CA ARG Q 80 51.05 -51.39 19.19
C ARG Q 80 50.20 -50.62 20.18
N MET Q 81 50.83 -49.67 20.87
CA MET Q 81 50.23 -49.04 22.04
C MET Q 81 49.46 -47.77 21.69
N ASP Q 82 49.41 -47.44 20.40
CA ASP Q 82 48.66 -46.28 19.97
C ASP Q 82 47.19 -46.46 20.30
N LEU Q 83 46.68 -47.64 19.96
CA LEU Q 83 45.28 -47.96 20.18
C LEU Q 83 44.95 -48.01 21.67
N VAL Q 84 45.84 -48.66 22.42
CA VAL Q 84 45.70 -48.73 23.86
C VAL Q 84 45.60 -47.33 24.45
N GLU Q 85 46.55 -46.47 24.11
CA GLU Q 85 46.58 -45.11 24.62
C GLU Q 85 45.32 -44.35 24.23
N LYS Q 86 44.84 -44.60 23.01
CA LYS Q 86 43.60 -43.96 22.56
C LYS Q 86 42.45 -44.32 23.50
N TYR Q 87 42.30 -45.62 23.75
CA TYR Q 87 41.25 -46.10 24.66
C TYR Q 87 41.43 -45.53 26.06
N LEU Q 88 42.67 -45.44 26.50
CA LEU Q 88 42.97 -44.97 27.84
C LEU Q 88 42.61 -43.50 28.01
N ILE Q 89 42.87 -42.71 26.99
CA ILE Q 89 42.49 -41.30 27.01
C ILE Q 89 40.98 -41.18 27.01
N ARG Q 90 40.33 -41.97 26.15
CA ARG Q 90 38.88 -41.94 26.05
C ARG Q 90 38.27 -42.27 27.41
N ARG Q 91 38.95 -43.11 28.18
CA ARG Q 91 38.51 -43.42 29.54
C ARG Q 91 38.79 -42.27 30.51
N GLN Q 92 39.99 -41.70 30.43
CA GLN Q 92 40.40 -40.66 31.36
C GLN Q 92 39.57 -39.41 31.20
N ASN Q 93 38.98 -39.23 30.02
CA ASN Q 93 38.15 -38.07 29.76
C ASN Q 93 36.91 -38.09 30.63
N TYR Q 94 36.44 -39.28 30.96
CA TYR Q 94 35.21 -39.45 31.72
C TYR Q 94 35.21 -38.69 33.04
N GLU Q 95 36.37 -38.60 33.68
CA GLU Q 95 36.47 -37.93 34.97
C GLU Q 95 36.13 -36.46 34.82
N SER Q 96 36.42 -35.92 33.63
CA SER Q 96 36.27 -34.49 33.39
C SER Q 96 34.83 -34.03 33.46
N LEU Q 97 33.89 -34.91 33.13
CA LEU Q 97 32.49 -34.50 33.18
C LEU Q 97 31.68 -35.23 34.25
N SER Q 98 31.44 -34.55 35.38
CA SER Q 98 30.51 -35.05 36.39
C SER Q 98 29.63 -33.94 36.94
N LYS Q 99 30.25 -33.06 37.72
CA LYS Q 99 29.54 -32.04 38.50
C LYS Q 99 30.49 -30.94 38.99
N PRO R 1 39.06 25.16 2.36
CA PRO R 1 39.88 24.34 1.47
C PRO R 1 41.39 24.54 1.69
N SER R 2 41.75 25.61 2.40
CA SER R 2 43.14 25.92 2.71
C SER R 2 44.01 25.99 1.45
N ARG R 3 43.72 26.98 0.60
CA ARG R 3 44.43 27.15 -0.66
C ARG R 3 45.60 28.13 -0.54
N LYS R 4 45.90 28.55 0.68
CA LYS R 4 46.96 29.54 0.90
C LYS R 4 48.32 28.90 0.67
N ALA R 5 48.70 27.99 1.56
CA ALA R 5 49.94 27.23 1.38
C ALA R 5 49.89 25.95 2.19
N LYS R 6 50.73 24.99 1.80
CA LYS R 6 50.93 23.78 2.58
C LYS R 6 52.26 23.89 3.29
N VAL R 7 52.32 23.44 4.54
CA VAL R 7 53.53 23.60 5.35
C VAL R 7 54.69 22.78 4.80
N LYS R 8 54.38 21.66 4.16
CA LYS R 8 55.42 20.82 3.58
C LYS R 8 56.04 21.48 2.35
N ALA R 9 55.18 22.03 1.49
CA ALA R 9 55.65 22.66 0.26
C ALA R 9 56.39 23.96 0.55
N THR R 10 56.12 24.55 1.71
CA THR R 10 56.75 25.80 2.10
C THR R 10 58.07 25.53 2.80
N LEU R 11 58.45 24.26 2.85
CA LEU R 11 59.65 23.87 3.57
C LEU R 11 60.58 23.03 2.70
N GLY R 12 61.82 22.90 3.14
CA GLY R 12 62.83 22.13 2.42
C GLY R 12 63.04 20.73 2.96
N GLU R 13 64.28 20.25 2.87
CA GLU R 13 64.67 18.96 3.41
C GLU R 13 64.80 19.04 4.93
N PHE R 14 64.10 18.16 5.65
CA PHE R 14 64.17 18.16 7.11
C PHE R 14 63.81 16.81 7.72
N ASP R 15 64.19 16.63 8.98
CA ASP R 15 63.94 15.37 9.69
C ASP R 15 62.71 15.47 10.58
N LEU R 16 61.73 14.63 10.31
CA LEU R 16 60.47 14.65 11.05
C LEU R 16 60.63 14.12 12.46
N ARG R 17 61.64 13.30 12.69
CA ARG R 17 61.76 12.64 13.98
C ARG R 17 62.63 13.43 14.97
N ASP R 18 63.06 14.61 14.56
CA ASP R 18 63.92 15.44 15.42
C ASP R 18 63.07 16.38 16.25
N TYR R 19 63.03 16.11 17.55
CA TYR R 19 62.15 16.83 18.46
C TYR R 19 62.78 18.09 18.99
N ARG R 20 64.08 18.23 18.77
CA ARG R 20 64.83 19.37 19.31
C ARG R 20 64.87 20.55 18.34
N ASN R 21 64.38 20.35 17.12
CA ASN R 21 64.45 21.41 16.13
C ASN R 21 63.16 22.21 16.15
N VAL R 22 63.22 23.41 16.71
CA VAL R 22 62.03 24.21 16.91
C VAL R 22 61.63 25.01 15.68
N GLU R 23 62.62 25.61 15.02
CA GLU R 23 62.34 26.56 13.95
C GLU R 23 61.60 25.93 12.77
N VAL R 24 61.56 24.60 12.74
CA VAL R 24 60.77 23.88 11.75
C VAL R 24 59.43 23.46 12.37
N LEU R 25 59.48 22.67 13.45
CA LEU R 25 58.28 22.18 14.12
C LEU R 25 57.25 23.27 14.40
N LYS R 26 57.74 24.44 14.79
CA LYS R 26 56.89 25.59 15.07
C LYS R 26 55.97 25.91 13.89
N ARG R 27 56.46 25.67 12.68
CA ARG R 27 55.69 25.93 11.47
C ARG R 27 54.51 24.98 11.34
N PHE R 28 54.52 23.91 12.12
CA PHE R 28 53.44 22.91 12.10
C PHE R 28 52.41 23.15 13.19
N LEU R 29 52.63 24.17 14.00
CA LEU R 29 51.67 24.55 15.03
C LEU R 29 50.87 25.77 14.58
N SER R 30 49.62 25.84 15.01
CA SER R 30 48.73 26.90 14.58
C SER R 30 49.02 28.21 15.28
N GLU R 31 48.12 29.17 15.09
CA GLU R 31 48.18 30.44 15.82
C GLU R 31 48.11 30.13 17.31
N THR R 32 47.30 29.13 17.64
CA THR R 32 47.27 28.55 18.98
C THR R 32 48.28 27.42 19.03
N GLY R 33 48.45 26.79 20.18
CA GLY R 33 49.47 25.75 20.32
C GLY R 33 49.15 24.44 19.64
N LYS R 34 48.02 24.39 18.95
CA LYS R 34 47.50 23.14 18.40
C LYS R 34 48.28 22.64 17.19
N ILE R 35 48.40 21.32 17.09
CA ILE R 35 49.03 20.69 15.93
C ILE R 35 48.09 20.82 14.75
N LEU R 36 48.62 21.18 13.60
CA LEU R 36 47.80 21.45 12.43
C LEU R 36 47.28 20.17 11.80
N PRO R 37 46.12 20.25 11.12
CA PRO R 37 45.52 19.14 10.38
C PRO R 37 46.30 18.80 9.11
N ARG R 38 46.01 17.63 8.53
CA ARG R 38 46.65 17.22 7.28
C ARG R 38 46.36 18.19 6.15
N ARG R 39 45.23 18.88 6.22
CA ARG R 39 44.90 19.90 5.22
C ARG R 39 45.98 20.97 5.20
N ARG R 40 46.37 21.43 6.37
CA ARG R 40 47.34 22.50 6.49
C ARG R 40 48.79 22.03 6.32
N THR R 41 49.12 20.89 6.90
CA THR R 41 50.51 20.42 6.89
C THR R 41 50.92 19.82 5.55
N GLY R 42 49.94 19.30 4.81
CA GLY R 42 50.22 18.69 3.52
C GLY R 42 51.05 17.43 3.61
N LEU R 43 51.22 16.92 4.82
CA LEU R 43 51.93 15.68 5.04
C LEU R 43 51.09 14.47 4.63
N SER R 44 51.62 13.28 4.89
CA SER R 44 50.88 12.05 4.65
C SER R 44 50.56 11.41 5.99
N ALA R 45 49.85 10.29 5.94
CA ALA R 45 49.40 9.64 7.16
C ALA R 45 50.58 9.31 8.08
N LYS R 46 51.54 8.56 7.54
CA LYS R 46 52.74 8.16 8.28
C LYS R 46 53.50 9.39 8.79
N GLU R 47 53.74 10.33 7.88
CA GLU R 47 54.45 11.55 8.21
C GLU R 47 53.78 12.30 9.35
N GLN R 48 52.50 12.58 9.20
CA GLN R 48 51.72 13.29 10.21
C GLN R 48 51.77 12.57 11.55
N ARG R 49 51.68 11.24 11.49
CA ARG R 49 51.69 10.42 12.69
C ARG R 49 53.01 10.51 13.44
N ILE R 50 54.11 10.69 12.71
CA ILE R 50 55.42 10.84 13.36
C ILE R 50 55.58 12.26 13.90
N LEU R 51 55.13 13.22 13.11
CA LEU R 51 55.11 14.62 13.49
C LEU R 51 54.43 14.82 14.83
N ALA R 52 53.29 14.18 15.00
CA ALA R 52 52.52 14.29 16.24
C ALA R 52 53.38 13.94 17.46
N LYS R 53 54.00 12.78 17.41
CA LYS R 53 54.76 12.30 18.56
C LYS R 53 55.98 13.16 18.81
N THR R 54 56.69 13.55 17.75
CA THR R 54 57.87 14.37 17.97
C THR R 54 57.49 15.74 18.53
N ILE R 55 56.39 16.30 18.05
CA ILE R 55 55.88 17.56 18.56
C ILE R 55 55.56 17.45 20.04
N LYS R 56 54.84 16.39 20.42
CA LYS R 56 54.50 16.21 21.83
C LYS R 56 55.77 16.11 22.68
N ARG R 57 56.77 15.40 22.17
CA ARG R 57 58.05 15.31 22.84
C ARG R 57 58.63 16.71 23.05
N ALA R 58 58.62 17.52 22.00
CA ALA R 58 59.16 18.87 22.08
C ALA R 58 58.41 19.68 23.12
N ARG R 59 57.11 19.46 23.22
CA ARG R 59 56.28 20.14 24.19
C ARG R 59 56.74 19.80 25.61
N ILE R 60 56.90 18.51 25.89
CA ILE R 60 57.29 18.09 27.24
C ILE R 60 58.66 18.66 27.61
N LEU R 61 59.54 18.76 26.61
CA LEU R 61 60.88 19.30 26.84
C LEU R 61 60.87 20.81 27.08
N GLY R 62 59.72 21.45 26.89
CA GLY R 62 59.59 22.86 27.12
C GLY R 62 59.89 23.72 25.90
N LEU R 63 60.14 23.07 24.77
CA LEU R 63 60.49 23.77 23.53
C LEU R 63 59.28 24.30 22.77
N LEU R 64 58.18 23.56 22.82
CA LEU R 64 56.95 23.96 22.13
C LEU R 64 55.80 24.11 23.11
N PRO R 65 54.85 25.00 22.80
CA PRO R 65 53.71 25.23 23.68
C PRO R 65 52.65 24.16 23.61
N PHE R 66 51.92 23.96 24.71
CA PHE R 66 50.73 23.14 24.69
C PHE R 66 49.56 23.96 24.17
N THR R 67 49.58 25.25 24.49
CA THR R 67 48.50 26.15 24.09
C THR R 67 48.99 27.59 24.04
N GLU R 68 48.28 28.42 23.30
CA GLU R 68 48.57 29.85 23.22
C GLU R 68 47.30 30.69 23.23
N LYS R 69 47.46 31.99 23.42
CA LYS R 69 46.32 32.91 23.45
C LYS R 69 46.03 33.40 22.04
N LEU R 70 44.74 33.56 21.71
CA LEU R 70 44.34 33.99 20.37
C LEU R 70 44.34 35.51 20.25
N VAL R 71 45.20 36.03 19.38
CA VAL R 71 45.32 37.45 19.13
C VAL R 71 44.15 37.94 18.27
N ARG R 72 43.96 39.27 18.22
CA ARG R 72 42.90 39.93 17.45
C ARG R 72 41.50 39.57 17.94
N LYS R 73 40.62 39.21 17.01
CA LYS R 73 39.19 38.93 17.28
C LYS R 73 38.40 40.17 17.70
N PRO S 1 -55.70 50.84 22.27
CA PRO S 1 -55.72 51.49 20.97
C PRO S 1 -56.32 50.60 19.88
N ARG S 2 -57.36 49.85 20.21
CA ARG S 2 -57.94 48.90 19.27
C ARG S 2 -58.84 49.58 18.24
N SER S 3 -59.33 48.80 17.29
CA SER S 3 -60.32 49.29 16.32
C SER S 3 -61.08 48.14 15.67
N LEU S 4 -62.28 48.41 15.18
CA LEU S 4 -62.92 47.51 14.24
C LEU S 4 -63.32 48.23 12.97
N LYS S 5 -64.45 48.93 13.03
CA LYS S 5 -64.97 49.80 11.97
C LYS S 5 -66.40 50.23 12.34
N LYS S 6 -67.02 51.04 11.49
CA LYS S 6 -68.46 51.22 11.54
C LYS S 6 -69.16 49.94 11.05
N GLY S 7 -70.37 49.68 11.52
CA GLY S 7 -70.98 48.38 11.30
C GLY S 7 -70.34 47.27 12.10
N VAL S 8 -70.35 47.44 13.43
CA VAL S 8 -69.76 46.50 14.39
C VAL S 8 -70.20 45.04 14.17
N PHE S 9 -69.26 44.11 14.30
CA PHE S 9 -69.55 42.70 14.03
C PHE S 9 -70.01 41.90 15.24
N VAL S 10 -71.14 41.20 15.07
CA VAL S 10 -71.58 40.18 16.00
C VAL S 10 -72.11 38.99 15.21
N ASP S 11 -71.62 37.79 15.52
CA ASP S 11 -72.10 36.59 14.84
C ASP S 11 -73.59 36.40 15.08
N ASP S 12 -74.32 36.05 14.04
CA ASP S 12 -75.78 35.98 14.12
C ASP S 12 -76.28 34.65 14.69
N HIS S 13 -75.36 33.76 15.05
CA HIS S 13 -75.74 32.51 15.69
C HIS S 13 -76.44 32.78 17.01
N LEU S 14 -75.73 33.45 17.91
CA LEU S 14 -76.29 33.76 19.22
C LEU S 14 -77.00 35.10 19.26
N LEU S 15 -76.82 35.91 18.23
CA LEU S 15 -77.41 37.25 18.22
C LEU S 15 -78.92 37.14 18.34
N GLU S 16 -79.50 36.23 17.57
CA GLU S 16 -80.94 35.99 17.61
C GLU S 16 -81.30 35.16 18.83
N LYS S 17 -80.36 34.34 19.29
CA LYS S 17 -80.58 33.47 20.44
C LYS S 17 -80.83 34.26 21.72
N VAL S 18 -79.97 35.23 21.99
CA VAL S 18 -80.03 36.00 23.22
C VAL S 18 -81.32 36.80 23.31
N LEU S 19 -81.73 37.40 22.19
CA LEU S 19 -82.95 38.19 22.17
C LEU S 19 -84.17 37.28 22.16
N GLU S 20 -83.98 36.05 21.66
CA GLU S 20 -85.01 35.03 21.75
C GLU S 20 -85.26 34.69 23.20
N LEU S 21 -84.19 34.66 23.99
CA LEU S 21 -84.32 34.48 25.42
C LEU S 21 -85.02 35.69 26.02
N ASN S 22 -84.48 36.88 25.74
CA ASN S 22 -85.01 38.14 26.26
C ASN S 22 -86.51 38.32 26.02
N ALA S 23 -86.99 37.80 24.90
CA ALA S 23 -88.41 37.84 24.59
C ALA S 23 -89.21 37.16 25.70
N LYS S 24 -88.92 35.89 25.95
CA LYS S 24 -89.63 35.13 26.98
C LYS S 24 -88.92 35.00 28.33
N GLY S 25 -87.69 35.51 28.47
CA GLY S 25 -87.01 35.36 29.75
C GLY S 25 -85.49 35.34 29.81
N GLU S 26 -84.98 34.67 30.84
CA GLU S 26 -83.55 34.54 31.10
C GLU S 26 -83.06 33.14 30.72
N LYS S 27 -83.72 32.12 31.28
CA LYS S 27 -83.34 30.72 31.21
C LYS S 27 -81.95 30.48 31.80
N ARG S 28 -81.17 29.60 31.18
CA ARG S 28 -79.90 29.19 31.77
C ARG S 28 -78.81 28.97 30.74
N LEU S 29 -77.67 29.60 31.02
CA LEU S 29 -76.46 29.49 30.21
C LEU S 29 -76.68 29.73 28.72
N ILE S 30 -75.89 29.01 27.93
CA ILE S 30 -75.86 29.06 26.48
C ILE S 30 -74.63 28.23 26.13
N LYS S 31 -74.51 27.79 24.88
CA LYS S 31 -73.24 27.22 24.45
C LYS S 31 -72.84 27.83 23.11
N THR S 32 -71.69 28.49 23.10
CA THR S 32 -71.26 29.24 21.93
C THR S 32 -69.85 28.88 21.51
N TRP S 33 -69.68 28.58 20.24
CA TRP S 33 -68.35 28.31 19.68
C TRP S 33 -67.77 29.56 19.03
N SER S 34 -68.54 30.64 19.01
CA SER S 34 -68.06 31.86 18.38
C SER S 34 -67.58 32.84 19.43
N ARG S 35 -66.27 32.97 19.53
CA ARG S 35 -65.65 33.89 20.47
C ARG S 35 -65.26 35.18 19.75
N ARG S 36 -65.49 35.19 18.45
CA ARG S 36 -65.13 36.33 17.63
C ARG S 36 -66.20 37.40 17.68
N SER S 37 -67.28 37.11 18.42
CA SER S 37 -68.44 37.99 18.50
C SER S 37 -68.31 39.04 19.58
N THR S 38 -68.62 40.28 19.22
CA THR S 38 -68.58 41.41 20.15
C THR S 38 -69.71 41.28 21.16
N ILE S 39 -69.57 41.94 22.30
CA ILE S 39 -70.60 41.94 23.33
C ILE S 39 -71.51 43.14 23.20
N VAL S 40 -72.82 42.89 23.20
CA VAL S 40 -73.83 43.94 23.05
C VAL S 40 -74.71 44.02 24.30
N PRO S 41 -75.28 45.21 24.58
CA PRO S 41 -76.05 45.45 25.81
C PRO S 41 -77.12 44.41 26.12
N GLU S 42 -77.73 43.82 25.11
CA GLU S 42 -78.82 42.87 25.32
C GLU S 42 -78.33 41.57 25.95
N MET S 43 -77.02 41.35 25.94
CA MET S 43 -76.43 40.15 26.51
C MET S 43 -76.23 40.25 28.01
N VAL S 44 -76.22 41.48 28.53
CA VAL S 44 -75.97 41.72 29.94
C VAL S 44 -76.95 40.97 30.83
N GLY S 45 -76.41 40.29 31.84
CA GLY S 45 -77.24 39.55 32.79
C GLY S 45 -77.30 38.07 32.45
N HIS S 46 -77.01 37.73 31.20
CA HIS S 46 -77.02 36.34 30.79
C HIS S 46 -75.73 35.64 31.18
N THR S 47 -75.61 34.39 30.79
CA THR S 47 -74.40 33.61 31.04
C THR S 47 -74.06 32.83 29.78
N ILE S 48 -72.83 32.95 29.32
CA ILE S 48 -72.44 32.33 28.06
C ILE S 48 -71.25 31.41 28.25
N ALA S 49 -71.42 30.14 27.88
CA ALA S 49 -70.32 29.20 27.91
C ALA S 49 -69.52 29.35 26.63
N VAL S 50 -68.25 29.73 26.77
CA VAL S 50 -67.41 30.00 25.61
C VAL S 50 -66.37 28.91 25.46
N TYR S 51 -66.17 28.46 24.22
CA TYR S 51 -65.21 27.39 23.96
C TYR S 51 -63.79 27.95 24.00
N ASN S 52 -62.96 27.38 24.86
CA ASN S 52 -61.57 27.81 24.98
C ASN S 52 -60.69 26.93 24.09
N GLY S 53 -61.33 26.07 23.30
CA GLY S 53 -60.63 25.12 22.46
C GLY S 53 -60.69 23.73 23.03
N LYS S 54 -60.98 23.66 24.33
CA LYS S 54 -61.09 22.39 25.04
C LYS S 54 -62.48 22.25 25.66
N GLN S 55 -62.81 23.15 26.58
CA GLN S 55 -64.10 23.10 27.25
C GLN S 55 -64.91 24.38 27.09
N HIS S 56 -66.09 24.39 27.68
CA HIS S 56 -66.96 25.58 27.66
C HIS S 56 -66.91 26.24 29.03
N VAL S 57 -66.57 27.53 29.03
CA VAL S 57 -66.42 28.26 30.28
C VAL S 57 -67.59 29.20 30.52
N PRO S 58 -68.22 29.06 31.70
CA PRO S 58 -69.41 29.83 32.08
C PRO S 58 -69.10 31.29 32.40
N VAL S 59 -69.02 32.11 31.36
CA VAL S 59 -68.74 33.52 31.52
C VAL S 59 -70.01 34.31 31.84
N TYR S 60 -70.06 34.90 33.03
CA TYR S 60 -71.16 35.77 33.40
C TYR S 60 -70.82 37.17 32.92
N ILE S 61 -71.79 37.87 32.34
CA ILE S 61 -71.50 39.14 31.72
C ILE S 61 -72.17 40.31 32.45
N THR S 62 -71.41 41.38 32.64
CA THR S 62 -71.87 42.56 33.36
C THR S 62 -71.88 43.79 32.47
N GLU S 63 -72.31 44.92 33.05
CA GLU S 63 -72.47 46.17 32.32
C GLU S 63 -71.14 46.71 31.79
N ASN S 64 -70.08 46.51 32.55
CA ASN S 64 -68.77 47.06 32.21
C ASN S 64 -67.99 46.16 31.26
N MET S 65 -68.61 45.06 30.85
CA MET S 65 -67.96 44.11 29.95
C MET S 65 -68.32 44.35 28.49
N VAL S 66 -69.18 45.33 28.24
CA VAL S 66 -69.70 45.58 26.91
C VAL S 66 -68.61 46.08 25.95
N GLY S 67 -68.59 45.51 24.76
CA GLY S 67 -67.65 45.92 23.72
C GLY S 67 -66.46 44.99 23.51
N HIS S 68 -66.14 44.22 24.54
CA HIS S 68 -65.10 43.21 24.42
C HIS S 68 -65.64 41.95 23.75
N LYS S 69 -64.77 41.19 23.11
CA LYS S 69 -65.15 39.88 22.57
C LYS S 69 -65.26 38.83 23.68
N LEU S 70 -66.06 37.80 23.45
CA LEU S 70 -66.24 36.74 24.44
C LEU S 70 -64.93 36.03 24.74
N GLY S 71 -64.12 35.84 23.71
CA GLY S 71 -62.87 35.12 23.83
C GLY S 71 -61.86 35.73 24.80
N GLU S 72 -62.00 37.03 25.05
CA GLU S 72 -61.13 37.71 26.00
C GLU S 72 -61.36 37.18 27.40
N PHE S 73 -62.57 36.66 27.64
CA PHE S 73 -62.94 36.16 28.94
C PHE S 73 -62.79 34.64 29.02
N ALA S 74 -62.30 34.05 27.94
CA ALA S 74 -62.04 32.62 27.91
C ALA S 74 -60.62 32.33 27.42
N PRO S 75 -59.63 32.45 28.32
CA PRO S 75 -58.22 32.24 27.99
C PRO S 75 -57.93 30.80 27.51
N THR S 76 -57.25 30.70 26.38
CA THR S 76 -57.03 29.43 25.71
C THR S 76 -55.88 28.60 26.27
N ARG S 77 -54.87 29.27 26.82
CA ARG S 77 -53.66 28.57 27.27
C ARG S 77 -53.63 28.35 28.77
N THR S 78 -53.03 27.24 29.18
CA THR S 78 -52.85 26.93 30.59
C THR S 78 -51.40 27.15 31.00
N TYR S 79 -51.16 28.09 31.92
CA TYR S 79 -49.79 28.37 32.35
C TYR S 79 -49.60 28.27 33.86
N ARG S 80 -48.62 27.46 34.25
CA ARG S 80 -48.17 27.30 35.63
C ARG S 80 -49.32 27.17 36.63
N GLY S 81 -50.10 26.10 36.52
N ARG T 1 -14.63 -83.46 46.39
CA ARG T 1 -15.27 -82.81 45.25
C ARG T 1 -14.35 -82.85 44.02
N ASN T 2 -13.26 -83.60 44.10
CA ASN T 2 -12.20 -83.46 43.12
C ASN T 2 -11.70 -84.74 42.47
N LEU T 3 -10.65 -84.56 41.67
CA LEU T 3 -10.09 -85.58 40.78
C LEU T 3 -9.34 -86.65 41.55
N SER T 4 -9.30 -87.86 41.01
CA SER T 4 -8.65 -88.99 41.65
C SER T 4 -7.17 -89.08 41.28
N ALA T 5 -6.69 -88.07 40.56
CA ALA T 5 -5.25 -87.90 40.29
C ALA T 5 -4.48 -87.68 41.59
N LEU T 6 -5.21 -87.56 42.70
CA LEU T 6 -4.64 -87.66 44.03
C LEU T 6 -3.75 -88.89 44.14
N LYS T 7 -4.15 -89.95 43.45
CA LYS T 7 -3.36 -91.16 43.38
C LYS T 7 -1.91 -90.85 43.04
N ARG T 8 -1.71 -90.03 42.00
CA ARG T 8 -0.36 -89.64 41.61
C ARG T 8 0.40 -89.09 42.79
N HIS T 9 -0.20 -88.15 43.51
CA HIS T 9 0.43 -87.58 44.68
C HIS T 9 0.87 -88.68 45.62
N ARG T 10 -0.06 -89.57 45.95
CA ARG T 10 0.23 -90.71 46.80
C ARG T 10 1.48 -91.39 46.28
N GLN T 11 1.43 -91.84 45.04
CA GLN T 11 2.53 -92.58 44.46
C GLN T 11 3.82 -91.81 44.61
N SER T 12 3.74 -90.51 44.31
CA SER T 12 4.95 -89.69 44.30
C SER T 12 5.64 -89.84 45.66
N LEU T 13 4.87 -89.73 46.73
CA LEU T 13 5.43 -89.82 48.07
C LEU T 13 6.22 -91.10 48.23
N LYS T 14 5.63 -92.24 47.88
CA LYS T 14 6.33 -93.51 47.99
C LYS T 14 7.64 -93.41 47.23
N ARG T 15 7.54 -92.99 45.97
CA ARG T 15 8.71 -92.91 45.11
C ARG T 15 9.76 -91.99 45.72
N ARG T 16 9.31 -90.90 46.33
CA ARG T 16 10.23 -89.98 46.96
C ARG T 16 11.02 -90.75 48.00
N LEU T 17 10.30 -91.42 48.88
CA LEU T 17 10.91 -92.18 49.95
C LEU T 17 11.83 -93.27 49.39
N ARG T 18 11.53 -93.74 48.19
CA ARG T 18 12.31 -94.81 47.61
C ARG T 18 13.62 -94.26 47.06
N ASN T 19 13.58 -93.04 46.53
CA ASN T 19 14.75 -92.43 45.92
C ASN T 19 15.70 -91.97 47.00
N LYS T 20 15.18 -91.10 47.85
CA LYS T 20 15.88 -90.53 48.99
C LYS T 20 16.65 -91.60 49.74
N ALA T 21 16.06 -92.78 49.86
CA ALA T 21 16.74 -93.93 50.44
C ALA T 21 18.04 -94.25 49.69
N LYS T 22 17.90 -94.68 48.44
CA LYS T 22 19.06 -95.10 47.64
C LYS T 22 20.17 -94.07 47.67
N LYS T 23 19.83 -92.82 47.34
CA LYS T 23 20.81 -91.75 47.33
C LYS T 23 21.54 -91.69 48.66
N SER T 24 20.77 -91.69 49.74
CA SER T 24 21.36 -91.56 51.07
C SER T 24 22.41 -92.63 51.32
N ALA T 25 22.22 -93.81 50.73
CA ALA T 25 23.21 -94.87 50.89
C ALA T 25 24.46 -94.48 50.15
N ILE T 26 24.28 -94.17 48.86
CA ILE T 26 25.38 -93.85 47.96
C ILE T 26 26.32 -92.87 48.63
N LYS T 27 25.80 -91.68 48.90
CA LYS T 27 26.59 -90.61 49.50
C LYS T 27 27.37 -91.15 50.69
N THR T 28 26.66 -91.84 51.59
CA THR T 28 27.29 -92.36 52.79
C THR T 28 28.50 -93.20 52.43
N LEU T 29 28.26 -94.24 51.64
CA LEU T 29 29.32 -95.16 51.27
C LEU T 29 30.45 -94.37 50.64
N SER T 30 30.10 -93.44 49.75
CA SER T 30 31.10 -92.67 49.03
C SER T 30 32.03 -92.02 50.02
N LYS T 31 31.44 -91.28 50.97
CA LYS T 31 32.25 -90.58 51.96
C LYS T 31 33.19 -91.58 52.58
N LYS T 32 32.62 -92.68 53.06
CA LYS T 32 33.35 -93.72 53.77
C LYS T 32 34.57 -94.12 52.98
N ALA T 33 34.38 -94.40 51.69
CA ALA T 33 35.47 -94.86 50.84
C ALA T 33 36.58 -93.83 50.89
N ILE T 34 36.21 -92.60 50.56
CA ILE T 34 37.13 -91.49 50.54
C ILE T 34 37.90 -91.40 51.85
N GLN T 35 37.19 -91.56 52.97
CA GLN T 35 37.82 -91.46 54.28
C GLN T 35 38.96 -92.44 54.38
N LEU T 36 38.67 -93.70 54.06
CA LEU T 36 39.67 -94.74 54.20
C LEU T 36 40.80 -94.51 53.22
N ALA T 37 40.49 -93.86 52.12
CA ALA T 37 41.50 -93.56 51.12
C ALA T 37 42.44 -92.49 51.66
N GLN T 38 41.88 -91.54 52.38
CA GLN T 38 42.68 -90.43 52.88
C GLN T 38 43.64 -90.91 53.95
N GLU T 39 43.25 -91.97 54.65
CA GLU T 39 44.04 -92.50 55.75
C GLU T 39 44.96 -93.62 55.31
N GLY T 40 44.98 -93.87 54.00
CA GLY T 40 45.95 -94.78 53.43
C GLY T 40 45.59 -96.26 53.47
N LYS T 41 44.42 -96.58 54.00
CA LYS T 41 43.96 -97.97 53.98
C LYS T 41 43.46 -98.24 52.58
N ALA T 42 44.10 -99.18 51.89
CA ALA T 42 43.88 -99.34 50.46
C ALA T 42 42.83 -100.40 50.16
N GLU T 43 43.12 -101.63 50.55
CA GLU T 43 42.23 -102.76 50.29
C GLU T 43 40.82 -102.46 50.77
N GLU T 44 40.71 -101.96 51.98
CA GLU T 44 39.43 -101.59 52.55
C GLU T 44 38.72 -100.55 51.68
N ALA T 45 39.40 -99.45 51.44
CA ALA T 45 38.82 -98.31 50.72
C ALA T 45 38.33 -98.69 49.33
N LEU T 46 39.15 -99.42 48.58
CA LEU T 46 38.70 -99.88 47.28
C LEU T 46 37.50 -100.79 47.46
N LYS T 47 37.63 -101.76 48.37
CA LYS T 47 36.58 -102.74 48.60
C LYS T 47 35.23 -102.07 48.82
N ILE T 48 35.25 -100.90 49.45
CA ILE T 48 34.02 -100.13 49.62
C ILE T 48 33.67 -99.34 48.36
N MET T 49 34.67 -98.85 47.65
CA MET T 49 34.44 -98.08 46.44
C MET T 49 33.67 -98.91 45.41
N ARG T 50 33.97 -100.21 45.34
CA ARG T 50 33.24 -101.09 44.43
C ARG T 50 31.75 -101.17 44.78
N LYS T 51 31.46 -101.26 46.08
CA LYS T 51 30.09 -101.32 46.54
C LYS T 51 29.38 -100.02 46.20
N ALA T 52 30.08 -98.91 46.39
CA ALA T 52 29.50 -97.61 46.11
C ALA T 52 29.19 -97.47 44.62
N GLU T 53 30.14 -97.87 43.79
CA GLU T 53 29.94 -97.91 42.35
C GLU T 53 28.69 -98.69 42.01
N SER T 54 28.59 -99.88 42.60
CA SER T 54 27.44 -100.76 42.38
C SER T 54 26.13 -100.09 42.74
N LEU T 55 26.06 -99.50 43.93
CA LEU T 55 24.88 -98.79 44.36
C LEU T 55 24.53 -97.66 43.41
N ILE T 56 25.54 -97.01 42.88
CA ILE T 56 25.33 -95.94 41.91
C ILE T 56 24.66 -96.46 40.66
N ASP T 57 25.28 -97.41 39.99
CA ASP T 57 24.73 -97.93 38.74
C ASP T 57 23.34 -98.51 38.95
N LYS T 58 23.18 -99.23 40.06
CA LYS T 58 21.90 -99.81 40.40
C LYS T 58 20.85 -98.72 40.57
N ALA T 59 21.25 -97.60 41.16
CA ALA T 59 20.36 -96.47 41.28
C ALA T 59 20.00 -95.97 39.90
N ALA T 60 20.96 -96.02 38.99
CA ALA T 60 20.77 -95.53 37.62
C ALA T 60 19.82 -96.41 36.82
N LYS T 61 19.63 -97.64 37.27
CA LYS T 61 18.66 -98.54 36.63
C LYS T 61 17.28 -97.89 36.55
N GLY T 62 16.81 -97.39 37.67
CA GLY T 62 15.50 -96.74 37.73
C GLY T 62 15.53 -95.26 37.43
N SER T 63 14.58 -94.53 38.03
CA SER T 63 14.45 -93.10 37.79
C SER T 63 15.20 -92.25 38.82
N THR T 64 15.98 -92.88 39.68
CA THR T 64 16.59 -92.17 40.80
C THR T 64 17.68 -91.22 40.34
N LEU T 65 18.76 -91.78 39.83
CA LEU T 65 19.86 -90.99 39.26
C LEU T 65 19.74 -90.99 37.76
N HIS T 66 19.79 -92.21 37.24
CA HIS T 66 19.84 -92.47 35.82
C HIS T 66 20.96 -91.69 35.16
N LYS T 67 20.72 -91.34 33.91
CA LYS T 67 21.54 -90.44 33.15
C LYS T 67 23.04 -90.70 33.25
N ASN T 68 23.74 -89.57 33.22
CA ASN T 68 25.17 -89.50 33.33
C ASN T 68 25.52 -89.11 34.75
N ALA T 69 24.48 -88.92 35.56
CA ALA T 69 24.67 -88.58 36.96
C ALA T 69 25.39 -89.73 37.65
N ALA T 70 25.05 -90.93 37.21
CA ALA T 70 25.77 -92.11 37.63
C ALA T 70 27.22 -91.97 37.22
N ALA T 71 27.44 -91.70 35.93
CA ALA T 71 28.78 -91.53 35.38
C ALA T 71 29.57 -90.48 36.15
N ARG T 72 28.95 -89.33 36.37
CA ARG T 72 29.59 -88.25 37.11
C ARG T 72 30.02 -88.70 38.50
N ARG T 73 29.09 -89.25 39.27
CA ARG T 73 29.38 -89.65 40.64
C ARG T 73 30.47 -90.71 40.71
N LYS T 74 30.41 -91.70 39.83
CA LYS T 74 31.45 -92.69 39.74
C LYS T 74 32.80 -92.03 39.45
N SER T 75 32.81 -91.17 38.44
CA SER T 75 34.02 -90.48 38.04
C SER T 75 34.67 -89.77 39.22
N ARG T 76 33.95 -88.82 39.80
CA ARG T 76 34.47 -88.06 40.94
C ARG T 76 34.94 -88.99 42.07
N LEU T 77 34.18 -90.05 42.33
CA LEU T 77 34.55 -91.00 43.36
C LEU T 77 35.92 -91.63 43.10
N MET T 78 36.05 -92.28 41.94
CA MET T 78 37.25 -93.03 41.62
C MET T 78 38.47 -92.10 41.51
N ARG T 79 38.23 -90.89 41.03
CA ARG T 79 39.29 -89.89 41.00
C ARG T 79 39.77 -89.60 42.41
N LYS T 80 38.85 -89.16 43.28
CA LYS T 80 39.24 -88.79 44.64
C LYS T 80 39.95 -89.93 45.35
N VAL T 81 39.48 -91.15 45.14
CA VAL T 81 40.09 -92.30 45.80
C VAL T 81 41.49 -92.56 45.27
N ARG T 82 41.67 -92.60 43.96
CA ARG T 82 42.98 -92.91 43.42
C ARG T 82 44.00 -91.84 43.82
N GLN T 83 43.56 -90.58 43.88
CA GLN T 83 44.45 -89.50 44.30
C GLN T 83 44.85 -89.65 45.76
N LEU T 84 43.83 -89.75 46.62
CA LEU T 84 44.06 -89.84 48.06
C LEU T 84 44.91 -91.04 48.41
N LEU T 85 44.79 -92.10 47.63
CA LEU T 85 45.63 -93.26 47.81
C LEU T 85 47.02 -93.01 47.26
N GLU T 86 47.13 -92.17 46.24
CA GLU T 86 48.43 -91.84 45.67
C GLU T 86 49.23 -90.91 46.57
N ALA T 87 48.57 -90.31 47.55
CA ALA T 87 49.30 -89.58 48.59
C ALA T 87 49.97 -90.55 49.59
N ALA T 88 49.66 -91.84 49.46
CA ALA T 88 50.20 -92.88 50.32
C ALA T 88 50.78 -94.04 49.50
N GLY T 89 49.94 -94.68 48.70
CA GLY T 89 50.37 -95.73 47.77
C GLY T 89 49.95 -97.17 48.04
N ALA T 90 50.42 -98.07 47.16
CA ALA T 90 50.14 -99.50 47.22
C ALA T 90 48.65 -99.87 47.19
N PRO T 91 48.01 -99.76 46.01
CA PRO T 91 46.60 -100.08 45.81
C PRO T 91 46.32 -101.59 45.82
N LEU T 92 46.18 -102.15 47.02
CA LEU T 92 46.16 -103.58 47.25
C LEU T 92 45.13 -104.39 46.48
N ILE T 93 43.86 -104.26 46.84
CA ILE T 93 42.84 -105.25 46.49
C ILE T 93 42.60 -105.38 44.98
N GLY T 94 43.11 -104.43 44.20
CA GLY T 94 42.85 -104.45 42.77
C GLY T 94 41.37 -104.27 42.55
N GLY T 95 40.84 -103.19 43.09
CA GLY T 95 39.42 -102.93 43.06
C GLY T 95 39.03 -102.27 41.75
N GLY T 96 38.04 -101.39 41.82
CA GLY T 96 37.57 -100.66 40.66
C GLY T 96 38.65 -100.04 39.78
N LEU T 97 39.72 -99.56 40.41
CA LEU T 97 40.79 -98.90 39.68
C LEU T 97 41.50 -99.83 38.71
N SER T 98 41.72 -99.32 37.50
CA SER T 98 42.44 -100.08 36.48
C SER T 98 43.95 -100.02 36.71
N ALA T 99 44.62 -101.11 36.36
CA ALA T 99 46.06 -101.28 36.62
C ALA T 99 46.90 -100.09 36.17
N GLY U 1 -34.85 58.43 15.81
CA GLY U 1 -34.21 57.87 14.64
C GLY U 1 -35.17 57.12 13.75
N LYS U 2 -34.66 56.15 12.99
CA LYS U 2 -35.47 55.41 12.03
C LYS U 2 -36.55 54.59 12.72
N GLY U 3 -36.53 54.56 14.04
CA GLY U 3 -37.53 53.82 14.78
C GLY U 3 -38.63 54.68 15.38
N ASP U 4 -38.57 55.98 15.13
CA ASP U 4 -39.59 56.87 15.68
C ASP U 4 -40.73 57.07 14.68
N ARG U 5 -41.89 56.52 15.05
CA ARG U 5 -43.08 56.61 14.24
C ARG U 5 -43.45 58.05 13.88
N ARG U 6 -43.09 58.98 14.78
CA ARG U 6 -43.52 60.37 14.66
C ARG U 6 -42.53 61.26 13.92
N THR U 7 -41.52 60.66 13.31
CA THR U 7 -40.51 61.43 12.59
C THR U 7 -40.57 61.17 11.10
N ARG U 8 -40.06 62.11 10.31
CA ARG U 8 -39.94 61.93 8.87
C ARG U 8 -39.22 60.63 8.55
N ARG U 9 -38.01 60.48 9.09
CA ARG U 9 -37.20 59.30 8.81
C ARG U 9 -37.90 58.04 9.28
N GLY U 10 -38.65 58.16 10.36
CA GLY U 10 -39.43 57.05 10.86
C GLY U 10 -40.44 56.57 9.85
N LYS U 11 -41.09 57.52 9.19
CA LYS U 11 -42.05 57.21 8.15
C LYS U 11 -41.33 56.58 6.97
N ILE U 12 -40.27 57.22 6.51
CA ILE U 12 -39.53 56.73 5.34
C ILE U 12 -39.07 55.30 5.55
N TRP U 13 -38.48 55.03 6.70
CA TRP U 13 -38.03 53.69 7.03
C TRP U 13 -39.22 52.75 7.06
N ARG U 14 -40.25 53.10 7.83
CA ARG U 14 -41.45 52.27 7.92
C ARG U 14 -42.19 52.25 6.59
N GLY U 15 -41.85 53.17 5.69
CA GLY U 15 -42.39 53.16 4.35
C GLY U 15 -43.79 53.74 4.19
N THR U 16 -44.29 54.38 5.23
CA THR U 16 -45.64 54.93 5.19
C THR U 16 -45.65 56.45 5.05
N TYR U 17 -46.86 57.00 4.98
CA TYR U 17 -47.06 58.45 4.98
C TYR U 17 -47.92 58.87 6.16
N GLY U 18 -48.11 60.16 6.32
CA GLY U 18 -48.91 60.66 7.43
C GLY U 18 -48.66 62.11 7.78
N LYS U 19 -49.08 62.49 8.98
CA LYS U 19 -48.98 63.86 9.45
C LYS U 19 -47.55 64.37 9.46
N TYR U 20 -46.62 63.48 9.81
CA TYR U 20 -45.23 63.87 9.91
C TYR U 20 -44.45 63.64 8.62
N ARG U 21 -45.07 62.98 7.64
CA ARG U 21 -44.49 62.87 6.31
C ARG U 21 -45.58 63.00 5.25
N PRO U 22 -45.93 64.24 4.90
CA PRO U 22 -47.01 64.52 3.96
C PRO U 22 -46.79 63.94 2.56
N ARG U 23 -47.88 63.84 1.80
CA ARG U 23 -47.85 63.49 0.38
C ARG U 23 -47.83 64.73 -0.50
N LYS U 24 -47.66 65.89 0.13
CA LYS U 24 -47.80 67.21 -0.50
C LYS U 24 -49.24 67.41 -0.97
N LYS U 25 -49.41 67.87 -2.20
#